data_4G56
#
_entry.id   4G56
#
_cell.length_a   181.856
_cell.length_b   101.935
_cell.length_c   125.679
_cell.angle_alpha   90.000
_cell.angle_beta   90.000
_cell.angle_gamma   90.000
#
_symmetry.space_group_name_H-M   'P 21 21 2'
#
loop_
_entity.id
_entity.type
_entity.pdbx_description
1 polymer 'Hsl7 protein'
2 polymer 'MGC81050 protein'
3 non-polymer S-ADENOSYL-L-HOMOCYSTEINE
4 water water
#
loop_
_entity_poly.entity_id
_entity_poly.type
_entity_poly.pdbx_seq_one_letter_code
_entity_poly.pdbx_strand_id
1 'polypeptide(L)'
;(MSE)HHHHHHSSGVDLGTENLYFQSNGSAAGDGGRVSSGRDVACVTEVADTLGA(MSE)ANQGFDFLC(MSE)PIFHPR
FKREFYKEPAKSRPGPQTRSDLLLSGRDWNTLIVGKLSDWIKTDSEVSRIRKTSEAA(MSE)QQELNFSAYLGLPAFLIP
LKQEDNSNLSRLLINHIHVGHHST(MSE)FW(MSE)RVPL(MSE)APNDLRDDLIENEPISLSEEDNSGEERTWIWWHNF
RSLCDYNKKIALAIEIGADLPSGHVIDRWLGEPIKAAFLPTSIFLTNKKGFPVLTKVHQRLIFKLFKLEVQFVISGSHHH
SEKDLCSYLQYLEYLSQNSPPPNAYE(MSE)FAKGYEDYLQSPLQPL(MSE)DNLESQTYEVFEKDPVKYSQYQQAVYKC
LLDRVPEEEKETNIQIL(MSE)VLGAGRGPLVNASLRAAKQAERKIKVYAVEKNPNAVITLEGWRYEEWGSQVTVVSGD
(MSE)REWKAPEKADIIVSELLGSFGDNELSPECLDGAQHFLKDDGVSIPGEYTSYLAPISSSKLYNEVRACREKDRDPE
AQFE(MSE)PYVVRLHNFHQLSDPLPCFTFHHPNKDDVIDNNRYCCLQYRVDLNTVLHGFAGYFNTVLYKDVTLSICPES
HSPG(MSE)FSWFPILFPIKQPIP(MSE)REGDTVCVRFWRCNNGKKVWYEWAVTSPVCSAIHNPTGRSYTIGL
;
A,C
2 'polypeptide(L)'
;(MSE)HHHHHHSSGVDLGTENLYFQSNGSSKGSAWGRPVTAPAC(MSE)EVQIGAVRYRRDGALLLAASSLSSRTWGGSI
WVFKDPEGAPNESLCTAGVQTEAGVTDVAWVSEKGILVASDSGAVELWEILEKESLLVNKFAKYEHDDIVKTLSVFSDGT
QAVSGGKDFSVKVWDLSQKAVLKSYNAHSSEVNCVAACPGKDTIFLSCGEDGRILLWDTRKPKPATRIDFCASDTIPTSV
TWHPEKDDTFACGDETGNVSLVNIKNPDSAQTSAVHSQNITGLAYSYHSSPFLASISEDCTVAVLDADFSEVFRDLSHRD
FVTGVAWSPLDHSKFTTVGWDHKVLHHHLPSEGRTENLIATKAED
;
B,D
#
# COMPACT_ATOMS: atom_id res chain seq x y z
N ARG A 32 17.21 -24.28 32.62
CA ARG A 32 17.23 -23.01 33.33
C ARG A 32 16.17 -22.04 32.82
N VAL A 33 15.38 -21.50 33.73
CA VAL A 33 14.33 -20.55 33.37
C VAL A 33 14.57 -19.19 34.02
N SER A 34 15.01 -18.24 33.22
CA SER A 34 15.27 -16.88 33.71
C SER A 34 13.96 -16.16 34.02
N SER A 35 13.87 -15.58 35.22
CA SER A 35 12.66 -14.90 35.63
C SER A 35 12.94 -13.65 36.45
N GLY A 36 11.97 -12.75 36.50
CA GLY A 36 12.11 -11.50 37.24
C GLY A 36 10.93 -11.20 38.14
N ARG A 37 11.09 -10.19 39.00
CA ARG A 37 10.06 -9.82 39.95
C ARG A 37 9.53 -8.41 39.69
N ASP A 38 8.22 -8.29 39.50
CA ASP A 38 7.60 -7.00 39.32
C ASP A 38 7.11 -6.43 40.65
N VAL A 39 7.75 -5.35 41.09
CA VAL A 39 7.37 -4.71 42.34
C VAL A 39 6.60 -3.42 42.07
N ALA A 40 5.68 -3.09 42.97
CA ALA A 40 4.90 -1.87 42.85
C ALA A 40 5.73 -0.67 43.29
N CYS A 41 6.52 -0.87 44.33
CA CYS A 41 7.38 0.19 44.85
C CYS A 41 8.53 -0.43 45.65
N VAL A 42 9.61 0.32 45.80
CA VAL A 42 10.77 -0.16 46.54
C VAL A 42 11.25 0.87 47.56
N THR A 43 11.28 0.46 48.83
CA THR A 43 11.79 1.32 49.89
C THR A 43 13.31 1.33 49.85
N GLU A 44 13.92 0.21 50.23
CA GLU A 44 15.36 0.04 50.13
C GLU A 44 15.71 -0.85 48.94
N VAL A 45 16.46 -0.31 47.99
CA VAL A 45 16.80 -1.03 46.77
C VAL A 45 17.74 -2.20 47.02
N ALA A 46 18.77 -1.96 47.82
CA ALA A 46 19.76 -2.99 48.14
C ALA A 46 19.14 -4.17 48.86
N ASP A 47 18.14 -3.90 49.69
CA ASP A 47 17.45 -4.95 50.43
C ASP A 47 16.56 -5.78 49.50
N THR A 48 15.80 -5.09 48.65
CA THR A 48 14.86 -5.74 47.74
C THR A 48 15.58 -6.63 46.73
N LEU A 49 16.76 -6.19 46.30
CA LEU A 49 17.56 -6.98 45.36
C LEU A 49 17.98 -8.32 45.97
N GLY A 50 18.64 -8.25 47.12
CA GLY A 50 19.09 -9.46 47.81
C GLY A 50 17.94 -10.34 48.24
N ALA A 51 16.79 -9.72 48.52
CA ALA A 51 15.60 -10.46 48.91
C ALA A 51 15.08 -11.30 47.75
N ALA A 53 16.73 -11.98 45.06
CA ALA A 53 17.82 -12.80 44.55
C ALA A 53 17.81 -14.18 45.21
N ASN A 54 17.49 -14.21 46.50
CA ASN A 54 17.40 -15.46 47.23
C ASN A 54 16.07 -16.17 47.01
N GLN A 55 15.15 -15.50 46.32
CA GLN A 55 13.89 -16.11 45.94
C GLN A 55 14.05 -16.93 44.67
N GLY A 56 15.08 -16.60 43.89
CA GLY A 56 15.38 -17.31 42.66
C GLY A 56 15.28 -16.44 41.42
N PHE A 57 15.03 -15.16 41.61
CA PHE A 57 14.90 -14.23 40.49
C PHE A 57 16.27 -13.83 39.92
N ASP A 58 16.26 -13.36 38.68
CA ASP A 58 17.50 -12.95 38.01
C ASP A 58 17.54 -11.45 37.78
N PHE A 59 16.38 -10.80 37.80
CA PHE A 59 16.31 -9.35 37.64
C PHE A 59 15.09 -8.77 38.34
N LEU A 60 15.06 -7.45 38.48
CA LEU A 60 14.00 -6.77 39.19
C LEU A 60 13.34 -5.69 38.35
N CYS A 61 12.03 -5.77 38.21
CA CYS A 61 11.26 -4.76 37.50
C CYS A 61 10.77 -3.69 38.48
N PRO A 63 10.38 0.75 39.37
CA PRO A 63 10.39 2.12 38.84
C PRO A 63 11.60 2.90 39.32
N ILE A 64 12.12 3.78 38.47
CA ILE A 64 13.27 4.60 38.82
C ILE A 64 12.81 5.93 39.42
N PHE A 65 11.53 6.21 39.27
CA PHE A 65 10.89 7.35 39.93
C PHE A 65 9.72 6.82 40.75
N HIS A 66 9.42 7.49 41.86
CA HIS A 66 8.32 7.05 42.70
C HIS A 66 6.99 7.19 41.97
N PRO A 67 6.21 6.10 41.93
CA PRO A 67 4.95 6.02 41.16
C PRO A 67 3.89 7.03 41.62
N ARG A 68 4.07 7.61 42.80
CA ARG A 68 3.13 8.61 43.29
C ARG A 68 3.72 10.01 43.21
N PHE A 69 5.01 10.11 42.92
CA PHE A 69 5.70 11.39 42.87
C PHE A 69 5.35 12.19 41.62
N LYS A 70 4.07 12.53 41.48
CA LYS A 70 3.62 13.35 40.36
C LYS A 70 4.21 14.75 40.49
N ARG A 71 4.73 15.28 39.38
CA ARG A 71 5.45 16.54 39.42
C ARG A 71 5.00 17.57 38.39
N GLU A 72 5.19 18.84 38.73
CA GLU A 72 4.82 19.95 37.86
C GLU A 72 6.06 20.46 37.12
N PHE A 73 5.85 21.00 35.91
CA PHE A 73 6.96 21.50 35.10
C PHE A 73 6.78 22.94 34.66
N TYR A 74 5.53 23.36 34.47
CA TYR A 74 5.26 24.65 33.82
C TYR A 74 4.56 25.68 34.70
N LYS A 75 4.36 25.37 35.98
CA LYS A 75 3.62 26.29 36.83
C LYS A 75 4.09 26.33 38.29
N GLU A 76 4.39 27.53 38.77
CA GLU A 76 4.75 27.76 40.16
C GLU A 76 3.53 27.60 41.05
N PRO A 77 3.73 27.31 42.35
CA PRO A 77 5.00 27.11 43.05
C PRO A 77 5.50 25.68 42.99
N ALA A 78 4.70 24.78 42.44
CA ALA A 78 5.05 23.37 42.37
C ALA A 78 6.21 23.13 41.40
N LYS A 79 6.40 24.05 40.48
CA LYS A 79 7.49 23.96 39.50
C LYS A 79 8.85 24.03 40.17
N SER A 80 8.96 24.89 41.18
CA SER A 80 10.23 25.08 41.89
C SER A 80 10.36 24.12 43.07
N ARG A 81 10.18 22.83 42.81
CA ARG A 81 10.30 21.83 43.86
C ARG A 81 11.77 21.51 44.14
N PRO A 82 12.22 21.75 45.38
CA PRO A 82 13.59 21.50 45.78
C PRO A 82 13.83 20.00 46.01
N GLY A 83 15.08 19.63 46.25
CA GLY A 83 15.42 18.23 46.49
C GLY A 83 15.58 17.45 45.21
N PRO A 84 16.11 16.23 45.32
CA PRO A 84 16.31 15.34 44.16
C PRO A 84 14.98 14.94 43.53
N GLN A 85 14.98 14.69 42.22
CA GLN A 85 13.79 14.21 41.54
C GLN A 85 13.55 12.75 41.89
N THR A 86 14.65 12.02 42.09
CA THR A 86 14.59 10.62 42.47
C THR A 86 15.91 10.18 43.10
N ARG A 87 16.01 8.91 43.48
CA ARG A 87 17.22 8.39 44.10
C ARG A 87 18.41 8.41 43.15
N SER A 88 19.61 8.48 43.72
CA SER A 88 20.84 8.59 42.94
C SER A 88 21.18 7.32 42.18
N ASP A 89 22.17 7.41 41.31
CA ASP A 89 22.62 6.27 40.52
C ASP A 89 23.78 5.56 41.19
N LEU A 90 24.29 6.16 42.27
CA LEU A 90 25.45 5.63 42.98
C LEU A 90 25.06 4.52 43.96
N LEU A 91 23.76 4.23 44.04
CA LEU A 91 23.27 3.16 44.91
C LEU A 91 23.72 1.80 44.39
N LEU A 92 23.73 1.66 43.07
CA LEU A 92 24.17 0.42 42.44
C LEU A 92 25.35 0.69 41.51
N SER A 93 26.13 -0.35 41.25
CA SER A 93 27.23 -0.24 40.31
C SER A 93 26.68 -0.26 38.89
N GLY A 94 27.52 0.09 37.91
CA GLY A 94 27.13 0.06 36.52
C GLY A 94 26.74 -1.34 36.09
N ARG A 95 27.46 -2.33 36.62
CA ARG A 95 27.20 -3.73 36.33
C ARG A 95 25.79 -4.12 36.75
N ASP A 96 25.37 -3.68 37.92
CA ASP A 96 24.05 -4.00 38.46
C ASP A 96 22.94 -3.28 37.69
N TRP A 97 23.20 -2.05 37.27
CA TRP A 97 22.23 -1.29 36.51
C TRP A 97 22.02 -1.89 35.12
N ASN A 98 23.08 -2.43 34.54
CA ASN A 98 23.04 -2.95 33.18
C ASN A 98 22.44 -4.35 33.06
N THR A 99 22.43 -5.10 34.16
CA THR A 99 22.05 -6.51 34.10
C THR A 99 20.93 -6.92 35.05
N LEU A 100 20.72 -6.15 36.12
CA LEU A 100 19.78 -6.56 37.17
C LEU A 100 18.48 -5.76 37.20
N ILE A 101 18.47 -4.58 36.58
CA ILE A 101 17.33 -3.68 36.72
C ILE A 101 16.59 -3.39 35.42
N VAL A 102 15.27 -3.58 35.45
CA VAL A 102 14.41 -3.18 34.35
C VAL A 102 13.49 -2.05 34.83
N GLY A 103 13.68 -0.86 34.27
CA GLY A 103 12.95 0.31 34.70
C GLY A 103 11.47 0.28 34.37
N LYS A 104 10.68 0.95 35.21
CA LYS A 104 9.23 1.03 35.01
C LYS A 104 8.78 2.48 34.90
N LEU A 105 8.05 2.78 33.83
CA LEU A 105 7.52 4.12 33.63
C LEU A 105 6.37 4.39 34.60
N SER A 106 6.28 5.63 35.08
CA SER A 106 5.21 6.01 35.99
C SER A 106 3.85 5.93 35.31
N ASP A 107 2.85 5.50 36.06
CA ASP A 107 1.51 5.27 35.51
C ASP A 107 0.67 6.54 35.41
N TRP A 108 1.05 7.57 36.17
CA TRP A 108 0.33 8.83 36.14
C TRP A 108 0.64 9.62 34.88
N ILE A 109 1.71 9.22 34.18
CA ILE A 109 2.09 9.85 32.92
C ILE A 109 1.18 9.37 31.80
N LYS A 110 0.27 10.23 31.36
CA LYS A 110 -0.65 9.90 30.27
C LYS A 110 -0.48 10.89 29.11
N THR A 111 0.42 10.56 28.20
CA THR A 111 0.79 11.47 27.11
C THR A 111 -0.26 11.54 26.01
N ASP A 112 -1.36 10.79 26.17
CA ASP A 112 -2.43 10.81 25.18
C ASP A 112 -3.76 11.23 25.79
N SER A 113 -3.68 12.02 26.86
CA SER A 113 -4.88 12.56 27.49
C SER A 113 -5.49 13.65 26.60
N GLU A 114 -6.81 13.72 26.57
CA GLU A 114 -7.50 14.73 25.77
C GLU A 114 -7.47 16.10 26.44
N VAL A 115 -6.88 16.16 27.63
CA VAL A 115 -6.66 17.41 28.33
C VAL A 115 -5.26 17.94 28.03
N SER A 116 -5.18 19.15 27.50
CA SER A 116 -3.91 19.73 27.06
C SER A 116 -2.91 19.90 28.21
N ARG A 117 -3.41 20.27 29.38
CA ARG A 117 -2.56 20.48 30.54
C ARG A 117 -1.94 19.16 31.00
N ILE A 118 -2.73 18.09 30.95
CA ILE A 118 -2.26 16.78 31.35
C ILE A 118 -1.25 16.23 30.34
N ARG A 119 -1.56 16.39 29.06
CA ARG A 119 -0.68 15.90 28.00
C ARG A 119 0.68 16.59 28.03
N LYS A 120 0.67 17.93 28.08
CA LYS A 120 1.90 18.71 28.12
C LYS A 120 2.76 18.35 29.33
N THR A 121 2.11 18.09 30.46
CA THR A 121 2.83 17.69 31.67
C THR A 121 3.40 16.28 31.51
N SER A 122 2.60 15.41 30.89
CA SER A 122 3.01 14.02 30.68
C SER A 122 4.15 13.91 29.67
N GLU A 123 4.11 14.77 28.66
CA GLU A 123 5.17 14.77 27.64
C GLU A 123 6.52 15.12 28.26
N ALA A 124 6.53 16.11 29.15
CA ALA A 124 7.75 16.50 29.83
C ALA A 124 8.20 15.40 30.79
N ALA A 125 7.23 14.75 31.42
CA ALA A 125 7.52 13.67 32.35
C ALA A 125 8.01 12.42 31.62
N GLN A 127 9.75 12.28 28.74
CA GLN A 127 11.13 12.48 28.30
C GLN A 127 12.10 12.44 29.47
N GLN A 128 11.63 12.81 30.66
CA GLN A 128 12.48 12.85 31.85
C GLN A 128 12.90 11.44 32.27
N GLU A 129 11.93 10.53 32.36
CA GLU A 129 12.20 9.17 32.82
C GLU A 129 12.90 8.34 31.76
N LEU A 130 12.67 8.66 30.49
CA LEU A 130 13.32 7.97 29.39
C LEU A 130 14.81 8.29 29.33
N ASN A 131 15.14 9.58 29.44
CA ASN A 131 16.53 10.02 29.39
C ASN A 131 17.33 9.55 30.61
N PHE A 132 16.63 9.37 31.73
CA PHE A 132 17.28 8.91 32.96
C PHE A 132 17.50 7.40 32.93
N SER A 133 16.56 6.68 32.30
CA SER A 133 16.69 5.24 32.16
C SER A 133 17.85 4.88 31.25
N ALA A 134 18.06 5.71 30.23
CA ALA A 134 19.19 5.53 29.32
C ALA A 134 20.48 5.96 30.00
N TYR A 135 20.37 6.91 30.91
CA TYR A 135 21.51 7.39 31.69
C TYR A 135 22.02 6.29 32.62
N LEU A 136 21.11 5.47 33.12
CA LEU A 136 21.46 4.38 34.02
C LEU A 136 22.02 3.19 33.25
N GLY A 137 21.84 3.18 31.94
CA GLY A 137 22.29 2.08 31.11
C GLY A 137 21.39 0.87 31.24
N LEU A 138 20.12 1.12 31.54
CA LEU A 138 19.13 0.05 31.70
C LEU A 138 19.00 -0.80 30.43
N PRO A 139 19.02 -2.13 30.61
CA PRO A 139 18.87 -3.06 29.49
C PRO A 139 17.45 -3.03 28.91
N ALA A 140 16.47 -2.80 29.77
CA ALA A 140 15.08 -2.76 29.34
C ALA A 140 14.28 -1.73 30.13
N PHE A 141 13.22 -1.20 29.51
CA PHE A 141 12.37 -0.22 30.16
C PHE A 141 10.89 -0.55 29.90
N LEU A 142 10.10 -0.57 30.97
CA LEU A 142 8.70 -0.93 30.88
C LEU A 142 7.77 0.25 30.59
N ILE A 143 7.04 0.16 29.49
CA ILE A 143 6.02 1.15 29.15
C ILE A 143 4.73 0.43 28.78
N PRO A 144 3.70 0.57 29.63
CA PRO A 144 2.42 -0.13 29.43
C PRO A 144 1.52 0.57 28.42
N LEU A 145 0.73 -0.21 27.68
CA LEU A 145 -0.28 0.33 26.80
C LEU A 145 -1.66 0.03 27.38
N LYS A 146 -2.43 1.09 27.65
CA LYS A 146 -3.70 0.95 28.35
C LYS A 146 -4.90 1.31 27.48
N GLN A 147 -4.63 1.78 26.27
CA GLN A 147 -5.69 2.16 25.34
C GLN A 147 -5.28 1.97 23.89
N GLU A 148 -6.21 2.23 22.97
CA GLU A 148 -5.95 2.06 21.55
C GLU A 148 -5.16 3.23 20.99
N ASP A 149 -5.41 4.42 21.52
CA ASP A 149 -4.75 5.63 21.05
C ASP A 149 -3.47 5.93 21.83
N ASN A 150 -2.33 5.59 21.21
CA ASN A 150 -1.03 5.91 21.79
C ASN A 150 -0.17 6.61 20.76
N SER A 151 -0.78 7.48 19.97
CA SER A 151 -0.10 8.19 18.90
C SER A 151 1.01 9.09 19.44
N ASN A 152 0.67 9.91 20.43
CA ASN A 152 1.65 10.82 21.01
C ASN A 152 2.74 10.09 21.78
N LEU A 153 2.41 8.88 22.25
CA LEU A 153 3.37 8.04 22.95
C LEU A 153 4.44 7.57 21.98
N SER A 154 4.01 7.18 20.79
CA SER A 154 4.92 6.71 19.75
C SER A 154 5.89 7.80 19.33
N ARG A 155 5.37 9.00 19.14
CA ARG A 155 6.17 10.14 18.72
C ARG A 155 7.29 10.44 19.71
N LEU A 156 6.96 10.38 21.00
CA LEU A 156 7.93 10.66 22.05
C LEU A 156 8.97 9.54 22.16
N LEU A 157 8.56 8.31 21.89
CA LEU A 157 9.43 7.15 22.05
C LEU A 157 10.47 7.04 20.93
N ILE A 158 10.01 7.08 19.68
CA ILE A 158 10.92 6.98 18.55
C ILE A 158 11.82 8.19 18.44
N ASN A 159 11.41 9.31 19.04
CA ASN A 159 12.27 10.47 19.16
C ASN A 159 13.46 10.16 20.05
N HIS A 160 13.18 9.74 21.28
CA HIS A 160 14.21 9.41 22.26
C HIS A 160 15.22 8.39 21.73
N ILE A 161 14.76 7.50 20.86
CA ILE A 161 15.63 6.51 20.22
C ILE A 161 16.50 7.18 19.16
N HIS A 162 15.97 8.22 18.52
CA HIS A 162 16.67 8.89 17.43
C HIS A 162 17.63 9.99 17.87
N VAL A 163 17.47 10.50 19.10
CA VAL A 163 18.36 11.54 19.60
C VAL A 163 19.60 10.94 20.26
N GLY A 164 20.01 9.76 19.78
CA GLY A 164 21.27 9.19 20.20
C GLY A 164 21.18 8.11 21.27
N HIS A 165 20.28 8.29 22.23
CA HIS A 165 20.16 7.35 23.35
C HIS A 165 19.52 6.04 22.92
N HIS A 166 20.32 4.98 22.86
CA HIS A 166 19.88 3.67 22.40
C HIS A 166 20.36 2.56 23.32
N SER A 167 20.53 1.37 22.75
CA SER A 167 20.98 0.18 23.47
C SER A 167 20.06 -0.20 24.63
N THR A 168 18.87 0.40 24.67
CA THR A 168 17.89 0.10 25.71
C THR A 168 16.64 -0.47 25.09
N PHE A 170 12.88 -1.68 24.72
CA PHE A 170 11.65 -1.11 25.24
C PHE A 170 10.53 -2.15 25.29
N TRP A 171 10.27 -2.64 26.51
CA TRP A 171 9.24 -3.65 26.72
C TRP A 171 7.86 -3.01 26.82
N ARG A 173 4.34 -3.34 27.72
CA ARG A 173 3.44 -4.21 28.46
C ARG A 173 2.01 -4.11 27.96
N VAL A 174 1.60 -5.13 27.21
CA VAL A 174 0.24 -5.20 26.67
C VAL A 174 -0.44 -6.49 27.13
N PRO A 175 -1.58 -6.36 27.82
CA PRO A 175 -2.32 -7.54 28.28
C PRO A 175 -2.99 -8.25 27.11
N LEU A 176 -3.11 -9.57 27.21
CA LEU A 176 -3.76 -10.36 26.16
C LEU A 176 -5.25 -10.06 26.12
N ALA A 178 -8.23 -7.06 27.52
CA ALA A 178 -8.46 -5.73 28.07
C ALA A 178 -9.02 -5.83 29.50
N PRO A 179 -8.61 -4.90 30.37
CA PRO A 179 -9.06 -4.87 31.77
C PRO A 179 -10.58 -4.78 31.89
N ASN A 180 -11.23 -4.17 30.91
CA ASN A 180 -12.69 -4.06 30.91
C ASN A 180 -13.35 -5.38 30.50
N ASP A 181 -12.58 -6.27 29.89
CA ASP A 181 -13.08 -7.57 29.47
C ASP A 181 -12.78 -8.65 30.49
N LEU A 182 -12.02 -8.31 31.52
CA LEU A 182 -11.65 -9.28 32.55
C LEU A 182 -12.27 -8.93 33.90
N ARG A 183 -12.99 -7.81 33.95
CA ARG A 183 -13.66 -7.40 35.18
C ARG A 183 -14.90 -8.25 35.42
N ASP A 184 -15.31 -8.35 36.68
CA ASP A 184 -16.51 -9.10 37.04
C ASP A 184 -17.77 -8.30 36.70
N ASP A 185 -18.77 -8.98 36.17
CA ASP A 185 -20.03 -8.32 35.82
C ASP A 185 -20.79 -7.93 37.08
N LEU A 186 -20.42 -6.79 37.66
CA LEU A 186 -20.98 -6.35 38.93
C LEU A 186 -21.79 -5.07 38.78
N ILE A 187 -22.01 -4.65 37.54
CA ILE A 187 -22.76 -3.42 37.28
C ILE A 187 -24.07 -3.71 36.56
N GLU A 188 -25.18 -3.29 37.17
CA GLU A 188 -26.51 -3.52 36.59
C GLU A 188 -26.75 -2.68 35.34
N ASN A 189 -26.37 -1.42 35.39
CA ASN A 189 -26.57 -0.52 34.26
C ASN A 189 -25.41 -0.50 33.28
N GLU A 190 -24.52 -1.48 33.41
CA GLU A 190 -23.39 -1.63 32.49
C GLU A 190 -22.84 -3.06 32.53
N PRO A 191 -23.46 -3.97 31.78
CA PRO A 191 -23.01 -5.37 31.70
C PRO A 191 -21.63 -5.48 31.07
N GLY A 201 -13.50 -9.30 19.10
CA GLY A 201 -13.75 -8.72 20.40
C GLY A 201 -12.57 -8.86 21.34
N GLU A 202 -11.88 -9.99 21.25
CA GLU A 202 -10.72 -10.25 22.09
C GLU A 202 -9.42 -9.91 21.37
N GLU A 203 -9.55 -9.35 20.16
CA GLU A 203 -8.41 -8.83 19.44
C GLU A 203 -8.28 -7.34 19.70
N ARG A 204 -8.92 -6.89 20.78
CA ARG A 204 -8.95 -5.49 21.14
C ARG A 204 -7.56 -4.95 21.47
N THR A 205 -6.85 -5.66 22.33
CA THR A 205 -5.52 -5.24 22.75
C THR A 205 -4.46 -5.52 21.69
N TRP A 206 -4.80 -6.35 20.71
CA TRP A 206 -3.89 -6.61 19.60
C TRP A 206 -3.75 -5.35 18.75
N ILE A 207 -4.85 -4.62 18.61
CA ILE A 207 -4.84 -3.37 17.87
C ILE A 207 -3.98 -2.34 18.60
N TRP A 208 -3.96 -2.41 19.92
CA TRP A 208 -3.16 -1.51 20.73
C TRP A 208 -1.69 -1.64 20.38
N TRP A 209 -1.23 -2.88 20.27
CA TRP A 209 0.18 -3.17 19.97
C TRP A 209 0.50 -2.99 18.50
N HIS A 210 -0.40 -3.43 17.63
CA HIS A 210 -0.18 -3.37 16.20
C HIS A 210 -0.11 -1.94 15.68
N ASN A 211 -1.02 -1.10 16.15
CA ASN A 211 -1.03 0.31 15.77
C ASN A 211 0.18 1.05 16.31
N PHE A 212 0.61 0.67 17.50
CA PHE A 212 1.77 1.31 18.14
C PHE A 212 3.06 0.96 17.41
N ARG A 213 3.24 -0.32 17.11
CA ARG A 213 4.45 -0.77 16.44
C ARG A 213 4.53 -0.24 15.01
N SER A 214 3.38 -0.14 14.36
CA SER A 214 3.30 0.39 13.01
C SER A 214 3.67 1.87 12.97
N LEU A 215 3.18 2.62 13.95
CA LEU A 215 3.51 4.03 14.07
C LEU A 215 4.98 4.21 14.37
N CYS A 216 5.56 3.25 15.06
CA CYS A 216 6.98 3.27 15.40
C CYS A 216 7.82 2.66 14.28
N ASP A 217 7.18 2.42 13.14
CA ASP A 217 7.85 1.92 11.94
C ASP A 217 8.57 0.60 12.19
N TYR A 218 8.01 -0.23 13.07
CA TYR A 218 8.60 -1.51 13.43
C TYR A 218 10.04 -1.38 13.90
N ASN A 219 10.27 -0.46 14.85
CA ASN A 219 11.61 -0.21 15.36
C ASN A 219 12.21 -1.43 16.06
N LYS A 220 13.51 -1.60 15.92
CA LYS A 220 14.21 -2.78 16.44
C LYS A 220 14.27 -2.78 17.96
N LYS A 221 14.30 -1.59 18.55
CA LYS A 221 14.48 -1.44 20.00
C LYS A 221 13.17 -1.61 20.77
N ILE A 222 12.08 -1.83 20.05
CA ILE A 222 10.77 -1.97 20.70
C ILE A 222 10.29 -3.41 20.72
N ALA A 223 10.16 -3.96 21.92
CA ALA A 223 9.73 -5.34 22.10
C ALA A 223 8.36 -5.43 22.77
N LEU A 224 7.88 -6.66 22.95
CA LEU A 224 6.57 -6.89 23.55
C LEU A 224 6.68 -7.65 24.86
N ALA A 225 5.96 -7.17 25.87
CA ALA A 225 5.91 -7.85 27.16
C ALA A 225 4.46 -8.15 27.52
N ILE A 226 3.99 -9.32 27.10
CA ILE A 226 2.58 -9.69 27.29
C ILE A 226 2.22 -9.88 28.76
N GLU A 227 1.00 -9.50 29.11
CA GLU A 227 0.48 -9.70 30.46
C GLU A 227 -0.68 -10.69 30.41
N ILE A 228 -0.50 -11.83 31.10
CA ILE A 228 -1.48 -12.90 31.04
C ILE A 228 -2.57 -12.75 32.08
N GLY A 229 -3.83 -12.74 31.63
CA GLY A 229 -4.96 -12.61 32.52
C GLY A 229 -5.60 -13.95 32.85
N ALA A 230 -6.71 -13.91 33.57
CA ALA A 230 -7.43 -15.12 33.95
C ALA A 230 -8.05 -15.80 32.72
N ASP A 231 -8.57 -14.98 31.81
CA ASP A 231 -9.15 -15.49 30.57
C ASP A 231 -8.17 -15.31 29.41
N LEU A 232 -8.09 -16.32 28.55
CA LEU A 232 -7.20 -16.27 27.39
C LEU A 232 -8.01 -16.25 26.09
N PRO A 233 -7.51 -15.53 25.09
CA PRO A 233 -8.18 -15.47 23.78
C PRO A 233 -7.99 -16.76 22.99
N SER A 234 -8.41 -16.75 21.73
CA SER A 234 -8.32 -17.92 20.86
C SER A 234 -6.87 -18.38 20.69
N GLY A 235 -6.69 -19.65 20.34
CA GLY A 235 -5.37 -20.21 20.12
C GLY A 235 -4.67 -19.56 18.94
N HIS A 236 -5.45 -19.22 17.92
CA HIS A 236 -4.93 -18.53 16.74
C HIS A 236 -4.47 -17.13 17.10
N VAL A 237 -5.20 -16.48 18.01
CA VAL A 237 -4.83 -15.16 18.49
C VAL A 237 -3.51 -15.24 19.24
N ILE A 238 -3.39 -16.25 20.09
CA ILE A 238 -2.15 -16.49 20.84
C ILE A 238 -0.99 -16.73 19.88
N ASP A 239 -1.21 -17.53 18.86
CA ASP A 239 -0.18 -17.83 17.87
C ASP A 239 0.28 -16.57 17.13
N ARG A 240 -0.61 -15.59 17.03
CA ARG A 240 -0.29 -14.32 16.41
C ARG A 240 0.52 -13.44 17.36
N TRP A 241 0.22 -13.56 18.65
CA TRP A 241 0.97 -12.85 19.68
C TRP A 241 2.42 -13.34 19.73
N LEU A 242 2.58 -14.66 19.69
CA LEU A 242 3.90 -15.28 19.80
C LEU A 242 4.78 -14.99 18.59
N GLY A 243 4.15 -14.57 17.50
CA GLY A 243 4.90 -14.19 16.30
C GLY A 243 5.63 -12.88 16.51
N GLU A 244 5.08 -12.04 17.37
CA GLU A 244 5.68 -10.76 17.70
C GLU A 244 6.94 -10.96 18.54
N PRO A 245 7.87 -10.01 18.51
CA PRO A 245 9.10 -10.11 19.30
C PRO A 245 8.82 -10.03 20.81
N ILE A 246 8.28 -11.10 21.39
CA ILE A 246 8.02 -11.14 22.81
C ILE A 246 9.31 -11.36 23.58
N LYS A 247 9.63 -10.43 24.49
CA LYS A 247 10.84 -10.53 25.28
C LYS A 247 10.56 -10.95 26.72
N ALA A 248 9.31 -10.76 27.15
CA ALA A 248 8.93 -11.10 28.51
C ALA A 248 7.44 -11.45 28.63
N ALA A 249 7.12 -12.23 29.65
CA ALA A 249 5.73 -12.60 29.92
C ALA A 249 5.41 -12.37 31.39
N PHE A 250 4.40 -11.55 31.65
CA PHE A 250 4.01 -11.22 33.02
C PHE A 250 2.98 -12.20 33.58
N LEU A 251 3.36 -12.86 34.68
CA LEU A 251 2.48 -13.81 35.33
C LEU A 251 2.00 -13.27 36.68
N PRO A 252 0.78 -12.72 36.70
CA PRO A 252 0.17 -12.23 37.94
C PRO A 252 0.01 -13.34 38.95
N THR A 253 0.05 -13.00 40.24
CA THR A 253 -0.08 -13.98 41.31
C THR A 253 -1.54 -14.40 41.48
N SER A 254 -2.45 -13.70 40.81
CA SER A 254 -3.87 -13.93 40.96
C SER A 254 -4.42 -14.97 39.98
N ILE A 255 -3.59 -15.35 39.00
CA ILE A 255 -3.99 -16.37 38.02
C ILE A 255 -3.62 -17.76 38.51
N PHE A 256 -2.79 -17.83 39.54
CA PHE A 256 -2.40 -19.10 40.13
C PHE A 256 -3.48 -19.63 41.05
N LEU A 257 -3.77 -20.92 40.94
CA LEU A 257 -4.74 -21.57 41.82
C LEU A 257 -4.03 -22.23 42.99
N THR A 258 -4.66 -22.19 44.16
CA THR A 258 -4.09 -22.79 45.35
C THR A 258 -4.47 -24.27 45.44
N ASN A 259 -3.47 -25.14 45.36
CA ASN A 259 -3.70 -26.58 45.44
C ASN A 259 -4.14 -26.98 46.83
N LYS A 260 -4.55 -28.24 47.00
CA LYS A 260 -5.04 -28.73 48.29
C LYS A 260 -3.92 -28.85 49.31
N LYS A 261 -2.69 -28.67 48.87
CA LYS A 261 -1.54 -28.70 49.76
C LYS A 261 -1.05 -27.28 50.08
N GLY A 262 -1.56 -26.31 49.32
CA GLY A 262 -1.22 -24.91 49.54
C GLY A 262 -0.18 -24.37 48.60
N PHE A 263 0.05 -25.08 47.50
CA PHE A 263 1.04 -24.67 46.51
C PHE A 263 0.39 -24.02 45.28
N PRO A 264 1.05 -22.98 44.73
CA PRO A 264 0.58 -22.28 43.53
C PRO A 264 0.57 -23.20 42.31
N VAL A 265 -0.59 -23.32 41.68
CA VAL A 265 -0.74 -24.19 40.51
C VAL A 265 -1.53 -23.49 39.41
N LEU A 266 -1.00 -23.51 38.19
CA LEU A 266 -1.69 -22.93 37.04
C LEU A 266 -2.69 -23.91 36.44
N THR A 267 -3.71 -23.38 35.77
CA THR A 267 -4.70 -24.20 35.10
C THR A 267 -4.10 -24.81 33.84
N LYS A 268 -4.73 -25.86 33.32
CA LYS A 268 -4.25 -26.53 32.12
C LYS A 268 -4.28 -25.62 30.89
N VAL A 269 -5.19 -24.65 30.90
CA VAL A 269 -5.27 -23.68 29.82
C VAL A 269 -4.04 -22.80 29.79
N HIS A 270 -3.65 -22.31 30.98
CA HIS A 270 -2.47 -21.46 31.10
C HIS A 270 -1.17 -22.24 30.87
N GLN A 271 -1.16 -23.51 31.28
CA GLN A 271 0.02 -24.35 31.13
C GLN A 271 0.45 -24.50 29.67
N ARG A 272 -0.53 -24.62 28.78
CA ARG A 272 -0.24 -24.74 27.36
C ARG A 272 0.35 -23.45 26.80
N LEU A 273 -0.07 -22.33 27.36
CA LEU A 273 0.48 -21.02 26.95
C LEU A 273 1.92 -20.89 27.44
N ILE A 274 2.18 -21.37 28.64
CA ILE A 274 3.53 -21.35 29.21
C ILE A 274 4.46 -22.25 28.39
N PHE A 275 3.92 -23.37 27.93
CA PHE A 275 4.69 -24.30 27.11
C PHE A 275 5.13 -23.67 25.79
N LYS A 276 4.25 -22.88 25.19
CA LYS A 276 4.57 -22.19 23.95
C LYS A 276 5.61 -21.09 24.19
N LEU A 277 5.56 -20.50 25.38
CA LEU A 277 6.50 -19.44 25.75
C LEU A 277 7.89 -20.01 26.06
N PHE A 278 7.92 -21.29 26.42
CA PHE A 278 9.18 -21.95 26.75
C PHE A 278 10.11 -22.08 25.55
N LYS A 279 9.54 -22.37 24.38
CA LYS A 279 10.33 -22.55 23.17
C LYS A 279 10.70 -21.22 22.51
N LEU A 280 10.06 -20.15 22.95
CA LEU A 280 10.42 -18.81 22.50
C LEU A 280 11.53 -18.26 23.39
N GLU A 281 11.82 -18.98 24.47
CA GLU A 281 12.88 -18.62 25.40
C GLU A 281 12.71 -17.21 25.96
N VAL A 282 11.47 -16.84 26.27
CA VAL A 282 11.18 -15.55 26.88
C VAL A 282 11.36 -15.63 28.39
N GLN A 283 11.44 -14.46 29.02
CA GLN A 283 11.60 -14.40 30.47
C GLN A 283 10.26 -14.16 31.14
N PHE A 284 10.07 -14.75 32.32
CA PHE A 284 8.81 -14.62 33.03
C PHE A 284 8.91 -13.63 34.19
N VAL A 285 7.85 -12.89 34.42
CA VAL A 285 7.82 -11.91 35.50
C VAL A 285 6.61 -12.12 36.40
N ILE A 286 6.86 -12.28 37.69
CA ILE A 286 5.79 -12.47 38.67
C ILE A 286 5.37 -11.14 39.29
N SER A 287 4.11 -10.78 39.10
CA SER A 287 3.60 -9.52 39.61
C SER A 287 2.47 -9.74 40.63
N GLY A 288 2.51 -8.96 41.71
CA GLY A 288 1.49 -9.05 42.74
C GLY A 288 2.03 -9.57 44.07
N SER A 289 1.15 -9.62 45.07
CA SER A 289 1.55 -10.09 46.40
C SER A 289 1.45 -11.61 46.50
N HIS A 290 2.47 -12.23 47.08
CA HIS A 290 2.53 -13.67 47.21
C HIS A 290 1.58 -14.20 48.28
N HIS A 291 0.82 -13.31 48.91
CA HIS A 291 -0.09 -13.69 49.98
C HIS A 291 -1.43 -14.19 49.47
N HIS A 292 -1.44 -14.69 48.24
CA HIS A 292 -2.63 -15.34 47.69
C HIS A 292 -2.51 -16.84 47.90
N SER A 293 -1.32 -17.28 48.29
CA SER A 293 -1.08 -18.67 48.61
C SER A 293 -0.43 -18.77 49.99
N GLU A 294 -0.27 -19.98 50.49
CA GLU A 294 0.30 -20.20 51.81
C GLU A 294 1.83 -20.26 51.75
N LYS A 295 2.37 -20.14 50.55
CA LYS A 295 3.82 -20.20 50.35
C LYS A 295 4.38 -18.86 49.87
N ASP A 296 5.70 -18.81 49.73
CA ASP A 296 6.38 -17.57 49.33
C ASP A 296 6.51 -17.47 47.81
N LEU A 297 7.29 -16.50 47.35
CA LEU A 297 7.46 -16.25 45.92
C LEU A 297 8.26 -17.35 45.22
N CYS A 298 9.16 -17.98 45.95
CA CYS A 298 10.03 -19.01 45.39
C CYS A 298 9.24 -20.20 44.86
N SER A 299 8.08 -20.45 45.45
CA SER A 299 7.22 -21.55 45.03
C SER A 299 6.66 -21.33 43.64
N TYR A 300 6.47 -20.07 43.27
CA TYR A 300 5.99 -19.72 41.94
C TYR A 300 7.05 -20.03 40.89
N LEU A 301 8.32 -19.86 41.26
CA LEU A 301 9.43 -20.10 40.36
C LEU A 301 9.73 -21.60 40.24
N GLN A 302 9.47 -22.33 41.32
CA GLN A 302 9.68 -23.78 41.33
C GLN A 302 8.64 -24.48 40.47
N TYR A 303 7.44 -23.93 40.43
CA TYR A 303 6.36 -24.49 39.62
C TYR A 303 6.64 -24.34 38.14
N LEU A 304 7.22 -23.19 37.77
CA LEU A 304 7.59 -22.95 36.38
C LEU A 304 8.74 -23.85 35.95
N GLU A 305 9.69 -24.05 36.86
CA GLU A 305 10.79 -24.96 36.62
C GLU A 305 10.27 -26.40 36.53
N TYR A 306 9.23 -26.67 37.30
CA TYR A 306 8.56 -27.97 37.28
C TYR A 306 7.89 -28.21 35.93
N LEU A 307 7.24 -27.19 35.40
CA LEU A 307 6.59 -27.30 34.10
C LEU A 307 7.61 -27.42 32.98
N SER A 308 8.78 -26.80 33.19
CA SER A 308 9.84 -26.81 32.19
C SER A 308 10.41 -28.21 31.98
N GLN A 309 10.63 -28.92 33.08
CA GLN A 309 11.21 -30.26 33.03
C GLN A 309 10.14 -31.32 32.76
N ASN A 310 8.89 -30.88 32.71
CA ASN A 310 7.77 -31.78 32.39
C ASN A 310 7.03 -31.31 31.14
N SER A 311 7.59 -30.31 30.47
CA SER A 311 7.02 -29.80 29.22
C SER A 311 7.06 -30.88 28.14
N PRO A 312 6.02 -30.95 27.28
CA PRO A 312 5.89 -31.99 26.25
C PRO A 312 7.06 -32.03 25.26
N PRO A 313 7.40 -33.23 24.76
CA PRO A 313 8.48 -33.33 23.77
C PRO A 313 8.09 -32.74 22.43
N PRO A 314 8.95 -31.87 21.87
CA PRO A 314 8.56 -31.19 20.62
C PRO A 314 8.83 -31.99 19.35
N ASN A 315 7.77 -32.28 18.60
CA ASN A 315 7.88 -32.78 17.23
C ASN A 315 6.82 -32.20 16.29
N ALA A 316 7.08 -32.32 14.99
CA ALA A 316 6.56 -31.45 13.92
C ALA A 316 7.29 -30.11 14.01
N TYR A 317 7.94 -29.90 15.16
CA TYR A 317 8.95 -28.89 15.34
C TYR A 317 10.31 -29.60 15.37
N GLU A 318 11.35 -28.89 15.81
CA GLU A 318 12.72 -29.45 15.88
C GLU A 318 13.35 -29.82 14.52
N PHE A 320 13.42 -27.67 12.15
CA PHE A 320 14.12 -26.42 11.90
C PHE A 320 15.08 -26.07 13.04
N ALA A 321 14.77 -26.55 14.23
CA ALA A 321 15.54 -26.21 15.43
C ALA A 321 17.02 -26.56 15.35
N LYS A 322 17.88 -25.80 16.01
CA LYS A 322 17.51 -24.64 16.81
C LYS A 322 18.46 -23.47 16.55
N GLY A 323 18.23 -22.73 15.46
CA GLY A 323 17.15 -23.03 14.54
C GLY A 323 17.15 -22.30 13.20
N TYR A 324 16.39 -22.84 12.24
CA TYR A 324 16.11 -22.14 10.98
C TYR A 324 14.76 -21.42 11.09
N GLU A 325 14.37 -21.10 12.32
CA GLU A 325 13.11 -20.43 12.62
C GLU A 325 12.97 -19.08 11.91
N ASP A 326 13.99 -18.23 12.04
CA ASP A 326 13.99 -16.94 11.37
C ASP A 326 14.82 -16.95 10.10
N TYR A 327 14.79 -18.07 9.38
CA TYR A 327 15.59 -18.24 8.18
C TYR A 327 15.14 -17.30 7.07
N LEU A 328 16.00 -16.37 6.70
CA LEU A 328 15.72 -15.46 5.59
C LEU A 328 16.97 -15.34 4.72
N GLN A 329 17.19 -16.33 3.87
CA GLN A 329 18.35 -16.34 2.99
C GLN A 329 17.94 -16.44 1.54
N SER A 330 18.86 -16.12 0.64
CA SER A 330 18.62 -16.24 -0.80
C SER A 330 18.81 -17.69 -1.23
N PRO A 331 17.98 -18.16 -2.18
CA PRO A 331 18.07 -19.53 -2.68
C PRO A 331 19.44 -19.85 -3.26
N LEU A 332 20.00 -20.99 -2.86
CA LEU A 332 21.29 -21.43 -3.35
C LEU A 332 21.23 -21.75 -4.84
N GLN A 333 22.32 -21.49 -5.54
CA GLN A 333 22.41 -21.78 -6.97
C GLN A 333 23.54 -22.75 -7.27
N PRO A 334 23.27 -24.06 -7.14
CA PRO A 334 24.27 -25.11 -7.34
C PRO A 334 24.83 -25.15 -8.76
N LEU A 335 24.17 -24.45 -9.69
CA LEU A 335 24.63 -24.42 -11.08
C LEU A 335 25.63 -23.28 -11.32
N ASP A 337 27.15 -21.71 -8.91
CA ASP A 337 28.15 -21.78 -7.85
C ASP A 337 28.49 -23.22 -7.47
N ASN A 338 29.73 -23.43 -7.05
CA ASN A 338 30.15 -24.72 -6.52
C ASN A 338 29.90 -24.81 -5.02
N LEU A 339 29.01 -25.72 -4.63
CA LEU A 339 28.65 -25.87 -3.22
C LEU A 339 29.81 -26.36 -2.37
N GLU A 340 29.79 -26.00 -1.09
CA GLU A 340 30.81 -26.45 -0.15
C GLU A 340 30.46 -27.84 0.36
N SER A 341 31.43 -28.51 0.96
CA SER A 341 31.22 -29.85 1.50
C SER A 341 30.21 -29.82 2.64
N GLN A 342 30.25 -28.76 3.42
CA GLN A 342 29.31 -28.58 4.53
C GLN A 342 27.90 -28.43 4.00
N THR A 343 27.77 -27.74 2.87
CA THR A 343 26.48 -27.52 2.23
C THR A 343 25.87 -28.83 1.73
N TYR A 344 26.70 -29.66 1.10
CA TYR A 344 26.26 -30.98 0.64
C TYR A 344 25.78 -31.83 1.81
N GLU A 345 26.51 -31.75 2.93
CA GLU A 345 26.20 -32.52 4.12
C GLU A 345 24.80 -32.22 4.65
N VAL A 346 24.34 -31.00 4.46
CA VAL A 346 23.01 -30.59 4.88
C VAL A 346 21.95 -31.24 4.00
N PHE A 347 22.16 -31.22 2.68
CA PHE A 347 21.23 -31.80 1.73
C PHE A 347 21.14 -33.31 1.87
N GLU A 348 22.24 -33.92 2.31
CA GLU A 348 22.32 -35.38 2.42
C GLU A 348 21.85 -35.86 3.79
N LYS A 349 21.25 -34.98 4.56
CA LYS A 349 20.83 -35.31 5.92
C LYS A 349 19.39 -35.81 5.97
N ASP A 350 18.68 -35.65 4.86
CA ASP A 350 17.29 -36.09 4.78
C ASP A 350 17.19 -37.49 4.19
N PRO A 351 16.75 -38.46 5.01
CA PRO A 351 16.61 -39.86 4.59
C PRO A 351 15.42 -40.05 3.66
N VAL A 352 14.48 -39.10 3.66
CA VAL A 352 13.30 -39.19 2.83
C VAL A 352 13.64 -39.11 1.35
N LYS A 353 14.42 -38.09 0.98
CA LYS A 353 14.85 -37.91 -0.41
C LYS A 353 15.68 -39.10 -0.89
N TYR A 354 16.48 -39.66 0.00
CA TYR A 354 17.31 -40.81 -0.33
C TYR A 354 16.43 -42.04 -0.55
N SER A 355 15.45 -42.23 0.32
CA SER A 355 14.56 -43.37 0.26
C SER A 355 13.69 -43.35 -1.00
N GLN A 356 13.05 -42.21 -1.25
CA GLN A 356 12.15 -42.06 -2.38
C GLN A 356 12.86 -42.23 -3.72
N TYR A 357 14.09 -41.72 -3.81
CA TYR A 357 14.88 -41.87 -5.02
C TYR A 357 15.34 -43.31 -5.19
N GLN A 358 15.68 -43.96 -4.09
CA GLN A 358 16.07 -45.36 -4.12
C GLN A 358 14.87 -46.22 -4.51
N GLN A 359 13.69 -45.82 -4.05
CA GLN A 359 12.45 -46.51 -4.38
C GLN A 359 12.09 -46.31 -5.85
N ALA A 360 12.40 -45.12 -6.35
CA ALA A 360 12.11 -44.77 -7.75
C ALA A 360 12.93 -45.63 -8.71
N VAL A 361 14.22 -45.76 -8.43
CA VAL A 361 15.10 -46.58 -9.24
C VAL A 361 14.70 -48.05 -9.11
N TYR A 362 14.28 -48.44 -7.90
CA TYR A 362 13.82 -49.80 -7.63
C TYR A 362 12.67 -50.18 -8.55
N LYS A 363 11.63 -49.35 -8.57
CA LYS A 363 10.45 -49.63 -9.38
C LYS A 363 10.72 -49.49 -10.87
N CYS A 364 11.55 -48.53 -11.25
CA CYS A 364 11.82 -48.26 -12.65
C CYS A 364 12.56 -49.42 -13.33
N LEU A 365 13.48 -50.03 -12.59
CA LEU A 365 14.24 -51.17 -13.12
C LEU A 365 13.31 -52.36 -13.39
N LEU A 366 12.51 -52.72 -12.40
CA LEU A 366 11.59 -53.85 -12.52
C LEU A 366 10.58 -53.68 -13.65
N ASP A 367 10.33 -52.44 -14.05
CA ASP A 367 9.33 -52.16 -15.07
C ASP A 367 9.88 -52.16 -16.50
N ARG A 368 11.19 -52.03 -16.65
CA ARG A 368 11.78 -51.97 -17.98
C ARG A 368 12.68 -53.16 -18.31
N VAL A 369 12.84 -54.07 -17.36
CA VAL A 369 13.52 -55.34 -17.63
C VAL A 369 12.89 -56.49 -16.84
N PRO A 370 12.28 -57.45 -17.57
CA PRO A 370 11.54 -58.58 -16.99
C PRO A 370 12.42 -59.55 -16.21
N GLU A 371 11.82 -60.64 -15.74
CA GLU A 371 12.51 -61.61 -14.91
C GLU A 371 13.38 -62.56 -15.74
N GLU A 372 12.98 -62.80 -16.99
CA GLU A 372 13.74 -63.69 -17.86
C GLU A 372 14.96 -63.00 -18.44
N GLU A 373 15.05 -61.69 -18.24
CA GLU A 373 16.23 -60.93 -18.65
C GLU A 373 16.96 -60.42 -17.41
N LYS A 374 17.00 -61.27 -16.40
CA LYS A 374 17.52 -60.92 -15.08
C LYS A 374 19.03 -60.67 -15.10
N GLU A 375 19.71 -61.20 -16.12
CA GLU A 375 21.16 -61.06 -16.20
C GLU A 375 21.67 -60.79 -17.62
N THR A 376 20.78 -60.93 -18.60
CA THR A 376 21.16 -60.70 -19.99
C THR A 376 20.86 -59.26 -20.43
N ASN A 377 20.30 -58.48 -19.51
CA ASN A 377 19.96 -57.09 -19.80
C ASN A 377 20.62 -56.13 -18.80
N ILE A 378 21.57 -55.35 -19.29
CA ILE A 378 22.26 -54.37 -18.45
C ILE A 378 21.73 -52.96 -18.70
N GLN A 379 21.04 -52.41 -17.70
CA GLN A 379 20.47 -51.08 -17.81
C GLN A 379 21.53 -50.00 -17.63
N ILE A 380 21.55 -49.04 -18.56
CA ILE A 380 22.53 -47.95 -18.49
C ILE A 380 21.95 -46.77 -17.73
N LEU A 381 22.37 -46.62 -16.47
CA LEU A 381 21.85 -45.57 -15.61
C LEU A 381 22.87 -44.45 -15.42
N VAL A 383 23.65 -40.91 -13.29
CA VAL A 383 23.36 -39.96 -12.22
C VAL A 383 23.89 -38.58 -12.59
N LEU A 384 23.00 -37.73 -13.10
CA LEU A 384 23.37 -36.38 -13.52
C LEU A 384 23.37 -35.43 -12.32
N GLY A 385 24.56 -35.03 -11.88
CA GLY A 385 24.70 -34.23 -10.69
C GLY A 385 24.85 -35.13 -9.49
N ALA A 386 25.91 -35.94 -9.49
CA ALA A 386 26.11 -36.98 -8.49
C ALA A 386 26.40 -36.44 -7.09
N GLY A 387 26.87 -35.21 -7.02
CA GLY A 387 27.21 -34.60 -5.75
C GLY A 387 28.41 -35.29 -5.11
N ARG A 388 28.23 -35.80 -3.90
CA ARG A 388 29.31 -36.48 -3.18
C ARG A 388 29.15 -37.99 -3.18
N GLY A 389 28.09 -38.50 -3.83
CA GLY A 389 27.83 -39.92 -3.78
C GLY A 389 26.38 -40.38 -3.67
N PRO A 390 25.68 -40.04 -2.57
CA PRO A 390 24.35 -40.54 -2.18
C PRO A 390 23.44 -41.04 -3.31
N LEU A 391 23.28 -40.27 -4.37
CA LEU A 391 22.40 -40.70 -5.46
C LEU A 391 22.97 -41.89 -6.23
N VAL A 392 24.29 -42.03 -6.24
CA VAL A 392 24.92 -43.16 -6.91
C VAL A 392 24.75 -44.44 -6.10
N ASN A 393 24.96 -44.32 -4.78
CA ASN A 393 24.77 -45.46 -3.88
C ASN A 393 23.32 -45.89 -3.80
N ALA A 394 22.41 -44.92 -3.85
CA ALA A 394 20.98 -45.21 -3.80
C ALA A 394 20.53 -45.94 -5.07
N SER A 395 21.29 -45.77 -6.14
CA SER A 395 21.00 -46.44 -7.40
C SER A 395 21.60 -47.83 -7.43
N LEU A 396 22.76 -47.99 -6.80
CA LEU A 396 23.42 -49.29 -6.74
C LEU A 396 22.65 -50.25 -5.85
N ARG A 397 22.20 -49.78 -4.70
CA ARG A 397 21.45 -50.60 -3.76
C ARG A 397 20.06 -50.91 -4.29
N ALA A 398 19.55 -50.04 -5.15
CA ALA A 398 18.26 -50.25 -5.79
C ALA A 398 18.38 -51.33 -6.86
N ALA A 399 19.58 -51.50 -7.38
CA ALA A 399 19.86 -52.52 -8.39
C ALA A 399 19.98 -53.89 -7.74
N LYS A 400 20.54 -53.93 -6.53
CA LYS A 400 20.68 -55.17 -5.80
C LYS A 400 19.33 -55.60 -5.20
N GLN A 401 18.53 -54.61 -4.82
CA GLN A 401 17.21 -54.89 -4.25
C GLN A 401 16.26 -55.43 -5.31
N ALA A 402 16.47 -54.98 -6.55
CA ALA A 402 15.65 -55.42 -7.67
C ALA A 402 16.31 -56.55 -8.44
N GLU A 403 17.53 -56.90 -8.01
CA GLU A 403 18.33 -57.93 -8.66
C GLU A 403 18.53 -57.66 -10.15
N ARG A 404 18.84 -56.41 -10.48
CA ARG A 404 19.11 -56.02 -11.86
C ARG A 404 20.53 -55.47 -11.97
N LYS A 405 21.15 -55.68 -13.13
CA LYS A 405 22.51 -55.18 -13.37
C LYS A 405 22.48 -53.83 -14.07
N ILE A 406 23.22 -52.86 -13.52
CA ILE A 406 23.26 -51.52 -14.10
C ILE A 406 24.68 -51.02 -14.33
N LYS A 407 24.86 -50.28 -15.42
CA LYS A 407 26.12 -49.61 -15.70
C LYS A 407 25.98 -48.13 -15.37
N VAL A 408 26.71 -47.67 -14.36
CA VAL A 408 26.50 -46.34 -13.81
C VAL A 408 27.48 -45.29 -14.34
N TYR A 409 26.94 -44.14 -14.72
CA TYR A 409 27.74 -42.96 -15.05
C TYR A 409 27.46 -41.86 -14.04
N ALA A 410 28.48 -41.46 -13.30
CA ALA A 410 28.33 -40.40 -12.30
C ALA A 410 28.99 -39.11 -12.78
N VAL A 411 28.17 -38.19 -13.27
CA VAL A 411 28.68 -36.92 -13.80
C VAL A 411 28.47 -35.75 -12.84
N GLU A 412 29.43 -34.84 -12.80
CA GLU A 412 29.39 -33.69 -11.93
C GLU A 412 30.25 -32.57 -12.49
N LYS A 413 29.82 -31.32 -12.31
CA LYS A 413 30.57 -30.17 -12.80
C LYS A 413 31.47 -29.60 -11.71
N ASN A 414 31.07 -29.78 -10.45
CA ASN A 414 31.84 -29.30 -9.32
C ASN A 414 33.10 -30.15 -9.15
N PRO A 415 34.27 -29.55 -9.43
CA PRO A 415 35.54 -30.28 -9.39
C PRO A 415 35.83 -30.82 -7.99
N ASN A 416 35.43 -30.05 -6.98
CA ASN A 416 35.64 -30.43 -5.59
C ASN A 416 34.82 -31.66 -5.21
N ALA A 417 33.61 -31.76 -5.76
CA ALA A 417 32.74 -32.88 -5.50
C ALA A 417 33.22 -34.13 -6.24
N VAL A 418 33.82 -33.93 -7.40
CA VAL A 418 34.36 -35.02 -8.20
C VAL A 418 35.47 -35.73 -7.43
N ILE A 419 36.25 -34.96 -6.68
CA ILE A 419 37.29 -35.51 -5.82
C ILE A 419 36.69 -36.50 -4.81
N THR A 420 35.52 -36.16 -4.30
CA THR A 420 34.81 -37.03 -3.38
C THR A 420 34.23 -38.23 -4.13
N LEU A 421 33.77 -37.99 -5.36
CA LEU A 421 33.20 -39.05 -6.19
C LEU A 421 34.22 -40.10 -6.57
N GLU A 422 35.45 -39.67 -6.82
CA GLU A 422 36.52 -40.58 -7.20
C GLU A 422 37.14 -41.27 -5.98
N GLY A 423 36.69 -40.89 -4.80
CA GLY A 423 37.07 -41.58 -3.58
C GLY A 423 36.28 -42.87 -3.44
N TRP A 424 34.96 -42.75 -3.64
CA TRP A 424 34.08 -43.91 -3.65
C TRP A 424 34.42 -44.82 -4.83
N ARG A 425 34.79 -44.18 -5.94
CA ARG A 425 35.10 -44.87 -7.18
C ARG A 425 36.25 -45.86 -7.04
N TYR A 426 37.33 -45.43 -6.39
CA TYR A 426 38.53 -46.26 -6.28
C TYR A 426 38.68 -46.90 -4.90
N GLU A 427 37.56 -47.09 -4.20
CA GLU A 427 37.58 -47.75 -2.90
C GLU A 427 36.37 -48.68 -2.72
N GLU A 428 35.22 -48.25 -3.23
CA GLU A 428 33.97 -48.98 -2.99
C GLU A 428 33.29 -49.43 -4.27
N TRP A 429 33.01 -48.48 -5.16
CA TRP A 429 32.24 -48.75 -6.37
C TRP A 429 32.91 -49.71 -7.33
N GLY A 430 33.91 -49.23 -8.06
CA GLY A 430 34.61 -50.05 -9.03
C GLY A 430 34.44 -49.54 -10.44
N SER A 431 34.69 -50.41 -11.42
CA SER A 431 34.65 -50.00 -12.83
C SER A 431 33.23 -49.92 -13.38
N GLN A 432 32.24 -50.35 -12.58
CA GLN A 432 30.85 -50.29 -13.02
C GLN A 432 30.34 -48.85 -12.98
N VAL A 433 30.99 -48.01 -12.19
CA VAL A 433 30.64 -46.60 -12.11
C VAL A 433 31.72 -45.75 -12.75
N THR A 434 31.34 -44.98 -13.77
CA THR A 434 32.29 -44.10 -14.45
C THR A 434 32.07 -42.65 -14.02
N VAL A 435 33.06 -42.09 -13.34
CA VAL A 435 32.97 -40.72 -12.85
C VAL A 435 33.36 -39.71 -13.93
N VAL A 436 32.45 -38.80 -14.24
CA VAL A 436 32.68 -37.80 -15.27
C VAL A 436 32.68 -36.38 -14.66
N SER A 437 33.72 -35.62 -14.98
CA SER A 437 33.81 -34.24 -14.51
C SER A 437 33.46 -33.27 -15.63
N GLY A 438 32.33 -32.58 -15.47
CA GLY A 438 31.89 -31.61 -16.47
C GLY A 438 30.40 -31.33 -16.42
N ASP A 439 29.95 -30.43 -17.29
CA ASP A 439 28.54 -30.06 -17.36
C ASP A 439 27.79 -31.10 -18.20
N ARG A 441 25.26 -30.61 -19.93
CA ARG A 441 24.79 -29.97 -21.14
C ARG A 441 25.85 -29.96 -22.23
N GLU A 442 27.11 -30.11 -21.84
CA GLU A 442 28.22 -30.06 -22.78
C GLU A 442 28.90 -31.41 -22.93
N TRP A 443 28.65 -32.31 -21.99
CA TRP A 443 29.28 -33.63 -21.99
C TRP A 443 28.77 -34.49 -23.14
N LYS A 444 29.72 -35.13 -23.84
CA LYS A 444 29.40 -36.01 -24.95
C LYS A 444 29.45 -37.47 -24.49
N ALA A 445 28.28 -38.04 -24.24
CA ALA A 445 28.20 -39.42 -23.78
C ALA A 445 28.48 -40.41 -24.91
N PRO A 446 29.38 -41.36 -24.66
CA PRO A 446 29.75 -42.38 -25.64
C PRO A 446 28.77 -43.55 -25.65
N GLU A 447 27.66 -43.38 -24.94
CA GLU A 447 26.68 -44.45 -24.79
C GLU A 447 25.37 -43.89 -24.26
N LYS A 448 24.28 -44.09 -25.01
CA LYS A 448 22.98 -43.59 -24.58
C LYS A 448 22.49 -44.31 -23.32
N ALA A 449 21.67 -43.64 -22.52
CA ALA A 449 21.25 -44.17 -21.23
C ALA A 449 19.79 -44.57 -21.20
N ASP A 450 19.48 -45.57 -20.38
CA ASP A 450 18.11 -46.01 -20.16
C ASP A 450 17.43 -45.14 -19.11
N ILE A 451 18.17 -44.85 -18.05
CA ILE A 451 17.65 -44.07 -16.93
C ILE A 451 18.59 -42.93 -16.54
N ILE A 452 18.05 -41.72 -16.48
CA ILE A 452 18.82 -40.59 -15.96
C ILE A 452 18.23 -40.14 -14.62
N VAL A 453 19.10 -40.04 -13.61
CA VAL A 453 18.67 -39.66 -12.27
C VAL A 453 19.33 -38.35 -11.84
N SER A 454 18.50 -37.37 -11.49
CA SER A 454 19.01 -36.07 -11.07
C SER A 454 18.19 -35.52 -9.90
N GLU A 455 18.81 -34.66 -9.11
CA GLU A 455 18.14 -34.00 -8.01
C GLU A 455 18.50 -32.52 -8.04
N LEU A 456 18.04 -31.83 -9.07
CA LEU A 456 18.37 -30.42 -9.27
C LEU A 456 17.18 -29.54 -8.88
N LEU A 457 16.36 -30.04 -7.96
CA LEU A 457 15.14 -29.35 -7.58
C LEU A 457 15.38 -28.33 -6.46
N GLY A 458 14.81 -27.14 -6.62
CA GLY A 458 14.91 -26.11 -5.60
C GLY A 458 13.62 -26.00 -4.81
N SER A 459 13.53 -24.97 -3.99
CA SER A 459 12.34 -24.76 -3.16
C SER A 459 11.12 -24.42 -4.01
N PHE A 460 11.36 -23.88 -5.19
CA PHE A 460 10.27 -23.51 -6.10
C PHE A 460 10.26 -24.48 -7.29
N GLY A 461 10.98 -25.59 -7.14
CA GLY A 461 11.03 -26.61 -8.16
C GLY A 461 12.08 -26.37 -9.23
N ASP A 462 11.86 -25.33 -10.04
CA ASP A 462 12.72 -25.05 -11.18
C ASP A 462 13.65 -23.87 -10.96
N ASN A 463 13.69 -23.36 -9.74
CA ASN A 463 14.52 -22.19 -9.43
C ASN A 463 16.01 -22.48 -9.41
N GLU A 464 16.38 -23.76 -9.47
CA GLU A 464 17.78 -24.15 -9.57
C GLU A 464 18.11 -24.54 -11.00
N LEU A 465 17.21 -24.21 -11.91
CA LEU A 465 17.39 -24.41 -13.35
C LEU A 465 17.54 -25.88 -13.73
N SER A 466 16.73 -26.73 -13.10
CA SER A 466 16.64 -28.14 -13.46
C SER A 466 16.20 -28.39 -14.92
N PRO A 467 15.19 -27.64 -15.43
CA PRO A 467 14.81 -27.86 -16.82
C PRO A 467 15.95 -27.64 -17.82
N GLU A 468 16.65 -26.52 -17.70
CA GLU A 468 17.74 -26.19 -18.62
C GLU A 468 18.85 -27.24 -18.60
N CYS A 469 19.17 -27.75 -17.41
CA CYS A 469 20.22 -28.74 -17.26
C CYS A 469 19.84 -30.07 -17.90
N LEU A 470 18.59 -30.49 -17.69
CA LEU A 470 18.12 -31.77 -18.22
C LEU A 470 17.85 -31.71 -19.72
N ASP A 471 17.40 -30.55 -20.20
CA ASP A 471 17.15 -30.36 -21.63
C ASP A 471 18.43 -30.52 -22.44
N GLY A 472 19.54 -30.01 -21.89
CA GLY A 472 20.83 -30.10 -22.54
C GLY A 472 21.48 -31.47 -22.34
N ALA A 473 20.82 -32.31 -21.54
CA ALA A 473 21.32 -33.65 -21.27
C ALA A 473 20.33 -34.70 -21.78
N GLN A 474 19.33 -34.24 -22.53
CA GLN A 474 18.27 -35.11 -23.02
C GLN A 474 18.70 -35.92 -24.25
N HIS A 475 19.67 -35.38 -25.00
CA HIS A 475 20.07 -35.99 -26.26
C HIS A 475 20.68 -37.38 -26.12
N PHE A 476 21.43 -37.60 -25.04
CA PHE A 476 22.05 -38.92 -24.83
C PHE A 476 21.16 -39.85 -24.01
N LEU A 477 19.86 -39.55 -23.98
CA LEU A 477 18.88 -40.45 -23.38
C LEU A 477 18.21 -41.22 -24.51
N LYS A 478 18.02 -42.52 -24.31
CA LYS A 478 17.42 -43.37 -25.34
C LYS A 478 15.99 -42.96 -25.65
N ASP A 479 15.50 -43.40 -26.80
CA ASP A 479 14.17 -43.04 -27.29
C ASP A 479 13.07 -43.50 -26.33
N ASP A 480 13.35 -44.57 -25.58
CA ASP A 480 12.40 -45.09 -24.61
C ASP A 480 12.96 -44.93 -23.19
N GLY A 481 13.83 -43.93 -23.01
CA GLY A 481 14.47 -43.71 -21.73
C GLY A 481 13.58 -43.07 -20.69
N VAL A 482 13.87 -43.36 -19.43
CA VAL A 482 13.11 -42.82 -18.31
C VAL A 482 13.93 -41.81 -17.53
N SER A 483 13.33 -40.66 -17.24
CA SER A 483 14.02 -39.61 -16.49
C SER A 483 13.47 -39.50 -15.07
N ILE A 484 14.37 -39.46 -14.10
CA ILE A 484 13.99 -39.28 -12.70
C ILE A 484 14.60 -37.99 -12.16
N PRO A 485 13.74 -37.02 -11.78
CA PRO A 485 12.27 -37.12 -11.78
C PRO A 485 11.67 -36.94 -13.17
N GLY A 486 10.47 -37.48 -13.36
CA GLY A 486 9.78 -37.40 -14.63
C GLY A 486 9.11 -36.06 -14.85
N GLU A 487 8.64 -35.46 -13.76
CA GLU A 487 8.00 -34.14 -13.82
C GLU A 487 7.99 -33.45 -12.46
N TYR A 488 7.83 -32.13 -12.49
CA TYR A 488 7.68 -31.34 -11.28
C TYR A 488 6.88 -30.06 -11.54
N THR A 489 6.19 -29.57 -10.52
CA THR A 489 5.31 -28.43 -10.67
C THR A 489 5.43 -27.46 -9.50
N SER A 490 5.58 -26.17 -9.80
CA SER A 490 5.68 -25.15 -8.76
C SER A 490 4.28 -24.64 -8.38
N TYR A 491 4.16 -24.12 -7.16
CA TYR A 491 2.88 -23.61 -6.67
C TYR A 491 3.02 -22.24 -6.03
N LEU A 492 1.99 -21.42 -6.15
CA LEU A 492 1.97 -20.09 -5.55
C LEU A 492 0.73 -19.87 -4.70
N ALA A 493 0.91 -19.19 -3.58
CA ALA A 493 -0.20 -18.88 -2.68
C ALA A 493 -0.01 -17.52 -2.04
N PRO A 494 -1.06 -16.68 -2.07
CA PRO A 494 -1.00 -15.35 -1.47
C PRO A 494 -0.90 -15.45 0.05
N ILE A 495 0.06 -14.75 0.64
CA ILE A 495 0.28 -14.82 2.07
C ILE A 495 0.22 -13.47 2.75
N SER A 496 0.19 -13.49 4.08
CA SER A 496 0.24 -12.28 4.88
C SER A 496 1.27 -12.46 5.98
N SER A 497 2.24 -11.55 6.03
CA SER A 497 3.29 -11.60 7.04
C SER A 497 3.99 -10.26 7.20
N SER A 498 3.56 -9.49 8.19
CA SER A 498 4.21 -8.23 8.52
C SER A 498 5.60 -8.50 9.05
N LYS A 499 5.78 -9.68 9.62
CA LYS A 499 7.08 -10.11 10.15
C LYS A 499 8.10 -10.28 9.03
N LEU A 500 7.75 -11.10 8.05
CA LEU A 500 8.65 -11.38 6.92
C LEU A 500 8.89 -10.14 6.06
N TYR A 501 7.86 -9.30 5.91
CA TYR A 501 7.99 -8.10 5.09
C TYR A 501 9.02 -7.13 5.66
N ASN A 502 8.95 -6.88 6.96
CA ASN A 502 9.88 -5.97 7.61
C ASN A 502 11.29 -6.53 7.68
N GLU A 503 11.41 -7.85 7.63
CA GLU A 503 12.71 -8.50 7.57
C GLU A 503 13.35 -8.28 6.21
N VAL A 504 12.53 -8.36 5.16
CA VAL A 504 12.98 -8.09 3.80
C VAL A 504 13.30 -6.62 3.64
N ARG A 505 12.48 -5.77 4.26
CA ARG A 505 12.66 -4.32 4.20
C ARG A 505 13.99 -3.89 4.80
N ALA A 506 14.49 -4.67 5.74
CA ALA A 506 15.76 -4.38 6.40
C ALA A 506 16.94 -4.92 5.60
N CYS A 507 16.64 -5.65 4.53
CA CYS A 507 17.69 -6.23 3.68
C CYS A 507 18.17 -5.27 2.60
N ARG A 508 18.14 -3.97 2.91
CA ARG A 508 18.64 -2.97 1.99
C ARG A 508 20.16 -2.88 2.08
N GLU A 509 20.84 -3.28 1.02
CA GLU A 509 22.30 -3.22 0.96
C GLU A 509 22.76 -1.94 0.29
N LYS A 510 23.97 -1.52 0.61
CA LYS A 510 24.55 -0.33 0.00
C LYS A 510 24.97 -0.62 -1.43
N ASP A 511 25.17 0.45 -2.21
CA ASP A 511 25.65 0.35 -3.58
C ASP A 511 24.74 -0.47 -4.50
N ARG A 512 23.42 -0.32 -4.30
CA ARG A 512 22.45 -0.95 -5.20
C ARG A 512 21.08 -0.31 -5.04
N ASP A 513 20.12 -0.80 -5.81
CA ASP A 513 18.74 -0.32 -5.74
C ASP A 513 18.20 -0.51 -4.33
N PRO A 514 17.78 0.59 -3.68
CA PRO A 514 17.25 0.55 -2.30
C PRO A 514 15.95 -0.24 -2.17
N GLU A 515 15.36 -0.64 -3.29
CA GLU A 515 14.13 -1.44 -3.27
C GLU A 515 14.34 -2.81 -3.92
N ALA A 516 15.60 -3.13 -4.21
CA ALA A 516 15.93 -4.39 -4.89
C ALA A 516 15.59 -5.61 -4.05
N GLN A 517 15.58 -5.44 -2.74
CA GLN A 517 15.31 -6.54 -1.82
C GLN A 517 13.88 -7.08 -1.97
N PHE A 518 12.98 -6.24 -2.44
CA PHE A 518 11.59 -6.65 -2.63
C PHE A 518 11.36 -7.36 -3.96
N GLU A 519 12.37 -7.30 -4.83
CA GLU A 519 12.26 -7.90 -6.15
C GLU A 519 13.10 -9.17 -6.29
N PRO A 521 13.40 -13.48 -4.60
CA PRO A 521 12.84 -14.54 -3.76
C PRO A 521 13.69 -14.85 -2.55
N TYR A 522 13.05 -15.26 -1.46
CA TYR A 522 13.75 -15.65 -0.24
C TYR A 522 13.29 -17.03 0.22
N VAL A 523 14.24 -17.81 0.75
CA VAL A 523 13.90 -19.10 1.35
C VAL A 523 13.49 -18.87 2.80
N VAL A 524 12.22 -19.14 3.10
CA VAL A 524 11.68 -18.85 4.42
C VAL A 524 11.06 -20.08 5.08
N ARG A 525 10.36 -19.85 6.20
CA ARG A 525 9.68 -20.93 6.92
C ARG A 525 8.18 -20.70 6.98
N LEU A 526 7.44 -21.80 7.14
CA LEU A 526 5.98 -21.77 7.11
C LEU A 526 5.36 -20.95 8.25
N HIS A 527 5.88 -21.14 9.46
CA HIS A 527 5.29 -20.52 10.64
C HIS A 527 5.52 -19.02 10.71
N ASN A 528 6.35 -18.49 9.81
CA ASN A 528 6.63 -17.06 9.78
C ASN A 528 5.62 -16.27 8.96
N PHE A 529 4.70 -16.97 8.29
CA PHE A 529 3.66 -16.30 7.51
C PHE A 529 2.31 -17.00 7.62
N HIS A 530 1.26 -16.29 7.23
CA HIS A 530 -0.09 -16.84 7.22
C HIS A 530 -0.63 -16.90 5.79
N GLN A 531 -0.90 -18.11 5.33
CA GLN A 531 -1.41 -18.31 3.97
C GLN A 531 -2.86 -17.83 3.87
N LEU A 532 -3.15 -17.07 2.81
CA LEU A 532 -4.47 -16.47 2.65
C LEU A 532 -5.40 -17.27 1.76
N SER A 533 -4.84 -18.18 0.97
CA SER A 533 -5.64 -19.03 0.09
C SER A 533 -4.84 -20.25 -0.36
N ASP A 534 -5.55 -21.31 -0.75
CA ASP A 534 -4.91 -22.54 -1.21
C ASP A 534 -4.04 -22.29 -2.44
N PRO A 535 -2.85 -22.92 -2.49
CA PRO A 535 -1.89 -22.71 -3.56
C PRO A 535 -2.38 -23.27 -4.89
N LEU A 536 -2.05 -22.57 -5.98
CA LEU A 536 -2.41 -23.00 -7.33
C LEU A 536 -1.17 -23.44 -8.10
N PRO A 537 -1.33 -24.41 -9.01
CA PRO A 537 -0.21 -24.87 -9.84
C PRO A 537 0.30 -23.75 -10.75
N CYS A 538 1.60 -23.51 -10.72
CA CYS A 538 2.20 -22.44 -11.49
C CYS A 538 2.80 -22.94 -12.80
N PHE A 539 4.03 -23.44 -12.73
CA PHE A 539 4.72 -23.93 -13.91
C PHE A 539 5.00 -25.42 -13.79
N THR A 540 4.84 -26.14 -14.90
CA THR A 540 5.08 -27.58 -14.92
C THR A 540 6.13 -27.96 -15.96
N PHE A 541 7.10 -28.77 -15.53
CA PHE A 541 8.14 -29.23 -16.44
C PHE A 541 8.23 -30.76 -16.40
N HIS A 542 8.19 -31.38 -17.57
CA HIS A 542 8.29 -32.83 -17.67
C HIS A 542 9.53 -33.24 -18.44
N HIS A 543 10.09 -34.39 -18.09
CA HIS A 543 11.29 -34.89 -18.74
C HIS A 543 11.14 -36.36 -19.13
N PRO A 544 11.57 -36.72 -20.36
CA PRO A 544 12.17 -35.81 -21.35
C PRO A 544 11.13 -34.97 -22.09
N ASN A 545 11.46 -33.70 -22.31
CA ASN A 545 10.57 -32.80 -23.02
C ASN A 545 10.52 -33.10 -24.51
N LYS A 546 9.38 -33.60 -24.97
CA LYS A 546 9.23 -34.01 -26.36
C LYS A 546 8.50 -32.96 -27.19
N ASP A 547 8.57 -31.71 -26.76
CA ASP A 547 7.94 -30.61 -27.49
C ASP A 547 8.66 -30.33 -28.80
N ASP A 548 7.98 -29.63 -29.70
CA ASP A 548 8.57 -29.26 -30.98
C ASP A 548 9.74 -28.31 -30.78
N VAL A 549 9.45 -27.14 -30.24
CA VAL A 549 10.47 -26.17 -29.89
C VAL A 549 10.51 -25.98 -28.38
N ILE A 550 11.54 -26.52 -27.75
CA ILE A 550 11.68 -26.47 -26.30
C ILE A 550 11.85 -25.03 -25.79
N ASP A 551 10.89 -24.57 -25.01
CA ASP A 551 10.94 -23.24 -24.43
C ASP A 551 10.62 -23.30 -22.94
N ASN A 552 11.49 -22.70 -22.13
CA ASN A 552 11.29 -22.67 -20.68
C ASN A 552 10.75 -21.33 -20.21
N ASN A 553 10.36 -20.48 -21.15
CA ASN A 553 9.70 -19.22 -20.82
C ASN A 553 8.23 -19.44 -20.52
N ARG A 554 7.81 -19.10 -19.30
CA ARG A 554 6.47 -19.41 -18.85
C ARG A 554 5.70 -18.18 -18.36
N TYR A 555 4.37 -18.25 -18.42
CA TYR A 555 3.51 -17.16 -17.99
C TYR A 555 2.12 -17.68 -17.59
N CYS A 556 1.62 -17.18 -16.46
CA CYS A 556 0.30 -17.61 -15.98
C CYS A 556 -0.33 -16.56 -15.06
N CYS A 557 -1.67 -16.53 -15.03
CA CYS A 557 -2.41 -15.68 -14.12
C CYS A 557 -3.15 -16.51 -13.09
N LEU A 558 -2.75 -16.40 -11.83
CA LEU A 558 -3.37 -17.16 -10.77
C LEU A 558 -4.29 -16.27 -9.94
N GLN A 559 -5.53 -16.68 -9.76
CA GLN A 559 -6.50 -15.88 -9.02
C GLN A 559 -6.95 -16.58 -7.73
N TYR A 560 -7.03 -15.79 -6.66
CA TYR A 560 -7.43 -16.31 -5.36
C TYR A 560 -8.47 -15.39 -4.73
N ARG A 561 -9.40 -15.97 -3.98
CA ARG A 561 -10.43 -15.19 -3.31
C ARG A 561 -10.10 -15.01 -1.83
N VAL A 562 -10.18 -13.76 -1.37
CA VAL A 562 -9.86 -13.44 0.01
C VAL A 562 -11.09 -13.58 0.90
N ASP A 563 -10.95 -14.27 2.03
CA ASP A 563 -12.07 -14.53 2.92
C ASP A 563 -11.90 -13.78 4.25
N LEU A 564 -10.86 -12.96 4.34
CA LEU A 564 -10.59 -12.21 5.56
C LEU A 564 -10.21 -10.76 5.23
N ASN A 565 -10.13 -9.94 6.26
CA ASN A 565 -9.59 -8.60 6.11
C ASN A 565 -8.12 -8.58 6.54
N THR A 566 -7.24 -8.66 5.57
CA THR A 566 -5.81 -8.78 5.86
C THR A 566 -4.96 -7.96 4.89
N VAL A 567 -3.65 -8.11 5.00
CA VAL A 567 -2.73 -7.37 4.14
C VAL A 567 -1.85 -8.32 3.35
N LEU A 568 -1.87 -8.18 2.02
CA LEU A 568 -1.04 -8.99 1.14
C LEU A 568 0.42 -8.52 1.19
N HIS A 569 1.32 -9.42 1.55
CA HIS A 569 2.73 -9.07 1.65
C HIS A 569 3.59 -9.77 0.59
N GLY A 570 3.04 -10.82 -0.02
CA GLY A 570 3.76 -11.54 -1.04
C GLY A 570 3.12 -12.88 -1.38
N PHE A 571 3.92 -13.78 -1.95
CA PHE A 571 3.43 -15.09 -2.36
C PHE A 571 4.40 -16.19 -1.94
N ALA A 572 3.87 -17.24 -1.32
CA ALA A 572 4.68 -18.39 -0.95
C ALA A 572 4.80 -19.34 -2.14
N GLY A 573 5.97 -19.96 -2.28
CA GLY A 573 6.21 -20.89 -3.36
C GLY A 573 6.51 -22.29 -2.87
N TYR A 574 5.77 -23.26 -3.38
CA TYR A 574 6.00 -24.65 -3.06
C TYR A 574 6.21 -25.43 -4.35
N PHE A 575 6.47 -26.73 -4.24
CA PHE A 575 6.61 -27.57 -5.41
C PHE A 575 6.32 -29.03 -5.08
N ASN A 576 5.89 -29.78 -6.09
CA ASN A 576 5.74 -31.22 -5.98
C ASN A 576 6.39 -31.87 -7.20
N THR A 577 6.82 -33.12 -7.05
CA THR A 577 7.50 -33.81 -8.14
C THR A 577 7.18 -35.29 -8.18
N VAL A 578 7.27 -35.87 -9.38
CA VAL A 578 7.06 -37.29 -9.57
C VAL A 578 8.36 -37.95 -10.04
N LEU A 579 9.05 -38.61 -9.12
CA LEU A 579 10.29 -39.30 -9.45
C LEU A 579 10.01 -40.41 -10.44
N TYR A 580 9.34 -41.46 -9.97
CA TYR A 580 8.79 -42.48 -10.85
C TYR A 580 7.31 -42.63 -10.53
N LYS A 581 6.62 -43.51 -11.24
CA LYS A 581 5.19 -43.73 -11.07
C LYS A 581 4.81 -43.92 -9.61
N ASP A 582 3.90 -43.07 -9.13
CA ASP A 582 3.36 -43.13 -7.76
C ASP A 582 4.35 -42.75 -6.66
N VAL A 583 5.65 -42.81 -6.96
CA VAL A 583 6.67 -42.37 -6.01
C VAL A 583 6.92 -40.87 -6.16
N THR A 584 6.47 -40.09 -5.19
CA THR A 584 6.51 -38.64 -5.31
C THR A 584 7.16 -37.94 -4.13
N LEU A 585 7.45 -36.64 -4.32
CA LEU A 585 7.93 -35.78 -3.25
C LEU A 585 7.23 -34.43 -3.37
N SER A 586 6.86 -33.85 -2.23
CA SER A 586 6.12 -32.60 -2.24
C SER A 586 6.30 -31.78 -0.96
N ILE A 587 6.32 -30.47 -1.10
CA ILE A 587 6.37 -29.57 0.06
C ILE A 587 5.13 -28.70 0.12
N CYS A 588 4.12 -29.06 -0.67
CA CYS A 588 2.84 -28.37 -0.66
C CYS A 588 2.19 -28.51 0.72
N PRO A 589 1.50 -27.43 1.17
CA PRO A 589 0.89 -27.32 2.51
C PRO A 589 0.12 -28.56 2.97
N GLU A 590 -0.95 -28.91 2.27
CA GLU A 590 -1.78 -30.03 2.67
C GLU A 590 -1.55 -31.26 1.80
N SER A 591 -0.28 -31.62 1.63
CA SER A 591 0.08 -32.79 0.83
C SER A 591 0.24 -34.02 1.71
N HIS A 592 -0.26 -35.16 1.22
CA HIS A 592 -0.16 -36.42 1.95
C HIS A 592 1.04 -37.21 1.45
N SER A 593 1.79 -36.63 0.51
CA SER A 593 2.99 -37.25 -0.01
C SER A 593 4.19 -36.86 0.86
N PRO A 594 5.13 -37.79 1.05
CA PRO A 594 6.32 -37.53 1.88
C PRO A 594 7.23 -36.46 1.26
N GLY A 595 8.01 -35.80 2.09
CA GLY A 595 8.91 -34.76 1.63
C GLY A 595 8.55 -33.39 2.16
N PHE A 597 9.36 -32.16 4.88
CA PHE A 597 10.45 -31.61 5.66
C PHE A 597 11.76 -31.59 4.86
N SER A 598 11.64 -31.79 3.55
CA SER A 598 12.82 -31.89 2.69
C SER A 598 13.22 -30.55 2.08
N TRP A 599 12.30 -29.60 2.07
CA TRP A 599 12.58 -28.26 1.55
C TRP A 599 11.83 -27.19 2.32
N PHE A 600 12.48 -26.05 2.51
CA PHE A 600 11.80 -24.88 3.04
C PHE A 600 11.06 -24.21 1.89
N PRO A 601 9.91 -23.57 2.18
CA PRO A 601 9.18 -22.85 1.14
C PRO A 601 9.94 -21.60 0.67
N ILE A 602 9.51 -21.02 -0.44
CA ILE A 602 10.14 -19.81 -0.96
C ILE A 602 9.16 -18.64 -0.88
N LEU A 603 9.69 -17.42 -0.87
CA LEU A 603 8.85 -16.23 -0.73
C LEU A 603 9.15 -15.18 -1.79
N PHE A 604 8.11 -14.78 -2.53
CA PHE A 604 8.22 -13.67 -3.47
C PHE A 604 7.54 -12.44 -2.87
N PRO A 605 8.34 -11.53 -2.31
CA PRO A 605 7.83 -10.33 -1.62
C PRO A 605 7.13 -9.36 -2.54
N ILE A 606 6.49 -8.35 -1.96
CA ILE A 606 5.86 -7.28 -2.73
C ILE A 606 6.36 -5.94 -2.20
N LYS A 607 6.43 -4.95 -3.09
CA LYS A 607 6.92 -3.63 -2.70
C LYS A 607 5.90 -2.88 -1.85
N GLN A 608 4.72 -2.65 -2.42
CA GLN A 608 3.64 -2.00 -1.70
C GLN A 608 2.67 -3.05 -1.18
N PRO A 609 2.65 -3.26 0.14
CA PRO A 609 1.69 -4.19 0.75
C PRO A 609 0.25 -3.75 0.47
N ILE A 610 -0.64 -4.70 0.22
CA ILE A 610 -2.01 -4.37 -0.14
C ILE A 610 -3.01 -4.82 0.92
N PRO A 611 -3.62 -3.86 1.63
CA PRO A 611 -4.70 -4.15 2.57
C PRO A 611 -5.96 -4.55 1.81
N ARG A 613 -10.02 -6.44 1.69
CA ARG A 613 -11.25 -6.85 2.37
C ARG A 613 -11.58 -8.28 2.00
N GLU A 614 -12.58 -8.85 2.64
CA GLU A 614 -13.06 -10.18 2.26
C GLU A 614 -13.97 -10.07 1.04
N GLY A 615 -13.88 -11.05 0.15
CA GLY A 615 -14.64 -11.03 -1.08
C GLY A 615 -13.80 -10.52 -2.24
N ASP A 616 -12.66 -9.93 -1.93
CA ASP A 616 -11.72 -9.46 -2.94
C ASP A 616 -11.04 -10.62 -3.63
N THR A 617 -10.63 -10.40 -4.88
CA THR A 617 -9.90 -11.42 -5.62
C THR A 617 -8.46 -10.97 -5.85
N VAL A 618 -7.54 -11.93 -5.88
CA VAL A 618 -6.13 -11.63 -6.06
C VAL A 618 -5.58 -12.31 -7.30
N CYS A 619 -5.47 -11.56 -8.40
CA CYS A 619 -4.84 -12.08 -9.60
C CYS A 619 -3.37 -11.68 -9.64
N VAL A 620 -2.50 -12.66 -9.76
CA VAL A 620 -1.07 -12.40 -9.86
C VAL A 620 -0.52 -12.87 -11.20
N ARG A 621 0.17 -11.98 -11.89
CA ARG A 621 0.83 -12.33 -13.14
C ARG A 621 2.26 -12.77 -12.84
N PHE A 622 2.59 -14.01 -13.22
CA PHE A 622 3.91 -14.55 -12.94
C PHE A 622 4.64 -14.98 -14.19
N TRP A 623 5.87 -14.48 -14.36
CA TRP A 623 6.69 -14.80 -15.52
C TRP A 623 7.95 -15.57 -15.13
N ARG A 624 8.34 -16.50 -16.00
CA ARG A 624 9.65 -17.14 -15.88
C ARG A 624 10.42 -16.90 -17.18
N CYS A 625 11.50 -16.13 -17.08
CA CYS A 625 12.19 -15.67 -18.28
C CYS A 625 13.55 -16.35 -18.48
N ASN A 626 13.92 -16.54 -19.75
CA ASN A 626 15.19 -17.16 -20.10
C ASN A 626 15.76 -16.48 -21.34
N ASN A 627 16.76 -15.63 -21.15
CA ASN A 627 17.35 -14.87 -22.25
C ASN A 627 18.57 -15.54 -22.86
N GLY A 628 18.86 -16.77 -22.41
CA GLY A 628 20.00 -17.51 -22.92
C GLY A 628 21.22 -17.39 -22.03
N LYS A 629 21.33 -16.27 -21.33
CA LYS A 629 22.46 -16.05 -20.42
C LYS A 629 22.01 -16.09 -18.97
N LYS A 630 20.78 -15.66 -18.71
CA LYS A 630 20.23 -15.64 -17.36
C LYS A 630 18.81 -16.20 -17.33
N VAL A 631 18.38 -16.62 -16.14
CA VAL A 631 17.00 -17.03 -15.91
C VAL A 631 16.49 -16.32 -14.67
N TRP A 632 15.27 -15.79 -14.73
CA TRP A 632 14.70 -15.09 -13.58
C TRP A 632 13.18 -15.14 -13.55
N TYR A 633 12.61 -14.54 -12.52
CA TYR A 633 11.16 -14.46 -12.39
C TYR A 633 10.70 -13.00 -12.36
N GLU A 634 9.54 -12.74 -12.97
CA GLU A 634 8.91 -11.44 -12.89
C GLU A 634 7.47 -11.62 -12.43
N TRP A 635 7.06 -10.84 -11.43
CA TRP A 635 5.69 -10.96 -10.90
C TRP A 635 5.03 -9.61 -10.70
N ALA A 636 3.70 -9.60 -10.80
CA ALA A 636 2.92 -8.39 -10.63
C ALA A 636 1.53 -8.71 -10.12
N VAL A 637 0.96 -7.80 -9.32
CA VAL A 637 -0.38 -7.97 -8.79
C VAL A 637 -1.36 -7.07 -9.54
N THR A 638 -2.43 -7.65 -10.05
CA THR A 638 -3.41 -6.89 -10.83
C THR A 638 -4.77 -6.84 -10.16
N SER A 639 -4.87 -7.38 -8.96
CA SER A 639 -6.12 -7.37 -8.20
C SER A 639 -5.85 -7.63 -6.72
N PRO A 640 -6.53 -6.90 -5.83
CA PRO A 640 -7.55 -5.87 -6.10
C PRO A 640 -6.95 -4.57 -6.60
N VAL A 641 -5.75 -4.25 -6.14
CA VAL A 641 -5.04 -3.06 -6.59
C VAL A 641 -3.94 -3.46 -7.55
N CYS A 642 -3.78 -2.70 -8.64
CA CYS A 642 -2.78 -3.02 -9.65
C CYS A 642 -1.41 -2.49 -9.25
N SER A 643 -0.50 -3.40 -8.92
CA SER A 643 0.86 -3.02 -8.54
C SER A 643 1.74 -2.87 -9.77
N ALA A 644 3.05 -2.92 -9.56
CA ALA A 644 4.01 -2.84 -10.65
C ALA A 644 4.72 -4.18 -10.83
N ILE A 645 5.25 -4.40 -12.02
CA ILE A 645 5.98 -5.64 -12.31
C ILE A 645 7.30 -5.68 -11.55
N HIS A 646 7.46 -6.68 -10.69
CA HIS A 646 8.65 -6.82 -9.87
C HIS A 646 9.78 -7.50 -10.62
N ASN A 647 11.01 -7.09 -10.33
CA ASN A 647 12.21 -7.59 -11.01
C ASN A 647 12.11 -7.60 -12.53
N PRO A 648 11.83 -6.43 -13.14
CA PRO A 648 11.74 -6.42 -14.60
C PRO A 648 13.11 -6.62 -15.25
N THR A 649 13.17 -7.50 -16.25
CA THR A 649 14.40 -7.81 -16.97
C THR A 649 15.48 -8.36 -16.04
N GLY A 650 15.07 -8.94 -14.91
CA GLY A 650 15.99 -9.49 -13.94
C GLY A 650 16.98 -8.47 -13.40
N ARG A 651 16.52 -7.24 -13.23
CA ARG A 651 17.39 -6.15 -12.80
C ARG A 651 17.84 -6.30 -11.35
N SER A 652 17.11 -7.11 -10.58
CA SER A 652 17.42 -7.27 -9.16
C SER A 652 17.80 -8.71 -8.82
N TYR A 653 17.28 -9.66 -9.58
CA TYR A 653 17.54 -11.07 -9.31
C TYR A 653 17.60 -11.90 -10.59
N THR A 654 18.66 -12.69 -10.72
CA THR A 654 18.81 -13.61 -11.84
C THR A 654 19.38 -14.96 -11.39
N ILE A 655 19.29 -15.96 -12.26
CA ILE A 655 19.88 -17.27 -11.97
C ILE A 655 20.83 -17.64 -13.10
N GLY A 656 22.02 -18.09 -12.74
CA GLY A 656 23.09 -18.32 -13.70
C GLY A 656 22.86 -19.43 -14.70
N LEU A 657 23.04 -19.11 -15.97
CA LEU A 657 22.93 -20.06 -17.08
C LEU A 657 21.54 -20.70 -17.15
N CYS B 40 13.66 11.98 61.02
CA CYS B 40 12.46 12.74 61.35
C CYS B 40 11.30 12.33 60.44
N GLU B 42 8.88 12.16 57.33
CA GLU B 42 9.12 12.23 55.89
C GLU B 42 8.62 13.55 55.32
N VAL B 43 9.28 14.03 54.27
CA VAL B 43 8.99 15.33 53.68
C VAL B 43 7.54 15.44 53.19
N GLN B 44 7.16 14.59 52.25
CA GLN B 44 5.83 14.64 51.66
C GLN B 44 4.78 14.12 52.62
N ILE B 45 3.83 14.99 52.96
CA ILE B 45 2.73 14.61 53.86
C ILE B 45 1.54 14.08 53.06
N GLY B 46 1.05 12.90 53.46
CA GLY B 46 0.00 12.21 52.73
C GLY B 46 -1.41 12.70 53.02
N ALA B 47 -1.79 12.76 54.29
CA ALA B 47 -3.15 13.14 54.65
C ALA B 47 -3.26 13.68 56.07
N VAL B 48 -4.45 14.21 56.39
CA VAL B 48 -4.75 14.72 57.73
C VAL B 48 -6.14 14.28 58.17
N ARG B 49 -6.24 13.76 59.40
CA ARG B 49 -7.50 13.23 59.90
C ARG B 49 -7.83 13.72 61.31
N TYR B 50 -9.12 13.90 61.57
CA TYR B 50 -9.61 14.27 62.89
C TYR B 50 -10.44 13.14 63.51
N ARG B 51 -10.31 12.95 64.81
CA ARG B 51 -10.88 11.78 65.50
C ARG B 51 -12.29 12.03 66.05
N ARG B 52 -12.72 13.28 66.00
CA ARG B 52 -13.95 13.77 66.66
C ARG B 52 -13.75 13.96 68.16
N ASP B 53 -12.57 13.56 68.64
CA ASP B 53 -12.13 13.90 69.98
C ASP B 53 -11.33 15.19 69.88
N GLY B 54 -10.69 15.38 68.73
CA GLY B 54 -9.92 16.58 68.45
C GLY B 54 -8.47 16.27 68.12
N ALA B 55 -8.15 14.99 67.99
CA ALA B 55 -6.78 14.56 67.73
C ALA B 55 -6.39 14.72 66.26
N LEU B 56 -5.13 15.04 66.03
CA LEU B 56 -4.61 15.23 64.68
C LEU B 56 -3.87 14.00 64.19
N LEU B 57 -4.40 13.36 63.16
CA LEU B 57 -3.75 12.20 62.56
C LEU B 57 -3.07 12.60 61.25
N LEU B 58 -1.75 12.46 61.21
CA LEU B 58 -0.98 12.86 60.04
C LEU B 58 -0.28 11.66 59.39
N ALA B 59 -0.18 11.70 58.07
CA ALA B 59 0.49 10.65 57.31
C ALA B 59 1.54 11.24 56.40
N ALA B 60 2.75 10.67 56.44
CA ALA B 60 3.85 11.16 55.63
C ALA B 60 4.57 10.03 54.91
N SER B 61 5.18 10.35 53.76
CA SER B 61 5.88 9.35 52.96
C SER B 61 7.05 9.96 52.20
N SER B 62 8.14 9.22 52.10
CA SER B 62 9.30 9.65 51.34
C SER B 62 9.14 9.26 49.87
N LEU B 63 9.27 10.23 48.99
CA LEU B 63 9.02 9.99 47.56
C LEU B 63 10.25 10.26 46.68
N SER B 64 11.34 10.70 47.30
CA SER B 64 12.55 11.03 46.54
C SER B 64 13.80 11.03 47.41
N SER B 65 14.19 9.85 47.88
CA SER B 65 15.40 9.73 48.69
C SER B 65 16.03 8.35 48.52
N ARG B 66 17.03 8.06 49.35
CA ARG B 66 17.71 6.76 49.31
C ARG B 66 16.76 5.67 49.80
N THR B 67 15.77 6.06 50.59
CA THR B 67 14.76 5.13 51.10
C THR B 67 13.36 5.73 50.96
N TRP B 68 12.49 5.00 50.28
CA TRP B 68 11.11 5.46 50.08
C TRP B 68 10.17 4.90 51.14
N GLY B 69 10.28 5.42 52.35
CA GLY B 69 9.46 4.94 53.46
C GLY B 69 8.30 5.86 53.80
N GLY B 70 7.70 5.63 54.97
CA GLY B 70 6.58 6.42 55.42
C GLY B 70 6.34 6.28 56.91
N SER B 71 5.47 7.11 57.46
CA SER B 71 5.20 7.08 58.89
C SER B 71 3.84 7.70 59.25
N ILE B 72 3.28 7.26 60.38
CA ILE B 72 2.02 7.78 60.88
C ILE B 72 2.24 8.55 62.17
N TRP B 73 1.70 9.77 62.25
CA TRP B 73 1.88 10.62 63.42
C TRP B 73 0.55 11.04 64.02
N VAL B 74 0.51 11.12 65.35
CA VAL B 74 -0.70 11.54 66.06
C VAL B 74 -0.41 12.74 66.94
N PHE B 75 -1.24 13.78 66.83
CA PHE B 75 -1.08 14.98 67.63
C PHE B 75 -2.35 15.31 68.40
N LYS B 76 -2.25 15.31 69.72
CA LYS B 76 -3.38 15.66 70.57
C LYS B 76 -3.62 17.16 70.51
N ASP B 77 -2.54 17.91 70.28
CA ASP B 77 -2.62 19.35 70.13
C ASP B 77 -1.90 19.78 68.84
N PRO B 78 -2.68 19.99 67.76
CA PRO B 78 -2.14 20.32 66.44
C PRO B 78 -1.48 21.70 66.41
N GLU B 79 -0.29 21.81 66.99
CA GLU B 79 0.46 23.06 66.99
C GLU B 79 1.94 22.81 66.67
N ASN B 83 7.10 18.65 62.75
CA ASN B 83 6.95 18.85 64.19
C ASN B 83 6.96 17.51 64.93
N GLU B 84 8.06 16.79 64.81
CA GLU B 84 8.17 15.43 65.36
C GLU B 84 8.40 15.39 66.87
N SER B 85 9.05 16.42 67.40
CA SER B 85 9.40 16.43 68.82
C SER B 85 8.26 16.90 69.73
N LEU B 86 7.07 17.05 69.15
CA LEU B 86 5.90 17.48 69.92
C LEU B 86 4.73 16.53 69.79
N CYS B 87 4.94 15.41 69.11
CA CYS B 87 3.89 14.42 68.91
C CYS B 87 3.67 13.59 70.16
N THR B 88 2.47 13.01 70.29
CA THR B 88 2.17 12.12 71.39
C THR B 88 2.68 10.72 71.08
N ALA B 89 2.64 10.36 69.80
CA ALA B 89 3.11 9.06 69.36
C ALA B 89 3.45 9.08 67.87
N GLY B 90 4.52 8.38 67.49
CA GLY B 90 4.94 8.29 66.11
C GLY B 90 5.58 6.95 65.82
N VAL B 91 5.47 6.51 64.56
CA VAL B 91 6.02 5.21 64.17
C VAL B 91 6.30 5.13 62.67
N GLN B 92 7.47 4.59 62.32
CA GLN B 92 7.82 4.35 60.92
C GLN B 92 7.28 3.00 60.46
N THR B 93 6.66 3.00 59.28
CA THR B 93 6.09 1.77 58.73
C THR B 93 7.13 1.02 57.90
N GLU B 94 6.65 0.10 57.06
CA GLU B 94 7.53 -0.66 56.19
C GLU B 94 7.73 0.03 54.85
N ALA B 95 6.71 0.78 54.43
CA ALA B 95 6.75 1.48 53.15
C ALA B 95 6.07 2.85 53.25
N GLY B 96 5.70 3.40 52.11
CA GLY B 96 5.04 4.70 52.06
C GLY B 96 3.56 4.60 52.35
N VAL B 97 2.96 5.71 52.75
CA VAL B 97 1.54 5.74 53.08
C VAL B 97 0.78 6.66 52.13
N THR B 98 -0.40 6.22 51.69
CA THR B 98 -1.19 6.99 50.74
C THR B 98 -2.41 7.62 51.41
N ASP B 99 -2.96 6.93 52.41
CA ASP B 99 -4.17 7.41 53.08
C ASP B 99 -4.30 6.78 54.47
N VAL B 100 -4.86 7.55 55.40
CA VAL B 100 -5.11 7.07 56.76
C VAL B 100 -6.52 7.41 57.22
N ALA B 101 -6.95 6.79 58.31
CA ALA B 101 -8.28 7.04 58.86
C ALA B 101 -8.36 6.66 60.33
N TRP B 102 -9.46 7.04 60.98
CA TRP B 102 -9.67 6.72 62.39
C TRP B 102 -10.68 5.60 62.56
N VAL B 103 -10.29 4.56 63.29
CA VAL B 103 -11.21 3.50 63.69
C VAL B 103 -11.53 3.67 65.17
N SER B 104 -12.77 4.04 65.47
CA SER B 104 -13.19 4.34 66.83
C SER B 104 -12.36 5.46 67.46
N GLU B 105 -11.50 5.11 68.42
CA GLU B 105 -10.72 6.11 69.14
C GLU B 105 -9.23 5.81 69.17
N LYS B 106 -8.85 4.54 69.00
CA LYS B 106 -7.44 4.16 69.06
C LYS B 106 -7.01 3.43 67.79
N GLY B 107 -7.98 2.93 67.03
CA GLY B 107 -7.69 2.22 65.80
C GLY B 107 -7.33 3.15 64.66
N ILE B 108 -6.24 2.84 63.96
CA ILE B 108 -5.79 3.65 62.83
C ILE B 108 -5.53 2.79 61.60
N LEU B 109 -6.33 3.00 60.56
CA LEU B 109 -6.15 2.27 59.30
C LEU B 109 -5.08 2.93 58.42
N VAL B 110 -4.27 2.11 57.78
CA VAL B 110 -3.16 2.60 56.96
C VAL B 110 -3.13 1.95 55.59
N ALA B 111 -3.07 2.77 54.55
CA ALA B 111 -2.91 2.29 53.18
C ALA B 111 -1.46 2.43 52.76
N SER B 112 -0.81 1.31 52.47
CA SER B 112 0.62 1.30 52.18
C SER B 112 0.95 1.08 50.71
N ASP B 113 2.21 1.33 50.34
CA ASP B 113 2.68 1.14 48.98
C ASP B 113 2.84 -0.34 48.66
N SER B 114 3.03 -1.15 49.70
CA SER B 114 3.25 -2.58 49.53
C SER B 114 1.94 -3.34 49.31
N GLY B 115 0.89 -2.61 48.98
CA GLY B 115 -0.41 -3.20 48.74
C GLY B 115 -1.02 -3.78 50.00
N ALA B 116 -0.64 -3.21 51.14
CA ALA B 116 -1.10 -3.71 52.43
C ALA B 116 -2.00 -2.71 53.14
N VAL B 117 -2.98 -3.23 53.88
CA VAL B 117 -3.84 -2.40 54.71
C VAL B 117 -3.56 -2.69 56.18
N GLU B 118 -2.96 -1.72 56.87
CA GLU B 118 -2.53 -1.91 58.24
C GLU B 118 -3.50 -1.31 59.25
N LEU B 119 -3.53 -1.89 60.45
CA LEU B 119 -4.34 -1.37 61.55
C LEU B 119 -3.46 -1.19 62.78
N TRP B 120 -3.54 -0.01 63.39
CA TRP B 120 -2.70 0.31 64.54
C TRP B 120 -3.54 0.72 65.74
N LEU B 129 1.32 3.52 69.77
CA LEU B 129 1.13 3.06 68.39
C LEU B 129 1.73 1.68 68.18
N VAL B 130 0.85 0.66 68.18
CA VAL B 130 1.27 -0.71 67.97
C VAL B 130 0.45 -1.36 66.86
N ASN B 131 1.15 -1.97 65.90
CA ASN B 131 0.48 -2.62 64.77
C ASN B 131 -0.25 -3.89 65.18
N LYS B 132 -1.48 -4.03 64.70
CA LYS B 132 -2.28 -5.23 64.97
C LYS B 132 -2.17 -6.25 63.85
N PHE B 133 -2.36 -5.82 62.62
CA PHE B 133 -2.18 -6.70 61.47
C PHE B 133 -1.75 -5.94 60.22
N ALA B 134 -1.24 -6.67 59.25
CA ALA B 134 -0.87 -6.15 57.95
C ALA B 134 -1.27 -7.14 56.89
N LYS B 135 -2.30 -6.81 56.13
CA LYS B 135 -2.85 -7.72 55.16
C LYS B 135 -2.48 -7.31 53.75
N TYR B 136 -1.65 -8.11 53.09
CA TYR B 136 -1.19 -7.82 51.76
C TYR B 136 -2.14 -8.32 50.69
N GLU B 137 -3.36 -7.83 50.69
CA GLU B 137 -4.40 -8.38 49.83
C GLU B 137 -4.39 -7.73 48.44
N HIS B 138 -3.92 -6.49 48.38
CA HIS B 138 -3.82 -5.78 47.10
C HIS B 138 -2.53 -6.13 46.36
N ASP B 139 -2.63 -6.26 45.05
CA ASP B 139 -1.47 -6.58 44.22
C ASP B 139 -0.64 -5.34 43.92
N ASP B 140 -1.29 -4.19 43.93
CA ASP B 140 -0.61 -2.92 43.68
C ASP B 140 -0.84 -1.95 44.84
N ILE B 141 -0.35 -0.72 44.68
CA ILE B 141 -0.45 0.28 45.74
C ILE B 141 -1.89 0.63 46.10
N VAL B 142 -2.22 0.50 47.39
CA VAL B 142 -3.53 0.90 47.89
C VAL B 142 -3.62 2.42 47.89
N LYS B 143 -4.61 2.95 47.18
CA LYS B 143 -4.70 4.39 46.96
C LYS B 143 -5.59 5.11 47.97
N THR B 144 -6.65 4.44 48.42
CA THR B 144 -7.64 5.08 49.27
C THR B 144 -8.39 4.08 50.17
N LEU B 145 -8.98 4.60 51.24
CA LEU B 145 -9.79 3.79 52.13
C LEU B 145 -10.71 4.65 53.00
N SER B 146 -11.91 4.16 53.26
CA SER B 146 -12.90 4.88 54.05
C SER B 146 -13.60 3.95 55.04
N VAL B 147 -13.52 4.31 56.32
CA VAL B 147 -14.12 3.50 57.37
C VAL B 147 -15.61 3.82 57.53
N PHE B 148 -16.42 2.80 57.77
CA PHE B 148 -17.85 2.98 57.97
C PHE B 148 -18.16 3.63 59.32
N SER B 149 -19.44 3.86 59.58
CA SER B 149 -19.88 4.53 60.80
C SER B 149 -19.56 3.72 62.05
N ASP B 150 -19.94 2.45 62.04
CA ASP B 150 -19.74 1.58 63.19
C ASP B 150 -18.27 1.37 63.51
N GLY B 151 -17.43 1.34 62.46
CA GLY B 151 -16.00 1.16 62.64
C GLY B 151 -15.59 -0.30 62.67
N THR B 152 -16.50 -1.18 62.25
CA THR B 152 -16.22 -2.60 62.19
C THR B 152 -15.96 -3.04 60.76
N GLN B 153 -16.17 -2.13 59.82
CA GLN B 153 -15.93 -2.39 58.41
C GLN B 153 -15.17 -1.26 57.73
N ALA B 154 -14.67 -1.53 56.53
CA ALA B 154 -13.93 -0.54 55.75
C ALA B 154 -13.87 -0.96 54.29
N VAL B 155 -13.74 0.03 53.40
CA VAL B 155 -13.59 -0.24 51.97
C VAL B 155 -12.25 0.27 51.47
N SER B 156 -11.56 -0.55 50.69
CA SER B 156 -10.24 -0.18 50.18
C SER B 156 -10.24 -0.03 48.67
N GLY B 157 -9.58 1.03 48.19
CA GLY B 157 -9.38 1.24 46.77
C GLY B 157 -7.92 1.13 46.43
N GLY B 158 -7.61 0.37 45.38
CA GLY B 158 -6.22 0.12 45.03
C GLY B 158 -5.87 0.42 43.59
N LYS B 159 -4.59 0.36 43.28
CA LYS B 159 -4.10 0.55 41.93
C LYS B 159 -4.28 -0.73 41.13
N ASP B 160 -4.59 -1.82 41.83
CA ASP B 160 -4.79 -3.12 41.21
C ASP B 160 -6.24 -3.32 40.76
N PHE B 161 -6.93 -2.20 40.51
CA PHE B 161 -8.28 -2.18 39.92
C PHE B 161 -9.36 -2.71 40.85
N SER B 162 -8.98 -3.13 42.06
CA SER B 162 -9.90 -3.83 42.95
C SER B 162 -10.47 -2.95 44.07
N VAL B 163 -11.68 -3.29 44.51
CA VAL B 163 -12.31 -2.64 45.65
C VAL B 163 -12.63 -3.69 46.70
N LYS B 164 -11.98 -3.59 47.86
CA LYS B 164 -12.12 -4.60 48.91
C LYS B 164 -12.85 -4.08 50.13
N VAL B 165 -13.86 -4.82 50.59
CA VAL B 165 -14.53 -4.52 51.85
C VAL B 165 -13.92 -5.35 52.97
N TRP B 166 -13.55 -4.69 54.06
CA TRP B 166 -12.80 -5.36 55.13
C TRP B 166 -13.61 -5.56 56.40
N ASP B 167 -13.27 -6.61 57.14
CA ASP B 167 -13.84 -6.86 58.46
C ASP B 167 -12.75 -6.62 59.50
N LEU B 168 -12.75 -5.42 60.08
CA LEU B 168 -11.70 -5.02 61.01
C LEU B 168 -11.70 -5.86 62.29
N SER B 169 -12.85 -6.43 62.61
CA SER B 169 -12.98 -7.26 63.81
C SER B 169 -12.31 -8.61 63.63
N GLN B 170 -12.23 -9.07 62.39
CA GLN B 170 -11.66 -10.39 62.10
C GLN B 170 -10.30 -10.28 61.41
N LYS B 171 -9.87 -9.05 61.14
CA LYS B 171 -8.59 -8.79 60.49
C LYS B 171 -8.47 -9.49 59.13
N ALA B 172 -9.57 -9.51 58.38
CA ALA B 172 -9.59 -10.16 57.08
C ALA B 172 -10.56 -9.47 56.13
N VAL B 173 -10.42 -9.76 54.84
CA VAL B 173 -11.27 -9.15 53.82
C VAL B 173 -12.53 -9.98 53.57
N LEU B 174 -13.67 -9.30 53.54
CA LEU B 174 -14.95 -9.97 53.26
C LEU B 174 -15.09 -10.31 51.78
N LYS B 175 -15.15 -9.27 50.95
CA LYS B 175 -15.34 -9.45 49.51
C LYS B 175 -14.45 -8.52 48.69
N SER B 176 -13.84 -9.06 47.65
CA SER B 176 -13.00 -8.28 46.75
C SER B 176 -13.71 -8.05 45.43
N TYR B 177 -14.03 -6.80 45.13
CA TYR B 177 -14.77 -6.46 43.92
C TYR B 177 -13.85 -5.93 42.82
N ASN B 178 -13.99 -6.49 41.63
CA ASN B 178 -13.26 -6.03 40.46
C ASN B 178 -14.21 -5.46 39.41
N ALA B 179 -14.74 -4.27 39.67
CA ALA B 179 -15.70 -3.64 38.78
C ALA B 179 -15.06 -2.54 37.95
N HIS B 180 -14.05 -1.90 38.51
CA HIS B 180 -13.32 -0.85 37.80
C HIS B 180 -12.30 -1.43 36.84
N SER B 181 -12.24 -0.88 35.63
CA SER B 181 -11.30 -1.35 34.62
C SER B 181 -10.00 -0.56 34.66
N SER B 182 -9.81 0.21 35.74
CA SER B 182 -8.59 0.97 35.92
C SER B 182 -8.35 1.25 37.40
N GLU B 183 -7.37 2.10 37.69
CA GLU B 183 -6.99 2.41 39.07
C GLU B 183 -8.16 3.06 39.83
N VAL B 184 -8.41 2.55 41.03
CA VAL B 184 -9.46 3.13 41.88
C VAL B 184 -8.93 4.35 42.62
N ASN B 185 -9.52 5.51 42.32
CA ASN B 185 -9.05 6.77 42.89
C ASN B 185 -9.52 7.00 44.33
N CYS B 186 -10.83 7.01 44.53
CA CYS B 186 -11.40 7.31 45.84
C CYS B 186 -12.62 6.47 46.17
N VAL B 187 -12.65 5.94 47.39
CA VAL B 187 -13.82 5.23 47.89
C VAL B 187 -14.39 5.96 49.11
N ALA B 188 -15.72 5.98 49.21
CA ALA B 188 -16.38 6.69 50.29
C ALA B 188 -17.54 5.88 50.87
N ALA B 189 -17.41 5.49 52.13
CA ALA B 189 -18.46 4.74 52.80
C ALA B 189 -19.63 5.64 53.19
N CYS B 190 -20.85 5.16 52.95
CA CYS B 190 -22.04 5.92 53.28
C CYS B 190 -22.33 5.84 54.78
N PRO B 191 -22.54 7.00 55.41
CA PRO B 191 -22.78 7.07 56.86
C PRO B 191 -24.10 6.42 57.28
N GLY B 192 -24.02 5.41 58.13
CA GLY B 192 -25.21 4.75 58.66
C GLY B 192 -25.64 3.55 57.84
N LYS B 193 -24.90 3.25 56.79
CA LYS B 193 -25.21 2.11 55.91
C LYS B 193 -24.00 1.21 55.73
N ASP B 194 -24.09 -0.01 56.24
CA ASP B 194 -22.96 -0.93 56.24
C ASP B 194 -22.78 -1.67 54.92
N THR B 195 -23.67 -1.42 53.96
CA THR B 195 -23.62 -2.12 52.69
C THR B 195 -23.47 -1.17 51.50
N ILE B 196 -23.53 0.13 51.76
CA ILE B 196 -23.49 1.12 50.70
C ILE B 196 -22.24 2.01 50.77
N PHE B 197 -21.55 2.14 49.65
CA PHE B 197 -20.40 3.02 49.54
C PHE B 197 -20.19 3.51 48.11
N LEU B 198 -19.34 4.52 47.94
CA LEU B 198 -19.04 5.06 46.63
C LEU B 198 -17.64 4.67 46.17
N SER B 199 -17.41 4.78 44.87
CA SER B 199 -16.10 4.48 44.30
C SER B 199 -15.92 5.13 42.94
N CYS B 200 -14.79 5.80 42.75
CA CYS B 200 -14.47 6.42 41.47
C CYS B 200 -13.07 5.99 41.02
N GLY B 201 -12.88 5.86 39.71
CA GLY B 201 -11.62 5.38 39.19
C GLY B 201 -11.14 6.08 37.93
N GLU B 202 -9.98 5.67 37.44
CA GLU B 202 -9.39 6.24 36.24
C GLU B 202 -10.11 5.78 34.97
N ASP B 203 -11.06 4.86 35.14
CA ASP B 203 -11.86 4.38 34.02
C ASP B 203 -13.03 5.33 33.74
N GLY B 204 -13.09 6.42 34.50
CA GLY B 204 -14.12 7.43 34.31
C GLY B 204 -15.46 7.00 34.87
N ARG B 205 -15.45 6.03 35.78
CA ARG B 205 -16.68 5.51 36.37
C ARG B 205 -16.88 5.98 37.81
N ILE B 206 -18.14 6.22 38.16
CA ILE B 206 -18.53 6.49 39.54
C ILE B 206 -19.59 5.49 39.94
N LEU B 207 -19.23 4.54 40.80
CA LEU B 207 -20.12 3.42 41.12
C LEU B 207 -20.82 3.57 42.46
N LEU B 208 -22.13 3.33 42.47
CA LEU B 208 -22.90 3.28 43.70
C LEU B 208 -23.06 1.82 44.11
N TRP B 209 -22.62 1.50 45.32
CA TRP B 209 -22.58 0.11 45.76
C TRP B 209 -23.67 -0.26 46.75
N ASP B 210 -24.08 -1.53 46.70
CA ASP B 210 -25.02 -2.10 47.65
C ASP B 210 -24.80 -3.61 47.70
N THR B 211 -24.00 -4.05 48.65
CA THR B 211 -23.56 -5.45 48.72
C THR B 211 -24.70 -6.45 48.88
N ARG B 212 -25.90 -5.95 49.14
CA ARG B 212 -27.08 -6.80 49.27
C ARG B 212 -27.53 -7.32 47.90
N LYS B 213 -27.06 -6.66 46.85
CA LYS B 213 -27.41 -7.02 45.48
C LYS B 213 -26.42 -8.01 44.89
N PRO B 214 -26.88 -8.84 43.94
CA PRO B 214 -25.97 -9.72 43.19
C PRO B 214 -25.06 -8.88 42.30
N LYS B 215 -25.56 -7.72 41.87
CA LYS B 215 -24.77 -6.76 41.13
C LYS B 215 -24.74 -5.44 41.89
N PRO B 216 -23.82 -5.32 42.85
CA PRO B 216 -23.73 -4.19 43.79
C PRO B 216 -23.51 -2.84 43.11
N ALA B 217 -22.56 -2.78 42.19
CA ALA B 217 -22.16 -1.51 41.58
C ALA B 217 -23.21 -0.93 40.63
N THR B 218 -23.33 0.40 40.64
CA THR B 218 -24.22 1.10 39.74
C THR B 218 -23.55 2.39 39.26
N ARG B 219 -23.38 2.51 37.95
CA ARG B 219 -22.69 3.67 37.37
C ARG B 219 -23.52 4.94 37.44
N ILE B 220 -22.94 5.99 38.01
CA ILE B 220 -23.63 7.27 38.15
C ILE B 220 -23.25 8.23 37.03
N ASP B 221 -24.27 8.88 36.45
CA ASP B 221 -24.05 9.82 35.36
C ASP B 221 -24.72 11.17 35.64
N PHE B 222 -24.05 12.25 35.29
CA PHE B 222 -24.58 13.59 35.45
C PHE B 222 -24.07 14.50 34.35
N CYS B 223 -24.32 15.80 34.48
CA CYS B 223 -23.85 16.76 33.49
C CYS B 223 -22.33 16.87 33.49
N ALA B 224 -21.73 16.66 32.32
CA ALA B 224 -20.28 16.65 32.16
C ALA B 224 -19.60 15.65 33.07
N SER B 225 -20.03 14.40 32.98
CA SER B 225 -19.42 13.31 33.76
C SER B 225 -18.55 12.45 32.86
N ASP B 226 -17.91 13.07 31.88
CA ASP B 226 -17.07 12.37 30.93
C ASP B 226 -15.61 12.35 31.36
N THR B 227 -15.24 13.30 32.22
CA THR B 227 -13.89 13.39 32.74
C THR B 227 -13.64 12.32 33.79
N ILE B 228 -12.38 12.16 34.20
CA ILE B 228 -12.01 11.17 35.19
C ILE B 228 -12.16 11.72 36.60
N PRO B 229 -13.05 11.10 37.40
CA PRO B 229 -13.27 11.50 38.80
C PRO B 229 -12.09 11.11 39.68
N THR B 230 -11.70 11.99 40.59
CA THR B 230 -10.54 11.76 41.45
C THR B 230 -10.91 11.58 42.92
N SER B 231 -11.99 12.23 43.34
CA SER B 231 -12.42 12.15 44.74
C SER B 231 -13.93 12.18 44.89
N VAL B 232 -14.44 11.42 45.87
CA VAL B 232 -15.86 11.40 46.18
C VAL B 232 -16.09 11.45 47.69
N THR B 233 -17.17 12.10 48.10
CA THR B 233 -17.54 12.17 49.51
C THR B 233 -19.04 12.34 49.68
N TRP B 234 -19.58 11.75 50.74
CA TRP B 234 -21.01 11.81 51.01
C TRP B 234 -21.41 13.12 51.69
N HIS B 235 -22.58 13.63 51.31
CA HIS B 235 -23.14 14.81 51.97
C HIS B 235 -23.77 14.38 53.29
N PRO B 236 -23.20 14.83 54.41
CA PRO B 236 -23.58 14.38 55.75
C PRO B 236 -25.02 14.69 56.15
N GLU B 237 -25.63 15.69 55.52
CA GLU B 237 -26.98 16.10 55.91
C GLU B 237 -27.99 16.11 54.76
N LYS B 238 -27.94 15.07 53.92
CA LYS B 238 -28.92 14.92 52.84
C LYS B 238 -28.93 13.49 52.31
N ASP B 239 -30.14 12.99 52.05
CA ASP B 239 -30.30 11.62 51.59
C ASP B 239 -29.97 11.48 50.11
N ASP B 240 -29.18 10.47 49.78
CA ASP B 240 -28.81 10.15 48.40
C ASP B 240 -28.16 11.34 47.67
N THR B 241 -27.22 11.99 48.35
CA THR B 241 -26.53 13.15 47.76
C THR B 241 -25.05 13.13 48.10
N PHE B 242 -24.21 13.39 47.10
CA PHE B 242 -22.76 13.43 47.32
C PHE B 242 -22.10 14.46 46.41
N ALA B 243 -20.84 14.76 46.69
CA ALA B 243 -20.08 15.72 45.90
C ALA B 243 -18.76 15.12 45.43
N CYS B 244 -18.49 15.24 44.14
CA CYS B 244 -17.28 14.66 43.56
C CYS B 244 -16.44 15.71 42.82
N GLY B 245 -15.21 15.35 42.49
CA GLY B 245 -14.32 16.21 41.74
C GLY B 245 -13.70 15.46 40.57
N ASP B 246 -12.71 16.07 39.92
CA ASP B 246 -12.04 15.43 38.80
C ASP B 246 -10.59 15.88 38.64
N GLU B 247 -10.03 15.58 37.47
CA GLU B 247 -8.63 15.92 37.18
C GLU B 247 -8.52 17.28 36.50
N THR B 248 -9.63 17.74 35.92
CA THR B 248 -9.65 19.03 35.23
C THR B 248 -9.72 20.19 36.22
N GLY B 249 -10.32 19.94 37.38
CA GLY B 249 -10.42 20.97 38.41
C GLY B 249 -11.83 21.24 38.87
N ASN B 250 -12.80 20.64 38.18
CA ASN B 250 -14.20 20.85 38.50
C ASN B 250 -14.65 20.10 39.76
N VAL B 251 -15.53 20.72 40.52
CA VAL B 251 -16.16 20.08 41.67
C VAL B 251 -17.66 20.05 41.47
N SER B 252 -18.24 18.85 41.52
CA SER B 252 -19.65 18.67 41.19
C SER B 252 -20.47 18.16 42.37
N LEU B 253 -21.59 18.83 42.64
CA LEU B 253 -22.54 18.36 43.63
C LEU B 253 -23.69 17.66 42.91
N VAL B 254 -23.81 16.36 43.12
CA VAL B 254 -24.81 15.57 42.40
C VAL B 254 -25.66 14.69 43.32
N ASN B 255 -26.97 14.88 43.27
CA ASN B 255 -27.91 14.02 43.97
C ASN B 255 -28.09 12.74 43.16
N ILE B 256 -28.09 11.60 43.85
CA ILE B 256 -28.22 10.31 43.19
C ILE B 256 -29.51 10.24 42.38
N LYS B 257 -30.60 10.70 42.96
CA LYS B 257 -31.85 10.88 42.22
C LYS B 257 -31.86 12.27 41.62
N ASN B 258 -32.45 12.41 40.43
CA ASN B 258 -32.50 13.69 39.72
C ASN B 258 -31.12 14.28 39.47
N PRO B 259 -30.37 13.70 38.51
CA PRO B 259 -29.04 14.20 38.16
C PRO B 259 -29.12 15.38 37.19
N ASP B 260 -30.32 15.71 36.76
CA ASP B 260 -30.53 16.77 35.78
C ASP B 260 -30.31 18.15 36.39
N SER B 261 -30.34 18.24 37.71
CA SER B 261 -30.16 19.51 38.40
C SER B 261 -28.78 19.59 39.06
N ALA B 262 -27.95 18.59 38.82
CA ALA B 262 -26.61 18.52 39.40
C ALA B 262 -25.79 19.75 39.02
N GLN B 263 -25.28 20.44 40.04
CA GLN B 263 -24.53 21.67 39.82
C GLN B 263 -23.02 21.44 39.90
N THR B 264 -22.32 21.86 38.85
CA THR B 264 -20.87 21.72 38.80
C THR B 264 -20.21 23.08 38.97
N SER B 265 -18.90 23.08 39.23
CA SER B 265 -18.16 24.32 39.43
C SER B 265 -16.66 24.10 39.21
N ALA B 266 -16.10 24.83 38.25
CA ALA B 266 -14.67 24.78 37.99
C ALA B 266 -13.90 25.50 39.09
N VAL B 267 -13.91 24.92 40.29
CA VAL B 267 -13.28 25.52 41.44
C VAL B 267 -11.75 25.56 41.31
N HIS B 268 -11.20 24.53 40.69
CA HIS B 268 -9.75 24.42 40.55
C HIS B 268 -9.32 24.26 39.10
N SER B 269 -8.02 24.17 38.87
CA SER B 269 -7.47 24.05 37.53
C SER B 269 -6.78 22.71 37.31
N GLN B 270 -6.42 22.04 38.41
CA GLN B 270 -5.77 20.75 38.33
C GLN B 270 -6.55 19.67 39.09
N ASN B 271 -5.94 18.50 39.24
CA ASN B 271 -6.60 17.36 39.87
C ASN B 271 -7.01 17.59 41.32
N ILE B 272 -8.28 17.34 41.62
CA ILE B 272 -8.78 17.41 42.99
C ILE B 272 -8.13 16.32 43.83
N THR B 273 -7.61 16.70 44.99
CA THR B 273 -6.90 15.76 45.85
C THR B 273 -7.58 15.54 47.19
N GLY B 274 -8.81 16.06 47.33
CA GLY B 274 -9.55 15.89 48.56
C GLY B 274 -10.86 16.66 48.60
N LEU B 275 -11.85 16.08 49.29
CA LEU B 275 -13.15 16.69 49.46
C LEU B 275 -13.68 16.43 50.87
N ALA B 276 -13.91 17.49 51.63
CA ALA B 276 -14.36 17.36 53.01
C ALA B 276 -15.50 18.30 53.36
N TYR B 277 -16.63 17.75 53.77
CA TYR B 277 -17.77 18.54 54.20
C TYR B 277 -17.64 18.94 55.67
N SER B 278 -18.17 20.11 56.00
CA SER B 278 -18.07 20.64 57.37
C SER B 278 -19.10 20.02 58.31
N TYR B 279 -18.98 20.36 59.60
CA TYR B 279 -19.85 19.81 60.63
C TYR B 279 -21.02 20.72 60.94
N HIS B 280 -21.72 21.17 59.91
CA HIS B 280 -22.87 22.07 60.10
C HIS B 280 -24.16 21.41 59.63
N SER B 281 -25.28 22.08 59.89
CA SER B 281 -26.58 21.61 59.42
C SER B 281 -26.64 21.69 57.90
N SER B 282 -26.26 22.86 57.38
CA SER B 282 -26.07 23.04 55.95
C SER B 282 -24.57 23.25 55.71
N PRO B 283 -23.83 22.13 55.58
CA PRO B 283 -22.36 22.14 55.60
C PRO B 283 -21.72 22.79 54.38
N PHE B 284 -20.45 23.14 54.54
CA PHE B 284 -19.65 23.71 53.45
C PHE B 284 -18.82 22.60 52.82
N LEU B 285 -18.21 22.89 51.68
CA LEU B 285 -17.38 21.90 51.00
C LEU B 285 -15.97 22.42 50.73
N ALA B 286 -15.00 21.94 51.50
CA ALA B 286 -13.61 22.33 51.32
C ALA B 286 -12.97 21.51 50.21
N SER B 287 -12.43 22.20 49.21
CA SER B 287 -11.83 21.53 48.06
C SER B 287 -10.35 21.88 47.90
N ILE B 288 -9.52 20.85 47.80
CA ILE B 288 -8.09 21.03 47.56
C ILE B 288 -7.70 20.38 46.23
N SER B 289 -6.58 20.81 45.67
CA SER B 289 -6.18 20.31 44.36
C SER B 289 -4.67 20.34 44.13
N GLU B 290 -4.26 20.06 42.90
CA GLU B 290 -2.84 20.07 42.55
C GLU B 290 -2.39 21.46 42.10
N ASP B 291 -3.29 22.44 42.18
CA ASP B 291 -2.95 23.81 41.85
C ASP B 291 -2.44 24.55 43.09
N CYS B 292 -2.18 23.79 44.15
CA CYS B 292 -1.65 24.32 45.40
C CYS B 292 -2.58 25.34 46.06
N THR B 293 -3.89 25.15 45.86
CA THR B 293 -4.87 26.08 46.42
C THR B 293 -5.93 25.36 47.25
N VAL B 294 -6.35 26.00 48.33
CA VAL B 294 -7.44 25.49 49.15
C VAL B 294 -8.68 26.34 48.92
N ALA B 295 -9.82 25.71 48.73
CA ALA B 295 -11.06 26.43 48.45
C ALA B 295 -12.26 25.83 49.17
N VAL B 296 -13.20 26.69 49.55
CA VAL B 296 -14.41 26.25 50.25
C VAL B 296 -15.67 26.85 49.63
N LEU B 297 -16.58 25.99 49.21
CA LEU B 297 -17.86 26.44 48.67
C LEU B 297 -18.91 26.42 49.77
N ASP B 298 -19.88 27.32 49.68
CA ASP B 298 -20.94 27.39 50.70
C ASP B 298 -22.06 26.40 50.40
N ALA B 299 -23.15 26.49 51.17
CA ALA B 299 -24.29 25.62 50.97
C ALA B 299 -24.96 25.87 49.62
N ASP B 300 -24.86 27.11 49.15
CA ASP B 300 -25.43 27.48 47.85
C ASP B 300 -24.41 27.29 46.73
N PHE B 301 -23.34 26.57 47.04
CA PHE B 301 -22.29 26.23 46.06
C PHE B 301 -21.62 27.46 45.45
N SER B 302 -21.15 28.35 46.32
CA SER B 302 -20.39 29.53 45.89
C SER B 302 -19.15 29.67 46.76
N GLU B 303 -18.05 30.13 46.16
CA GLU B 303 -16.77 30.19 46.86
C GLU B 303 -16.79 31.15 48.05
N VAL B 304 -16.18 30.71 49.15
CA VAL B 304 -16.13 31.52 50.38
C VAL B 304 -14.69 31.72 50.84
N PHE B 305 -13.91 30.64 50.87
CA PHE B 305 -12.54 30.69 51.34
C PHE B 305 -11.53 30.36 50.23
N ARG B 306 -10.35 30.94 50.32
CA ARG B 306 -9.27 30.69 49.37
C ARG B 306 -7.92 31.00 50.00
N ASP B 307 -6.99 30.05 49.90
CA ASP B 307 -5.66 30.22 50.48
C ASP B 307 -4.56 29.77 49.52
N LEU B 308 -3.55 30.61 49.36
CA LEU B 308 -2.45 30.31 48.45
C LEU B 308 -1.13 30.20 49.20
N SER B 309 -1.20 29.86 50.48
CA SER B 309 -0.01 29.80 51.33
C SER B 309 0.85 28.58 51.05
N HIS B 310 0.27 27.57 50.40
CA HIS B 310 0.99 26.35 50.07
C HIS B 310 1.96 26.55 48.92
N ARG B 311 3.15 25.96 49.05
CA ARG B 311 4.17 26.06 48.00
C ARG B 311 4.31 24.74 47.25
N ASP B 312 3.32 23.87 47.41
CA ASP B 312 3.33 22.55 46.77
C ASP B 312 1.91 21.98 46.73
N PHE B 313 1.79 20.74 46.24
CA PHE B 313 0.50 20.06 46.16
C PHE B 313 -0.11 19.87 47.54
N VAL B 314 -1.29 20.45 47.76
CA VAL B 314 -2.02 20.22 49.00
C VAL B 314 -2.70 18.86 48.96
N THR B 315 -2.46 18.04 49.98
CA THR B 315 -2.86 16.64 49.96
C THR B 315 -4.08 16.31 50.82
N GLY B 316 -4.16 16.92 51.99
CA GLY B 316 -5.22 16.59 52.93
C GLY B 316 -6.10 17.77 53.35
N VAL B 317 -7.26 17.45 53.90
CA VAL B 317 -8.18 18.45 54.41
C VAL B 317 -9.18 17.83 55.38
N ALA B 318 -9.39 18.47 56.53
CA ALA B 318 -10.30 17.97 57.55
C ALA B 318 -10.82 19.08 58.45
N TRP B 319 -12.13 19.09 58.68
CA TRP B 319 -12.75 20.08 59.56
C TRP B 319 -12.62 19.68 61.01
N SER B 320 -12.33 20.65 61.87
CA SER B 320 -12.19 20.39 63.29
C SER B 320 -13.54 20.28 63.99
N PRO B 321 -13.72 19.23 64.80
CA PRO B 321 -14.95 18.97 65.55
C PRO B 321 -15.19 20.03 66.63
N LEU B 322 -14.10 20.54 67.20
CA LEU B 322 -14.19 21.58 68.22
C LEU B 322 -14.69 22.87 67.61
N ASP B 323 -13.80 23.57 66.89
CA ASP B 323 -14.16 24.79 66.19
C ASP B 323 -14.75 24.43 64.83
N HIS B 324 -16.05 24.65 64.67
CA HIS B 324 -16.75 24.33 63.43
C HIS B 324 -16.50 25.36 62.33
N SER B 325 -15.43 26.14 62.47
CA SER B 325 -15.02 27.09 61.46
C SER B 325 -13.56 26.83 61.11
N LYS B 326 -12.90 26.04 61.93
CA LYS B 326 -11.49 25.71 61.73
C LYS B 326 -11.31 24.39 60.98
N PHE B 327 -10.57 24.44 59.87
CA PHE B 327 -10.23 23.25 59.12
C PHE B 327 -8.75 23.25 58.74
N THR B 328 -8.14 22.06 58.75
CA THR B 328 -6.70 21.95 58.55
C THR B 328 -6.34 21.28 57.22
N THR B 329 -5.38 21.87 56.52
CA THR B 329 -4.90 21.31 55.25
C THR B 329 -3.40 21.02 55.30
N VAL B 330 -2.99 19.93 54.65
CA VAL B 330 -1.58 19.57 54.59
C VAL B 330 -1.14 19.35 53.14
N GLY B 331 0.17 19.41 52.91
CA GLY B 331 0.71 19.23 51.57
C GLY B 331 2.12 18.67 51.56
N TRP B 332 2.70 18.59 50.37
CA TRP B 332 4.06 18.07 50.20
C TRP B 332 5.11 19.12 50.56
N ASP B 333 4.65 20.30 50.97
CA ASP B 333 5.55 21.37 51.36
C ASP B 333 5.86 21.32 52.85
N HIS B 334 5.52 20.20 53.48
CA HIS B 334 5.72 19.99 54.91
C HIS B 334 5.03 21.07 55.74
N LYS B 335 3.79 21.39 55.38
CA LYS B 335 3.03 22.42 56.07
C LYS B 335 1.71 21.90 56.64
N VAL B 336 1.37 22.39 57.82
CA VAL B 336 0.10 22.08 58.47
C VAL B 336 -0.64 23.39 58.74
N LEU B 337 -1.47 23.81 57.79
CA LEU B 337 -2.12 25.11 57.87
C LEU B 337 -3.55 25.01 58.40
N HIS B 338 -3.84 25.79 59.42
CA HIS B 338 -5.17 25.83 60.02
C HIS B 338 -5.93 27.07 59.53
N HIS B 339 -7.09 26.84 58.92
CA HIS B 339 -7.85 27.93 58.32
C HIS B 339 -9.18 28.14 59.03
N HIS B 340 -9.61 29.39 59.12
CA HIS B 340 -10.87 29.73 59.80
C HIS B 340 -11.85 30.44 58.87
N LEU B 341 -13.11 30.03 58.93
CA LEU B 341 -14.17 30.67 58.16
C LEU B 341 -14.57 31.99 58.79
N PRO B 342 -15.06 32.94 57.98
CA PRO B 342 -15.50 34.24 58.51
C PRO B 342 -16.73 34.10 59.39
N ARG C 32 0.57 26.98 -32.12
CA ARG C 32 -0.05 27.28 -33.39
C ARG C 32 -0.57 26.05 -34.10
N VAL C 33 -1.09 25.10 -33.32
CA VAL C 33 -1.63 23.85 -33.81
C VAL C 33 -0.62 23.01 -34.59
N SER C 34 0.04 22.08 -33.89
CA SER C 34 0.93 21.13 -34.52
C SER C 34 0.17 19.85 -34.81
N SER C 35 0.11 19.45 -36.07
CA SER C 35 -0.72 18.33 -36.48
C SER C 35 0.04 17.24 -37.24
N GLY C 36 -0.46 16.01 -37.10
CA GLY C 36 0.13 14.87 -37.79
C GLY C 36 -0.93 14.08 -38.55
N ARG C 37 -0.49 13.19 -39.43
CA ARG C 37 -1.40 12.40 -40.25
C ARG C 37 -1.24 10.91 -39.96
N ASP C 38 -2.34 10.25 -39.65
CA ASP C 38 -2.33 8.81 -39.41
C ASP C 38 -2.74 8.04 -40.65
N VAL C 39 -1.84 7.22 -41.16
CA VAL C 39 -2.12 6.41 -42.33
C VAL C 39 -2.11 4.92 -41.98
N ALA C 40 -2.93 4.15 -42.69
CA ALA C 40 -3.03 2.72 -42.45
C ALA C 40 -1.89 1.96 -43.14
N CYS C 41 -1.51 2.44 -44.31
CA CYS C 41 -0.44 1.81 -45.08
C CYS C 41 0.16 2.80 -46.07
N VAL C 42 1.46 2.72 -46.27
CA VAL C 42 2.16 3.63 -47.17
C VAL C 42 2.77 2.89 -48.36
N THR C 43 2.30 3.23 -49.56
CA THR C 43 2.81 2.60 -50.77
C THR C 43 4.16 3.20 -51.19
N GLU C 44 4.34 4.48 -50.90
CA GLU C 44 5.58 5.18 -51.21
C GLU C 44 5.87 6.24 -50.15
N VAL C 45 6.93 6.01 -49.37
CA VAL C 45 7.26 6.88 -48.25
C VAL C 45 7.63 8.29 -48.69
N ALA C 46 8.50 8.39 -49.70
CA ALA C 46 8.97 9.69 -50.19
C ALA C 46 7.84 10.53 -50.77
N ASP C 47 6.89 9.87 -51.42
CA ASP C 47 5.77 10.56 -52.05
C ASP C 47 4.71 10.97 -51.03
N THR C 48 4.47 10.11 -50.05
CA THR C 48 3.46 10.36 -49.03
C THR C 48 3.86 11.52 -48.11
N LEU C 49 5.14 11.60 -47.79
CA LEU C 49 5.66 12.67 -46.93
C LEU C 49 5.44 14.05 -47.54
N GLY C 50 5.78 14.18 -48.82
CA GLY C 50 5.59 15.44 -49.52
C GLY C 50 4.13 15.77 -49.73
N ALA C 51 3.32 14.72 -49.87
CA ALA C 51 1.88 14.88 -50.07
C ALA C 51 1.21 15.42 -48.82
N ALA C 53 2.82 17.00 -46.51
CA ALA C 53 3.47 18.28 -46.24
C ALA C 53 2.70 19.40 -46.92
N ASN C 54 2.20 19.12 -48.12
CA ASN C 54 1.42 20.08 -48.88
C ASN C 54 0.04 20.31 -48.27
N GLN C 55 -0.42 19.35 -47.47
CA GLN C 55 -1.70 19.44 -46.81
C GLN C 55 -1.58 20.27 -45.52
N GLY C 56 -0.38 20.33 -44.97
CA GLY C 56 -0.14 21.10 -43.76
C GLY C 56 0.18 20.27 -42.53
N PHE C 57 0.55 19.01 -42.74
CA PHE C 57 0.91 18.13 -41.63
C PHE C 57 2.40 18.26 -41.29
N ASP C 58 2.72 18.12 -40.00
CA ASP C 58 4.10 18.23 -39.54
C ASP C 58 4.80 16.88 -39.50
N PHE C 59 4.14 15.89 -38.90
CA PHE C 59 4.71 14.54 -38.82
C PHE C 59 3.75 13.51 -39.42
N LEU C 60 4.19 12.25 -39.45
CA LEU C 60 3.41 11.18 -40.05
C LEU C 60 3.43 9.91 -39.21
N CYS C 61 2.25 9.42 -38.87
CA CYS C 61 2.13 8.16 -38.14
C CYS C 61 1.97 6.99 -39.11
N PRO C 63 3.23 2.72 -40.17
CA PRO C 63 3.82 1.46 -39.72
C PRO C 63 5.20 1.23 -40.36
N ILE C 64 6.16 0.77 -39.56
CA ILE C 64 7.50 0.50 -40.06
C ILE C 64 7.58 -0.88 -40.70
N PHE C 65 6.62 -1.73 -40.35
CA PHE C 65 6.44 -3.01 -41.02
C PHE C 65 5.07 -3.02 -41.67
N HIS C 66 4.91 -3.74 -42.77
CA HIS C 66 3.62 -3.81 -43.45
C HIS C 66 2.59 -4.48 -42.55
N PRO C 67 1.44 -3.82 -42.34
CA PRO C 67 0.38 -4.26 -41.43
C PRO C 67 -0.19 -5.65 -41.76
N ARG C 68 0.02 -6.12 -42.98
CA ARG C 68 -0.45 -7.44 -43.37
C ARG C 68 0.68 -8.47 -43.38
N PHE C 69 1.92 -7.97 -43.41
CA PHE C 69 3.08 -8.86 -43.51
C PHE C 69 3.34 -9.60 -42.20
N LYS C 70 2.54 -10.63 -41.95
CA LYS C 70 2.71 -11.48 -40.78
C LYS C 70 3.92 -12.39 -41.02
N ARG C 71 4.56 -12.83 -39.94
CA ARG C 71 5.78 -13.61 -40.07
C ARG C 71 5.94 -14.67 -38.97
N GLU C 72 6.53 -15.81 -39.34
CA GLU C 72 6.75 -16.91 -38.42
C GLU C 72 8.17 -16.85 -37.85
N PHE C 73 8.33 -17.28 -36.60
CA PHE C 73 9.63 -17.22 -35.94
C PHE C 73 10.12 -18.58 -35.47
N TYR C 74 9.23 -19.57 -35.46
CA TYR C 74 9.56 -20.87 -34.87
C TYR C 74 9.31 -22.07 -35.77
N LYS C 75 8.30 -21.97 -36.63
CA LYS C 75 7.89 -23.12 -37.44
C LYS C 75 8.26 -23.02 -38.91
N GLU C 76 8.91 -24.06 -39.43
CA GLU C 76 9.24 -24.15 -40.86
C GLU C 76 7.98 -24.45 -41.66
N PRO C 77 7.96 -24.06 -42.95
CA PRO C 77 9.01 -23.35 -43.68
C PRO C 77 8.82 -21.83 -43.67
N ALA C 78 7.74 -21.36 -43.05
CA ALA C 78 7.44 -19.94 -43.01
C ALA C 78 8.50 -19.16 -42.22
N LYS C 79 9.17 -19.87 -41.31
CA LYS C 79 10.25 -19.28 -40.53
C LYS C 79 11.41 -18.87 -41.42
N SER C 80 11.70 -19.69 -42.42
CA SER C 80 12.83 -19.46 -43.32
C SER C 80 12.45 -18.60 -44.52
N ARG C 81 11.55 -17.64 -44.30
CA ARG C 81 11.11 -16.74 -45.37
C ARG C 81 12.25 -15.82 -45.80
N PRO C 82 12.63 -15.89 -47.09
CA PRO C 82 13.71 -15.07 -47.64
C PRO C 82 13.25 -13.63 -47.89
N GLY C 83 14.16 -12.80 -48.37
CA GLY C 83 13.85 -11.41 -48.66
C GLY C 83 13.85 -10.54 -47.41
N PRO C 84 13.71 -9.22 -47.60
CA PRO C 84 13.70 -8.26 -46.50
C PRO C 84 12.48 -8.43 -45.61
N GLN C 85 12.60 -8.04 -44.34
CA GLN C 85 11.46 -8.06 -43.43
C GLN C 85 10.61 -6.82 -43.63
N THR C 86 11.27 -5.73 -43.99
CA THR C 86 10.60 -4.46 -44.26
C THR C 86 11.51 -3.55 -45.07
N ARG C 87 11.01 -2.37 -45.42
CA ARG C 87 11.81 -1.39 -46.14
C ARG C 87 12.95 -0.86 -45.26
N SER C 88 14.13 -0.71 -45.85
CA SER C 88 15.34 -0.35 -45.09
C SER C 88 15.30 1.08 -44.57
N ASP C 89 16.32 1.43 -43.79
CA ASP C 89 16.43 2.74 -43.17
C ASP C 89 16.98 3.79 -44.13
N LEU C 90 17.43 3.34 -45.30
CA LEU C 90 18.08 4.23 -46.25
C LEU C 90 17.07 4.92 -47.18
N LEU C 91 15.79 4.72 -46.94
CA LEU C 91 14.75 5.39 -47.71
C LEU C 91 14.64 6.85 -47.29
N LEU C 92 14.91 7.11 -46.01
CA LEU C 92 14.87 8.46 -45.47
C LEU C 92 16.19 8.78 -44.77
N SER C 93 16.46 10.07 -44.60
CA SER C 93 17.65 10.49 -43.86
C SER C 93 17.41 10.30 -42.38
N GLY C 94 18.50 10.31 -41.60
CA GLY C 94 18.40 10.18 -40.16
C GLY C 94 17.61 11.31 -39.54
N ARG C 95 17.68 12.47 -40.18
CA ARG C 95 16.93 13.64 -39.74
C ARG C 95 15.43 13.41 -39.85
N ASP C 96 15.03 12.77 -40.95
CA ASP C 96 13.61 12.50 -41.19
C ASP C 96 13.02 11.51 -40.20
N TRP C 97 13.77 10.43 -39.94
CA TRP C 97 13.32 9.40 -39.01
C TRP C 97 13.14 9.95 -37.60
N ASN C 98 13.97 10.92 -37.23
CA ASN C 98 13.97 11.46 -35.88
C ASN C 98 12.97 12.59 -35.66
N THR C 99 12.39 13.10 -36.74
CA THR C 99 11.53 14.28 -36.65
C THR C 99 10.20 14.15 -37.38
N LEU C 100 10.16 13.33 -38.43
CA LEU C 100 8.98 13.26 -39.29
C LEU C 100 8.17 11.98 -39.16
N ILE C 101 8.76 10.94 -38.57
CA ILE C 101 8.13 9.63 -38.53
C ILE C 101 7.76 9.15 -37.13
N VAL C 102 6.49 8.80 -36.95
CA VAL C 102 6.04 8.15 -35.72
C VAL C 102 5.61 6.73 -36.04
N GLY C 103 6.39 5.76 -35.58
CA GLY C 103 6.15 4.35 -35.90
C GLY C 103 4.84 3.80 -35.35
N LYS C 104 4.28 2.84 -36.06
CA LYS C 104 3.04 2.20 -35.64
C LYS C 104 3.20 0.69 -35.53
N LEU C 105 2.84 0.15 -34.38
CA LEU C 105 2.92 -1.29 -34.13
C LEU C 105 1.89 -2.05 -34.95
N SER C 106 2.27 -3.22 -35.45
CA SER C 106 1.36 -4.07 -36.22
C SER C 106 0.18 -4.52 -35.37
N ASP C 107 -1.01 -4.44 -35.93
CA ASP C 107 -2.23 -4.75 -35.19
C ASP C 107 -2.48 -6.24 -35.02
N TRP C 108 -1.82 -7.06 -35.84
CA TRP C 108 -1.98 -8.51 -35.75
C TRP C 108 -1.21 -9.08 -34.56
N ILE C 109 -0.37 -8.24 -33.94
CA ILE C 109 0.40 -8.64 -32.78
C ILE C 109 -0.45 -8.58 -31.52
N LYS C 110 -0.67 -9.74 -30.90
CA LYS C 110 -1.46 -9.82 -29.67
C LYS C 110 -0.67 -10.54 -28.58
N THR C 111 0.04 -9.77 -27.77
CA THR C 111 0.94 -10.34 -26.76
C THR C 111 0.22 -10.89 -25.54
N ASP C 112 -1.08 -10.63 -25.44
CA ASP C 112 -1.86 -11.15 -24.32
C ASP C 112 -2.95 -12.11 -24.79
N SER C 113 -2.70 -12.76 -25.92
CA SER C 113 -3.61 -13.77 -26.45
C SER C 113 -3.63 -15.00 -25.55
N GLU C 114 -4.81 -15.57 -25.37
CA GLU C 114 -4.95 -16.78 -24.55
C GLU C 114 -4.36 -18.00 -25.24
N VAL C 115 -4.15 -17.89 -26.55
CA VAL C 115 -3.51 -18.95 -27.32
C VAL C 115 -2.00 -18.87 -27.14
N SER C 116 -1.41 -19.95 -26.62
CA SER C 116 0.01 -19.99 -26.31
C SER C 116 0.90 -19.75 -27.53
N ARG C 117 0.54 -20.36 -28.66
CA ARG C 117 1.32 -20.22 -29.89
C ARG C 117 1.29 -18.79 -30.39
N ILE C 118 0.13 -18.16 -30.30
CA ILE C 118 -0.03 -16.77 -30.75
C ILE C 118 0.70 -15.82 -29.80
N ARG C 119 0.66 -16.13 -28.50
CA ARG C 119 1.34 -15.31 -27.51
C ARG C 119 2.85 -15.30 -27.74
N LYS C 120 3.39 -16.46 -28.09
CA LYS C 120 4.81 -16.60 -28.37
C LYS C 120 5.22 -15.78 -29.60
N THR C 121 4.48 -15.96 -30.69
CA THR C 121 4.75 -15.27 -31.95
C THR C 121 4.70 -13.76 -31.78
N SER C 122 3.71 -13.29 -31.02
CA SER C 122 3.55 -11.86 -30.77
C SER C 122 4.72 -11.29 -29.98
N GLU C 123 5.19 -12.05 -28.99
CA GLU C 123 6.33 -11.63 -28.17
C GLU C 123 7.57 -11.43 -29.03
N ALA C 124 7.77 -12.31 -30.01
CA ALA C 124 8.89 -12.20 -30.92
C ALA C 124 8.72 -11.00 -31.85
N ALA C 125 7.50 -10.81 -32.32
CA ALA C 125 7.17 -9.71 -33.23
C ALA C 125 7.21 -8.37 -32.49
N GLN C 127 9.12 -7.57 -29.83
CA GLN C 127 10.52 -7.22 -29.64
C GLN C 127 11.17 -6.77 -30.94
N GLN C 128 10.79 -7.41 -32.04
CA GLN C 128 11.36 -7.11 -33.35
C GLN C 128 11.06 -5.67 -33.78
N GLU C 129 9.80 -5.25 -33.64
CA GLU C 129 9.39 -3.93 -34.08
C GLU C 129 9.83 -2.83 -33.12
N LEU C 130 9.90 -3.15 -31.84
CA LEU C 130 10.37 -2.20 -30.84
C LEU C 130 11.86 -1.91 -31.06
N ASN C 131 12.61 -2.95 -31.42
CA ASN C 131 14.03 -2.81 -31.68
C ASN C 131 14.31 -2.03 -32.97
N PHE C 132 13.45 -2.21 -33.96
CA PHE C 132 13.61 -1.53 -35.24
C PHE C 132 13.28 -0.05 -35.12
N SER C 133 12.29 0.28 -34.28
CA SER C 133 11.90 1.66 -34.07
C SER C 133 13.01 2.44 -33.39
N ALA C 134 13.75 1.77 -32.51
CA ALA C 134 14.87 2.38 -31.81
C ALA C 134 16.09 2.46 -32.72
N TYR C 135 16.20 1.51 -33.63
CA TYR C 135 17.29 1.48 -34.60
C TYR C 135 17.19 2.67 -35.54
N LEU C 136 15.97 3.03 -35.93
CA LEU C 136 15.75 4.16 -36.82
C LEU C 136 15.92 5.49 -36.10
N GLY C 137 15.78 5.45 -34.77
CA GLY C 137 15.89 6.66 -33.96
C GLY C 137 14.60 7.44 -33.94
N LEU C 138 13.49 6.71 -33.96
CA LEU C 138 12.16 7.32 -33.96
C LEU C 138 11.89 8.08 -32.66
N PRO C 139 11.25 9.25 -32.77
CA PRO C 139 10.91 10.07 -31.60
C PRO C 139 9.71 9.49 -30.84
N ALA C 140 8.85 8.78 -31.54
CA ALA C 140 7.66 8.20 -30.92
C ALA C 140 7.23 6.91 -31.61
N PHE C 141 6.59 6.02 -30.84
CA PHE C 141 6.12 4.75 -31.37
C PHE C 141 4.74 4.42 -30.81
N LEU C 142 3.78 4.21 -31.72
CA LEU C 142 2.39 3.96 -31.34
C LEU C 142 2.14 2.51 -30.95
N ILE C 143 1.65 2.30 -29.73
CA ILE C 143 1.24 0.99 -29.25
C ILE C 143 -0.19 1.07 -28.72
N PRO C 144 -1.14 0.52 -29.49
CA PRO C 144 -2.57 0.61 -29.14
C PRO C 144 -2.97 -0.38 -28.04
N LEU C 145 -3.86 0.06 -27.16
CA LEU C 145 -4.44 -0.81 -26.14
C LEU C 145 -5.89 -1.12 -26.50
N LYS C 146 -6.18 -2.39 -26.76
CA LYS C 146 -7.49 -2.78 -27.26
C LYS C 146 -8.28 -3.61 -26.23
N GLN C 147 -7.70 -3.79 -25.05
CA GLN C 147 -8.35 -4.57 -24.01
C GLN C 147 -7.86 -4.18 -22.61
N GLU C 148 -8.42 -4.81 -21.60
CA GLU C 148 -8.05 -4.52 -20.21
C GLU C 148 -6.76 -5.23 -19.83
N ASP C 149 -6.59 -6.45 -20.34
CA ASP C 149 -5.42 -7.25 -20.03
C ASP C 149 -4.27 -6.96 -20.98
N ASN C 150 -3.32 -6.15 -20.50
CA ASN C 150 -2.11 -5.85 -21.26
C ASN C 150 -0.88 -6.12 -20.41
N SER C 151 -0.96 -7.18 -19.61
CA SER C 151 0.11 -7.54 -18.68
C SER C 151 1.41 -7.89 -19.40
N ASN C 152 1.32 -8.80 -20.35
CA ASN C 152 2.51 -9.26 -21.07
C ASN C 152 3.11 -8.16 -21.96
N LEU C 153 2.25 -7.26 -22.43
CA LEU C 153 2.71 -6.13 -23.23
C LEU C 153 3.59 -5.22 -22.40
N SER C 154 3.12 -4.89 -21.20
CA SER C 154 3.86 -4.04 -20.28
C SER C 154 5.20 -4.67 -19.89
N ARG C 155 5.19 -5.99 -19.75
CA ARG C 155 6.39 -6.74 -19.40
C ARG C 155 7.44 -6.60 -20.50
N LEU C 156 7.00 -6.75 -21.75
CA LEU C 156 7.89 -6.67 -22.89
C LEU C 156 8.37 -5.24 -23.14
N LEU C 157 7.50 -4.27 -22.87
CA LEU C 157 7.81 -2.88 -23.14
C LEU C 157 8.87 -2.33 -22.17
N ILE C 158 8.66 -2.54 -20.88
CA ILE C 158 9.61 -2.07 -19.87
C ILE C 158 10.93 -2.82 -19.96
N ASN C 159 10.89 -4.03 -20.51
CA ASN C 159 12.11 -4.78 -20.78
C ASN C 159 12.92 -4.11 -21.89
N HIS C 160 12.24 -3.73 -22.96
CA HIS C 160 12.88 -3.05 -24.08
C HIS C 160 13.48 -1.73 -23.65
N ILE C 161 12.78 -1.03 -22.76
CA ILE C 161 13.25 0.26 -22.25
C ILE C 161 14.49 0.07 -21.38
N HIS C 162 14.49 -0.98 -20.57
CA HIS C 162 15.60 -1.26 -19.66
C HIS C 162 16.85 -1.78 -20.37
N VAL C 163 16.65 -2.51 -21.47
CA VAL C 163 17.77 -3.04 -22.22
C VAL C 163 18.29 -2.00 -23.23
N GLY C 164 19.18 -1.13 -22.76
CA GLY C 164 19.86 -0.19 -23.62
C GLY C 164 18.99 0.84 -24.31
N HIS C 165 18.24 0.40 -25.32
CA HIS C 165 17.49 1.28 -26.22
C HIS C 165 16.70 2.39 -25.52
N HIS C 166 16.84 3.61 -26.04
CA HIS C 166 16.41 4.81 -25.33
C HIS C 166 15.95 5.90 -26.28
N SER C 167 15.62 7.06 -25.71
CA SER C 167 15.23 8.26 -26.45
C SER C 167 14.01 8.08 -27.34
N THR C 168 13.22 7.05 -27.07
CA THR C 168 12.01 6.80 -27.84
C THR C 168 10.76 6.89 -26.97
N PHE C 170 6.90 6.51 -26.05
CA PHE C 170 5.94 5.46 -26.40
C PHE C 170 4.50 5.96 -26.23
N TRP C 171 3.86 6.29 -27.34
CA TRP C 171 2.48 6.76 -27.32
C TRP C 171 1.51 5.59 -27.25
N ARG C 173 -2.05 4.40 -27.68
CA ARG C 173 -3.35 4.73 -28.26
C ARG C 173 -4.48 4.11 -27.46
N VAL C 174 -5.18 4.95 -26.70
CA VAL C 174 -6.30 4.52 -25.89
C VAL C 174 -7.53 5.38 -26.19
N PRO C 175 -8.62 4.75 -26.67
CA PRO C 175 -9.85 5.47 -26.98
C PRO C 175 -10.56 5.92 -25.70
N LEU C 176 -11.22 7.06 -25.74
CA LEU C 176 -11.95 7.57 -24.58
C LEU C 176 -13.12 6.65 -24.24
N ALA C 178 -14.79 2.60 -25.19
CA ALA C 178 -14.52 1.30 -25.76
C ALA C 178 -15.25 1.13 -27.11
N PRO C 179 -14.60 0.43 -28.06
CA PRO C 179 -15.17 0.20 -29.38
C PRO C 179 -16.53 -0.52 -29.32
N ASN C 180 -16.70 -1.36 -28.31
CA ASN C 180 -17.95 -2.09 -28.12
C ASN C 180 -19.05 -1.21 -27.54
N ASP C 181 -18.66 -0.06 -26.99
CA ASP C 181 -19.62 0.88 -26.43
C ASP C 181 -19.96 1.98 -27.42
N LEU C 182 -19.30 1.96 -28.57
CA LEU C 182 -19.53 2.98 -29.61
C LEU C 182 -20.17 2.37 -30.86
N ARG C 183 -20.30 1.05 -30.88
CA ARG C 183 -20.90 0.36 -32.02
C ARG C 183 -22.41 0.62 -32.06
N ASP C 184 -23.01 0.32 -33.20
CA ASP C 184 -24.45 0.51 -33.38
C ASP C 184 -25.23 -0.70 -32.87
N ASP C 185 -26.38 -0.44 -32.24
CA ASP C 185 -27.23 -1.51 -31.74
C ASP C 185 -27.90 -2.24 -32.88
N LEU C 186 -27.15 -3.17 -33.50
CA LEU C 186 -27.64 -3.91 -34.65
C LEU C 186 -27.72 -5.41 -34.39
N ILE C 187 -27.26 -5.82 -33.22
CA ILE C 187 -27.30 -7.23 -32.84
C ILE C 187 -28.46 -7.50 -31.90
N GLU C 188 -29.48 -8.19 -32.42
CA GLU C 188 -30.71 -8.43 -31.66
C GLU C 188 -30.51 -9.33 -30.44
N ASN C 189 -29.48 -10.17 -30.48
CA ASN C 189 -29.17 -11.04 -29.36
C ASN C 189 -27.99 -10.55 -28.53
N GLU C 190 -27.65 -9.28 -28.70
CA GLU C 190 -26.57 -8.66 -27.93
C GLU C 190 -26.67 -7.13 -27.98
N PRO C 191 -27.52 -6.56 -27.12
CA PRO C 191 -27.73 -5.11 -27.05
C PRO C 191 -26.46 -4.39 -26.59
N GLU C 202 -17.60 3.89 -19.76
CA GLU C 202 -17.03 5.20 -19.46
C GLU C 202 -15.78 5.08 -18.59
N GLU C 203 -15.85 4.21 -17.59
CA GLU C 203 -14.70 3.96 -16.72
C GLU C 203 -13.86 2.82 -17.25
N ARG C 204 -14.35 2.18 -18.32
CA ARG C 204 -13.73 0.98 -18.87
C ARG C 204 -12.32 1.21 -19.41
N THR C 205 -12.20 2.13 -20.37
CA THR C 205 -10.92 2.38 -21.02
C THR C 205 -9.91 3.09 -20.10
N TRP C 206 -10.42 3.69 -19.03
CA TRP C 206 -9.55 4.33 -18.05
C TRP C 206 -8.75 3.29 -17.27
N ILE C 207 -9.39 2.15 -16.99
CA ILE C 207 -8.72 1.06 -16.31
C ILE C 207 -7.63 0.47 -17.20
N TRP C 208 -7.87 0.48 -18.51
CA TRP C 208 -6.90 -0.02 -19.49
C TRP C 208 -5.59 0.75 -19.36
N TRP C 209 -5.69 2.08 -19.33
CA TRP C 209 -4.53 2.95 -19.24
C TRP C 209 -3.91 2.93 -17.85
N HIS C 210 -4.75 2.94 -16.82
CA HIS C 210 -4.27 2.98 -15.44
C HIS C 210 -3.52 1.71 -15.06
N ASN C 211 -4.09 0.55 -15.36
CA ASN C 211 -3.47 -0.72 -15.06
C ASN C 211 -2.15 -0.92 -15.80
N PHE C 212 -2.12 -0.48 -17.05
CA PHE C 212 -0.92 -0.59 -17.87
C PHE C 212 0.19 0.31 -17.35
N ARG C 213 -0.17 1.54 -16.98
CA ARG C 213 0.80 2.51 -16.50
C ARG C 213 1.32 2.11 -15.12
N SER C 214 0.42 1.58 -14.28
CA SER C 214 0.80 1.12 -12.96
C SER C 214 1.75 -0.07 -13.06
N LEU C 215 1.48 -0.95 -14.01
CA LEU C 215 2.32 -2.11 -14.26
C LEU C 215 3.69 -1.68 -14.77
N CYS C 216 3.71 -0.60 -15.55
CA CYS C 216 4.94 -0.06 -16.10
C CYS C 216 5.64 0.87 -15.11
N ASP C 217 5.10 0.94 -13.89
CA ASP C 217 5.67 1.74 -12.81
C ASP C 217 5.79 3.21 -13.19
N TYR C 218 4.82 3.70 -13.94
CA TYR C 218 4.78 5.11 -14.34
C TYR C 218 6.05 5.58 -15.03
N ASN C 219 6.52 4.78 -15.99
CA ASN C 219 7.75 5.10 -16.72
C ASN C 219 7.62 6.40 -17.51
N LYS C 220 8.69 7.18 -17.50
CA LYS C 220 8.70 8.50 -18.12
C LYS C 220 8.61 8.42 -19.65
N LYS C 221 9.09 7.32 -20.21
CA LYS C 221 9.08 7.14 -21.66
C LYS C 221 7.73 6.64 -22.17
N ILE C 222 6.75 6.56 -21.26
CA ILE C 222 5.42 6.08 -21.63
C ILE C 222 4.36 7.16 -21.45
N ALA C 223 3.89 7.69 -22.57
CA ALA C 223 2.87 8.74 -22.56
C ALA C 223 1.53 8.20 -23.04
N LEU C 224 0.57 9.11 -23.23
CA LEU C 224 -0.77 8.72 -23.64
C LEU C 224 -1.18 9.41 -24.93
N ALA C 225 -1.84 8.65 -25.81
CA ALA C 225 -2.37 9.19 -27.05
C ALA C 225 -3.85 8.85 -27.18
N ILE C 226 -4.70 9.74 -26.68
CA ILE C 226 -6.14 9.48 -26.65
C ILE C 226 -6.78 9.56 -28.03
N GLU C 227 -7.82 8.75 -28.22
CA GLU C 227 -8.58 8.75 -29.47
C GLU C 227 -10.02 9.15 -29.19
N ILE C 228 -10.49 10.17 -29.89
CA ILE C 228 -11.81 10.74 -29.66
C ILE C 228 -12.90 10.07 -30.48
N GLY C 229 -13.91 9.53 -29.80
CA GLY C 229 -15.02 8.88 -30.47
C GLY C 229 -16.17 9.84 -30.74
N ALA C 230 -17.26 9.31 -31.30
CA ALA C 230 -18.44 10.12 -31.57
C ALA C 230 -19.15 10.50 -30.27
N ASP C 231 -18.98 9.67 -29.24
CA ASP C 231 -19.53 9.95 -27.93
C ASP C 231 -18.43 10.16 -26.90
N LEU C 232 -18.52 11.24 -26.15
CA LEU C 232 -17.52 11.57 -25.14
C LEU C 232 -18.01 11.20 -23.75
N PRO C 233 -17.07 10.87 -22.84
CA PRO C 233 -17.43 10.62 -21.44
C PRO C 233 -17.79 11.91 -20.71
N SER C 234 -18.09 11.82 -19.42
CA SER C 234 -18.49 12.99 -18.63
C SER C 234 -17.36 14.00 -18.50
N GLY C 235 -17.70 15.20 -18.04
CA GLY C 235 -16.74 16.27 -17.90
C GLY C 235 -15.65 15.96 -16.88
N HIS C 236 -16.02 15.27 -15.81
CA HIS C 236 -15.06 14.89 -14.78
C HIS C 236 -14.05 13.89 -15.30
N VAL C 237 -14.54 12.88 -16.03
CA VAL C 237 -13.69 11.85 -16.61
C VAL C 237 -12.71 12.48 -17.61
N ILE C 238 -13.21 13.41 -18.42
CA ILE C 238 -12.38 14.14 -19.37
C ILE C 238 -11.20 14.81 -18.66
N ASP C 239 -11.52 15.54 -17.59
CA ASP C 239 -10.49 16.24 -16.82
C ASP C 239 -9.48 15.27 -16.21
N ARG C 240 -9.93 14.07 -15.89
CA ARG C 240 -9.05 13.05 -15.34
C ARG C 240 -8.06 12.56 -16.40
N TRP C 241 -8.56 12.41 -17.63
CA TRP C 241 -7.69 12.04 -18.75
C TRP C 241 -6.65 13.11 -19.00
N LEU C 242 -7.05 14.37 -18.84
CA LEU C 242 -6.16 15.51 -19.09
C LEU C 242 -5.04 15.60 -18.06
N GLY C 243 -5.23 14.95 -16.92
CA GLY C 243 -4.20 14.90 -15.89
C GLY C 243 -3.08 13.97 -16.30
N GLU C 244 -3.39 13.02 -17.17
CA GLU C 244 -2.41 12.06 -17.67
C GLU C 244 -1.50 12.72 -18.71
N PRO C 245 -0.25 12.25 -18.81
CA PRO C 245 0.70 12.81 -19.77
C PRO C 245 0.29 12.55 -21.22
N ILE C 246 -0.69 13.31 -21.71
CA ILE C 246 -1.13 13.19 -23.08
C ILE C 246 -0.17 13.92 -24.01
N LYS C 247 0.30 13.23 -25.04
CA LYS C 247 1.23 13.83 -26.00
C LYS C 247 0.58 13.99 -27.38
N ALA C 248 -0.52 13.30 -27.58
CA ALA C 248 -1.22 13.33 -28.87
C ALA C 248 -2.71 13.07 -28.73
N ALA C 249 -3.50 13.68 -29.60
CA ALA C 249 -4.94 13.46 -29.62
C ALA C 249 -5.39 13.07 -31.02
N PHE C 250 -5.96 11.88 -31.15
CA PHE C 250 -6.36 11.36 -32.45
C PHE C 250 -7.78 11.74 -32.83
N LEU C 251 -7.92 12.38 -33.98
CA LEU C 251 -9.22 12.83 -34.47
C LEU C 251 -9.65 12.03 -35.70
N PRO C 252 -10.57 11.08 -35.52
CA PRO C 252 -11.15 10.34 -36.64
C PRO C 252 -11.89 11.28 -37.58
N THR C 253 -11.78 11.05 -38.88
CA THR C 253 -12.41 11.91 -39.87
C THR C 253 -13.93 11.77 -39.86
N SER C 254 -14.42 10.73 -39.19
CA SER C 254 -15.84 10.42 -39.20
C SER C 254 -16.62 11.10 -38.09
N ILE C 255 -15.92 11.74 -37.16
CA ILE C 255 -16.58 12.46 -36.08
C ILE C 255 -16.88 13.90 -36.49
N PHE C 256 -16.38 14.29 -37.65
CA PHE C 256 -16.61 15.63 -38.19
C PHE C 256 -17.92 15.68 -38.97
N LEU C 257 -18.71 16.72 -38.71
CA LEU C 257 -19.97 16.92 -39.42
C LEU C 257 -19.77 17.82 -40.64
N THR C 258 -20.57 17.59 -41.68
CA THR C 258 -20.50 18.39 -42.88
C THR C 258 -21.41 19.60 -42.78
N ASN C 259 -20.84 20.79 -42.95
CA ASN C 259 -21.59 22.03 -42.83
C ASN C 259 -22.43 22.32 -44.07
N LYS C 260 -23.11 23.46 -44.07
CA LYS C 260 -23.94 23.88 -45.21
C LYS C 260 -23.12 24.04 -46.49
N LYS C 261 -21.88 24.52 -46.34
CA LYS C 261 -21.01 24.75 -47.49
C LYS C 261 -20.03 23.60 -47.71
N GLY C 262 -20.35 22.44 -47.19
CA GLY C 262 -19.52 21.26 -47.35
C GLY C 262 -18.17 21.39 -46.65
N PHE C 263 -18.20 21.83 -45.40
CA PHE C 263 -16.99 22.00 -44.62
C PHE C 263 -17.05 21.23 -43.30
N PRO C 264 -15.92 20.63 -42.90
CA PRO C 264 -15.83 19.86 -41.65
C PRO C 264 -16.14 20.71 -40.43
N VAL C 265 -16.92 20.17 -39.51
CA VAL C 265 -17.29 20.88 -38.29
C VAL C 265 -17.55 19.91 -37.14
N LEU C 266 -17.11 20.29 -35.94
CA LEU C 266 -17.31 19.48 -34.76
C LEU C 266 -18.40 20.07 -33.86
N THR C 267 -19.06 19.21 -33.10
CA THR C 267 -20.09 19.65 -32.15
C THR C 267 -19.44 20.46 -31.04
N LYS C 268 -20.25 21.22 -30.31
CA LYS C 268 -19.74 22.01 -29.19
C LYS C 268 -19.16 21.12 -28.11
N VAL C 269 -19.72 19.92 -27.96
CA VAL C 269 -19.23 18.95 -27.01
C VAL C 269 -17.79 18.56 -27.35
N HIS C 270 -17.54 18.30 -28.63
CA HIS C 270 -16.21 18.00 -29.12
C HIS C 270 -15.31 19.23 -29.06
N GLN C 271 -15.90 20.39 -29.33
CA GLN C 271 -15.16 21.65 -29.36
C GLN C 271 -14.54 22.01 -28.02
N ARG C 272 -15.30 21.83 -26.94
CA ARG C 272 -14.81 22.14 -25.60
C ARG C 272 -13.63 21.26 -25.22
N LEU C 273 -13.61 20.04 -25.76
CA LEU C 273 -12.51 19.12 -25.52
C LEU C 273 -11.25 19.57 -26.23
N ILE C 274 -11.42 20.08 -27.45
CA ILE C 274 -10.30 20.61 -28.22
C ILE C 274 -9.73 21.85 -27.53
N PHE C 275 -10.62 22.62 -26.90
CA PHE C 275 -10.22 23.81 -26.16
C PHE C 275 -9.35 23.47 -24.95
N LYS C 276 -9.68 22.36 -24.29
CA LYS C 276 -8.90 21.90 -23.15
C LYS C 276 -7.58 21.29 -23.61
N LEU C 277 -7.61 20.65 -24.78
CA LEU C 277 -6.41 20.05 -25.35
C LEU C 277 -5.45 21.11 -25.88
N PHE C 278 -5.99 22.28 -26.20
CA PHE C 278 -5.19 23.39 -26.70
C PHE C 278 -4.23 23.92 -25.63
N LYS C 279 -4.73 24.05 -24.40
CA LYS C 279 -3.92 24.60 -23.32
C LYS C 279 -2.97 23.55 -22.71
N LEU C 280 -2.99 22.34 -23.28
CA LEU C 280 -2.04 21.31 -22.89
C LEU C 280 -0.95 21.18 -23.95
N GLU C 281 -1.11 21.94 -25.03
CA GLU C 281 -0.14 21.97 -26.13
C GLU C 281 0.13 20.59 -26.72
N VAL C 282 -0.89 19.75 -26.74
CA VAL C 282 -0.78 18.42 -27.32
C VAL C 282 -0.90 18.49 -28.83
N GLN C 283 -0.42 17.45 -29.51
CA GLN C 283 -0.50 17.40 -30.97
C GLN C 283 -1.77 16.66 -31.40
N PHE C 284 -2.28 17.01 -32.58
CA PHE C 284 -3.49 16.38 -33.10
C PHE C 284 -3.19 15.54 -34.33
N VAL C 285 -3.65 14.30 -34.31
CA VAL C 285 -3.43 13.40 -35.44
C VAL C 285 -4.74 13.11 -36.15
N ILE C 286 -4.77 13.39 -37.46
CA ILE C 286 -5.97 13.16 -38.26
C ILE C 286 -5.95 11.78 -38.89
N SER C 287 -6.87 10.92 -38.48
CA SER C 287 -6.96 9.57 -39.00
C SER C 287 -8.23 9.37 -39.81
N GLY C 288 -8.25 8.34 -40.65
CA GLY C 288 -9.42 8.02 -41.45
C GLY C 288 -9.26 8.41 -42.91
N SER C 289 -10.33 8.22 -43.68
CA SER C 289 -10.31 8.52 -45.10
C SER C 289 -10.48 10.02 -45.36
N HIS C 290 -9.98 10.48 -46.49
CA HIS C 290 -10.12 11.87 -46.90
C HIS C 290 -11.58 12.22 -47.13
N HIS C 291 -12.37 11.23 -47.52
CA HIS C 291 -13.78 11.44 -47.82
C HIS C 291 -14.65 11.18 -46.59
N CYS C 298 -8.54 17.48 -47.57
CA CYS C 298 -8.16 16.88 -46.30
C CYS C 298 -7.68 17.96 -45.33
N SER C 299 -8.06 19.20 -45.60
CA SER C 299 -7.67 20.32 -44.75
C SER C 299 -8.61 20.48 -43.56
N TYR C 300 -8.65 19.47 -42.70
CA TYR C 300 -9.42 19.54 -41.47
C TYR C 300 -8.69 20.40 -40.46
N LEU C 301 -7.43 20.68 -40.75
CA LEU C 301 -6.58 21.48 -39.87
C LEU C 301 -7.05 22.93 -39.84
N GLN C 302 -7.73 23.35 -40.90
CA GLN C 302 -8.29 24.69 -40.99
C GLN C 302 -9.29 24.93 -39.86
N TYR C 303 -10.14 23.94 -39.63
CA TYR C 303 -11.15 24.03 -38.58
C TYR C 303 -10.49 24.02 -37.20
N LEU C 304 -9.36 23.32 -37.10
CA LEU C 304 -8.60 23.28 -35.86
C LEU C 304 -7.96 24.64 -35.58
N GLU C 305 -7.41 25.25 -36.63
CA GLU C 305 -6.84 26.58 -36.52
C GLU C 305 -7.94 27.61 -36.29
N TYR C 306 -9.10 27.35 -36.87
CA TYR C 306 -10.26 28.21 -36.68
C TYR C 306 -10.72 28.19 -35.23
N LEU C 307 -10.65 27.03 -34.60
CA LEU C 307 -11.04 26.88 -33.20
C LEU C 307 -10.00 27.49 -32.27
N SER C 308 -8.78 27.67 -32.79
CA SER C 308 -7.69 28.26 -32.01
C SER C 308 -7.75 29.78 -32.08
N GLN C 309 -7.65 30.32 -33.29
CA GLN C 309 -7.69 31.76 -33.48
C GLN C 309 -8.81 32.40 -32.67
N ASN C 310 -9.94 31.71 -32.59
CA ASN C 310 -11.09 32.19 -31.84
C ASN C 310 -11.38 31.32 -30.62
N SER C 311 -10.36 31.15 -29.77
CA SER C 311 -10.49 30.32 -28.58
C SER C 311 -10.69 31.17 -27.33
N PRO C 312 -11.48 30.65 -26.39
CA PRO C 312 -11.74 31.35 -25.12
C PRO C 312 -10.46 31.63 -24.33
N PRO C 313 -10.34 32.83 -23.76
CA PRO C 313 -9.19 33.29 -22.98
C PRO C 313 -9.09 32.58 -21.63
N PRO C 314 -7.90 32.58 -21.01
CA PRO C 314 -7.73 31.99 -19.68
C PRO C 314 -8.40 32.83 -18.59
N GLY C 323 2.83 29.66 -15.60
CA GLY C 323 2.98 28.25 -15.91
C GLY C 323 3.66 27.47 -14.80
N TYR C 324 3.31 27.79 -13.56
CA TYR C 324 3.86 27.09 -12.40
C TYR C 324 3.06 25.83 -12.09
N GLU C 325 2.32 25.34 -13.08
CA GLU C 325 1.37 24.25 -12.88
C GLU C 325 2.05 22.91 -12.55
N ASP C 326 3.21 22.66 -13.14
CA ASP C 326 3.96 21.45 -12.85
C ASP C 326 4.84 21.63 -11.62
N TYR C 327 5.23 22.88 -11.39
CA TYR C 327 6.18 23.27 -10.33
C TYR C 327 6.05 22.53 -9.01
N LEU C 328 7.16 22.00 -8.54
CA LEU C 328 7.20 21.23 -7.30
C LEU C 328 8.57 21.36 -6.62
N GLN C 329 8.65 22.21 -5.61
CA GLN C 329 9.86 22.35 -4.82
C GLN C 329 9.53 22.46 -3.34
N SER C 330 10.58 22.55 -2.51
CA SER C 330 10.39 22.70 -1.07
C SER C 330 10.12 24.15 -0.70
N PRO C 331 9.30 24.36 0.34
CA PRO C 331 8.95 25.71 0.83
C PRO C 331 10.19 26.53 1.18
N LEU C 332 10.16 27.83 0.89
CA LEU C 332 11.27 28.72 1.20
C LEU C 332 11.32 29.01 2.70
N GLN C 333 12.52 29.28 3.20
CA GLN C 333 12.70 29.62 4.61
C GLN C 333 13.37 30.98 4.74
N PRO C 334 12.55 32.05 4.73
CA PRO C 334 13.03 33.43 4.81
C PRO C 334 13.82 33.70 6.10
N LEU C 335 13.47 33.00 7.17
CA LEU C 335 14.12 33.18 8.47
C LEU C 335 15.53 32.58 8.48
N ASP C 337 17.23 31.67 5.51
CA ASP C 337 17.95 32.05 4.30
C ASP C 337 17.67 33.49 3.88
N ASN C 338 18.72 34.23 3.56
CA ASN C 338 18.57 35.56 2.99
C ASN C 338 18.09 35.49 1.56
N LEU C 339 16.84 35.90 1.33
CA LEU C 339 16.22 35.80 0.01
C LEU C 339 16.92 36.69 -1.02
N GLU C 340 16.77 36.31 -2.29
CA GLU C 340 17.33 37.09 -3.39
C GLU C 340 16.38 38.21 -3.78
N SER C 341 16.90 39.22 -4.46
CA SER C 341 16.09 40.35 -4.90
C SER C 341 15.01 39.90 -5.88
N GLN C 342 15.34 38.91 -6.71
CA GLN C 342 14.40 38.37 -7.67
C GLN C 342 13.27 37.62 -6.97
N THR C 343 13.56 37.10 -5.78
CA THR C 343 12.56 36.37 -5.00
C THR C 343 11.54 37.33 -4.39
N TYR C 344 12.03 38.44 -3.84
CA TYR C 344 11.17 39.46 -3.26
C TYR C 344 10.19 40.01 -4.29
N GLU C 345 10.70 40.24 -5.49
CA GLU C 345 9.91 40.80 -6.59
C GLU C 345 8.67 39.96 -6.87
N VAL C 346 8.79 38.65 -6.72
CA VAL C 346 7.67 37.74 -6.91
C VAL C 346 6.62 37.96 -5.82
N PHE C 347 7.08 38.10 -4.59
CA PHE C 347 6.19 38.38 -3.46
C PHE C 347 5.57 39.76 -3.60
N GLU C 348 6.35 40.70 -4.13
CA GLU C 348 5.91 42.08 -4.29
C GLU C 348 5.19 42.30 -5.62
N LYS C 349 4.78 41.21 -6.26
CA LYS C 349 4.10 41.29 -7.54
C LYS C 349 2.60 41.09 -7.38
N ASP C 350 2.18 40.81 -6.15
CA ASP C 350 0.76 40.62 -5.85
C ASP C 350 0.17 41.86 -5.19
N PRO C 351 -0.76 42.54 -5.88
CA PRO C 351 -1.40 43.75 -5.36
C PRO C 351 -2.41 43.45 -4.26
N VAL C 352 -2.93 42.23 -4.24
CA VAL C 352 -3.94 41.84 -3.26
C VAL C 352 -3.36 41.84 -1.84
N LYS C 353 -2.13 41.35 -1.71
CA LYS C 353 -1.45 41.35 -0.41
C LYS C 353 -1.12 42.77 0.04
N TYR C 354 -0.86 43.64 -0.94
CA TYR C 354 -0.54 45.04 -0.64
C TYR C 354 -1.78 45.82 -0.23
N SER C 355 -2.90 45.52 -0.88
CA SER C 355 -4.15 46.21 -0.60
C SER C 355 -4.69 45.89 0.79
N GLN C 356 -4.77 44.60 1.11
CA GLN C 356 -5.29 44.15 2.39
C GLN C 356 -4.43 44.60 3.56
N TYR C 357 -3.11 44.60 3.36
CA TYR C 357 -2.19 45.04 4.39
C TYR C 357 -2.25 46.55 4.59
N GLN C 358 -2.76 47.25 3.59
CA GLN C 358 -2.95 48.70 3.69
C GLN C 358 -4.28 49.00 4.35
N GLN C 359 -5.31 48.23 3.99
CA GLN C 359 -6.63 48.39 4.57
C GLN C 359 -6.65 48.01 6.05
N ALA C 360 -5.76 47.09 6.42
CA ALA C 360 -5.65 46.65 7.80
C ALA C 360 -5.10 47.75 8.70
N VAL C 361 -3.99 48.34 8.28
CA VAL C 361 -3.37 49.44 9.02
C VAL C 361 -4.29 50.66 9.00
N TYR C 362 -5.03 50.81 7.91
CA TYR C 362 -6.00 51.89 7.76
C TYR C 362 -7.05 51.86 8.87
N LYS C 363 -7.67 50.70 9.05
CA LYS C 363 -8.72 50.55 10.06
C LYS C 363 -8.16 50.46 11.47
N CYS C 364 -6.92 50.03 11.59
CA CYS C 364 -6.27 49.86 12.89
C CYS C 364 -6.07 51.20 13.58
N LEU C 365 -5.62 52.20 12.81
CA LEU C 365 -5.40 53.54 13.34
C LEU C 365 -6.72 54.20 13.73
N LEU C 366 -7.74 54.00 12.90
CA LEU C 366 -9.05 54.64 13.12
C LEU C 366 -9.76 54.11 14.37
N ASP C 367 -9.25 53.03 14.94
CA ASP C 367 -9.87 52.41 16.11
C ASP C 367 -9.06 52.60 17.39
N ARG C 368 -8.04 53.46 17.34
CA ARG C 368 -7.20 53.70 18.52
C ARG C 368 -6.77 55.15 18.66
N VAL C 369 -7.27 56.02 17.79
CA VAL C 369 -7.03 57.45 17.90
C VAL C 369 -8.12 58.26 17.19
N PRO C 370 -8.83 59.10 17.95
CA PRO C 370 -9.99 59.88 17.47
C PRO C 370 -9.60 61.15 16.71
N GLU C 371 -10.59 62.02 16.46
CA GLU C 371 -10.38 63.24 15.70
C GLU C 371 -9.69 64.34 16.50
N GLU C 372 -9.91 64.34 17.82
CA GLU C 372 -9.28 65.34 18.68
C GLU C 372 -7.79 65.06 18.85
N GLU C 373 -7.39 63.82 18.53
CA GLU C 373 -6.00 63.42 18.60
C GLU C 373 -5.47 63.12 17.20
N LYS C 374 -6.13 63.69 16.20
CA LYS C 374 -5.79 63.47 14.80
C LYS C 374 -4.39 63.97 14.47
N GLU C 375 -3.93 64.98 15.21
CA GLU C 375 -2.62 65.57 14.96
C GLU C 375 -1.81 65.75 16.24
N THR C 376 -2.36 65.31 17.36
CA THR C 376 -1.65 65.42 18.64
C THR C 376 -1.16 64.05 19.11
N ASN C 377 -1.65 62.99 18.49
CA ASN C 377 -1.26 61.64 18.85
C ASN C 377 -0.43 60.97 17.76
N ILE C 378 0.80 60.61 18.09
CA ILE C 378 1.70 59.96 17.15
C ILE C 378 1.91 58.49 17.53
N GLN C 379 1.41 57.59 16.69
CA GLN C 379 1.53 56.16 16.96
C GLN C 379 2.90 55.62 16.59
N ILE C 380 3.33 54.56 17.27
CA ILE C 380 4.59 53.91 16.97
C ILE C 380 4.34 52.61 16.22
N LEU C 381 4.49 52.65 14.90
CA LEU C 381 4.27 51.48 14.06
C LEU C 381 5.60 50.84 13.68
N VAL C 383 7.45 47.86 11.49
CA VAL C 383 7.36 46.88 10.42
C VAL C 383 8.36 45.75 10.65
N LEU C 384 7.87 44.64 11.19
CA LEU C 384 8.72 43.49 11.48
C LEU C 384 8.92 42.64 10.23
N GLY C 385 10.12 42.67 9.68
CA GLY C 385 10.41 42.00 8.43
C GLY C 385 9.96 42.87 7.27
N ALA C 386 10.58 44.03 7.13
CA ALA C 386 10.19 45.03 6.14
C ALA C 386 10.40 44.55 4.71
N GLY C 387 11.48 43.79 4.50
CA GLY C 387 11.81 43.33 3.17
C GLY C 387 12.53 44.39 2.36
N ARG C 388 11.95 44.77 1.23
CA ARG C 388 12.54 45.77 0.36
C ARG C 388 11.78 47.10 0.36
N GLY C 389 10.78 47.22 1.22
CA GLY C 389 9.98 48.43 1.25
C GLY C 389 8.48 48.31 1.39
N PRO C 390 7.79 47.72 0.39
CA PRO C 390 6.33 47.64 0.24
C PRO C 390 5.50 47.69 1.52
N LEU C 391 5.90 46.96 2.56
CA LEU C 391 5.16 46.97 3.82
C LEU C 391 5.22 48.33 4.50
N VAL C 392 6.40 48.96 4.47
CA VAL C 392 6.58 50.27 5.06
C VAL C 392 5.80 51.32 4.27
N ASN C 393 5.90 51.25 2.95
CA ASN C 393 5.18 52.17 2.07
C ASN C 393 3.66 51.99 2.16
N ALA C 394 3.23 50.77 2.47
CA ALA C 394 1.81 50.49 2.62
C ALA C 394 1.27 51.14 3.88
N SER C 395 2.11 51.24 4.90
CA SER C 395 1.72 51.87 6.16
C SER C 395 1.65 53.39 5.99
N LEU C 396 2.63 53.94 5.28
CA LEU C 396 2.68 55.38 5.02
C LEU C 396 1.54 55.81 4.10
N ARG C 397 1.18 54.93 3.17
CA ARG C 397 0.07 55.19 2.26
C ARG C 397 -1.27 54.95 2.94
N ALA C 398 -1.23 54.43 4.16
CA ALA C 398 -2.44 54.19 4.93
C ALA C 398 -2.61 55.26 6.01
N ALA C 399 -1.49 55.79 6.48
CA ALA C 399 -1.51 56.83 7.51
C ALA C 399 -1.97 58.17 6.94
N LYS C 400 -1.45 58.53 5.77
CA LYS C 400 -1.82 59.79 5.13
C LYS C 400 -3.17 59.69 4.41
N GLN C 401 -3.59 58.46 4.10
CA GLN C 401 -4.89 58.23 3.48
C GLN C 401 -5.99 58.65 4.43
N ALA C 402 -5.86 58.23 5.68
CA ALA C 402 -6.72 58.71 6.76
C ALA C 402 -5.84 59.43 7.77
N GLU C 403 -5.60 60.72 7.51
CA GLU C 403 -4.60 61.53 8.21
C GLU C 403 -4.36 61.19 9.68
N ARG C 404 -3.25 60.50 9.93
CA ARG C 404 -2.85 60.13 11.28
C ARG C 404 -1.34 59.98 11.35
N LYS C 405 -0.73 60.59 12.35
CA LYS C 405 0.73 60.66 12.44
C LYS C 405 1.33 59.40 13.07
N ILE C 406 2.35 58.84 12.42
CA ILE C 406 2.99 57.63 12.92
C ILE C 406 4.52 57.73 12.93
N LYS C 407 5.14 57.04 13.88
CA LYS C 407 6.59 56.94 13.94
C LYS C 407 7.00 55.52 13.55
N VAL C 408 7.69 55.39 12.43
CA VAL C 408 7.94 54.07 11.83
C VAL C 408 9.32 53.49 12.17
N TYR C 409 9.33 52.23 12.58
CA TYR C 409 10.57 51.47 12.75
C TYR C 409 10.58 50.29 11.79
N ALA C 410 11.56 50.25 10.90
CA ALA C 410 11.65 49.17 9.92
C ALA C 410 12.84 48.26 10.22
N VAL C 411 12.55 47.06 10.70
CA VAL C 411 13.60 46.11 11.04
C VAL C 411 13.76 45.03 9.96
N GLU C 412 14.98 44.52 9.84
CA GLU C 412 15.29 43.48 8.87
C GLU C 412 16.60 42.79 9.22
N LYS C 413 16.61 41.47 9.16
CA LYS C 413 17.82 40.70 9.46
C LYS C 413 18.69 40.53 8.21
N ASN C 414 18.05 40.56 7.05
CA ASN C 414 18.75 40.40 5.77
C ASN C 414 19.46 41.69 5.37
N PRO C 415 20.79 41.70 5.44
CA PRO C 415 21.60 42.90 5.19
C PRO C 415 21.46 43.39 3.75
N ASN C 416 21.21 42.45 2.85
CA ASN C 416 21.04 42.78 1.43
C ASN C 416 19.72 43.50 1.17
N ALA C 417 18.75 43.26 2.04
CA ALA C 417 17.46 43.95 1.95
C ALA C 417 17.52 45.27 2.71
N VAL C 418 18.41 45.33 3.70
CA VAL C 418 18.62 46.56 4.47
C VAL C 418 19.13 47.67 3.56
N ILE C 419 20.01 47.30 2.63
CA ILE C 419 20.55 48.25 1.65
C ILE C 419 19.43 48.88 0.84
N THR C 420 18.46 48.07 0.44
CA THR C 420 17.30 48.55 -0.30
C THR C 420 16.43 49.42 0.59
N LEU C 421 16.31 49.02 1.86
CA LEU C 421 15.54 49.79 2.83
C LEU C 421 16.18 51.14 3.11
N GLU C 422 17.52 51.15 3.21
CA GLU C 422 18.24 52.39 3.45
C GLU C 422 18.37 53.23 2.18
N GLY C 423 17.80 52.74 1.09
CA GLY C 423 17.70 53.51 -0.14
C GLY C 423 16.52 54.45 -0.07
N TRP C 424 15.40 53.94 0.45
CA TRP C 424 14.21 54.75 0.66
C TRP C 424 14.42 55.68 1.84
N ARG C 425 15.29 55.28 2.76
CA ARG C 425 15.56 56.01 3.98
C ARG C 425 16.12 57.41 3.71
N TYR C 426 16.93 57.54 2.67
CA TYR C 426 17.59 58.80 2.38
C TYR C 426 17.23 59.36 1.00
N GLU C 427 16.10 58.93 0.45
CA GLU C 427 15.65 59.42 -0.85
C GLU C 427 14.14 59.68 -0.92
N GLU C 428 13.39 59.06 -0.02
CA GLU C 428 11.94 59.19 -0.03
C GLU C 428 11.31 59.33 1.36
N TRP C 429 11.54 58.33 2.21
CA TRP C 429 10.90 58.28 3.52
C TRP C 429 11.29 59.44 4.44
N GLY C 430 12.55 59.46 4.88
CA GLY C 430 13.02 60.52 5.74
C GLY C 430 13.49 60.01 7.10
N SER C 431 13.27 60.81 8.14
CA SER C 431 13.72 60.47 9.47
C SER C 431 12.61 59.83 10.30
N GLN C 432 11.38 59.91 9.81
CA GLN C 432 10.24 59.32 10.50
C GLN C 432 10.32 57.80 10.49
N VAL C 433 10.98 57.26 9.47
CA VAL C 433 11.15 55.81 9.36
C VAL C 433 12.56 55.41 9.79
N THR C 434 12.66 54.75 10.94
CA THR C 434 13.96 54.33 11.45
C THR C 434 14.30 52.93 10.95
N VAL C 435 15.50 52.80 10.36
CA VAL C 435 15.94 51.53 9.81
C VAL C 435 16.82 50.76 10.80
N VAL C 436 16.40 49.55 11.15
CA VAL C 436 17.15 48.70 12.07
C VAL C 436 17.61 47.43 11.38
N SER C 437 18.90 47.15 11.45
CA SER C 437 19.47 45.96 10.83
C SER C 437 19.77 44.87 11.87
N GLY C 438 18.91 43.87 11.95
CA GLY C 438 19.09 42.78 12.89
C GLY C 438 17.86 41.92 13.04
N ASP C 439 17.90 40.98 13.98
CA ASP C 439 16.77 40.08 14.22
C ASP C 439 15.79 40.72 15.20
N ARG C 441 14.01 39.33 17.30
CA ARG C 441 13.95 38.58 18.54
C ARG C 441 15.10 38.94 19.48
N GLU C 442 16.08 39.69 18.97
CA GLU C 442 17.24 40.06 19.78
C GLU C 442 17.42 41.58 19.83
N TRP C 443 16.66 42.29 19.02
CA TRP C 443 16.78 43.75 18.95
C TRP C 443 16.06 44.44 20.10
N LYS C 444 16.79 45.24 20.86
CA LYS C 444 16.23 46.00 21.96
C LYS C 444 15.65 47.31 21.45
N ALA C 445 14.33 47.44 21.48
CA ALA C 445 13.67 48.66 21.04
C ALA C 445 13.70 49.70 22.16
N PRO C 446 14.12 50.93 21.81
CA PRO C 446 14.19 52.04 22.77
C PRO C 446 12.82 52.67 23.02
N GLU C 447 11.78 52.05 22.49
CA GLU C 447 10.42 52.57 22.61
C GLU C 447 9.41 51.48 22.27
N LYS C 448 8.39 51.34 23.12
CA LYS C 448 7.32 50.37 22.85
C LYS C 448 6.50 50.81 21.63
N ALA C 449 5.83 49.86 21.01
CA ALA C 449 5.10 50.15 19.77
C ALA C 449 3.59 49.94 19.91
N ASP C 450 2.82 50.81 19.27
CA ASP C 450 1.37 50.67 19.23
C ASP C 450 0.97 49.54 18.30
N ILE C 451 1.54 49.55 17.10
CA ILE C 451 1.21 48.56 16.08
C ILE C 451 2.47 47.88 15.55
N ILE C 452 2.37 46.57 15.31
CA ILE C 452 3.43 45.83 14.65
C ILE C 452 2.90 45.13 13.40
N VAL C 453 3.52 45.39 12.26
CA VAL C 453 3.07 44.81 10.99
C VAL C 453 4.12 43.84 10.44
N SER C 454 3.70 42.62 10.17
CA SER C 454 4.60 41.60 9.65
C SER C 454 3.92 40.70 8.62
N GLU C 455 4.71 40.14 7.72
CA GLU C 455 4.20 39.21 6.72
C GLU C 455 5.13 38.01 6.63
N LEU C 456 5.20 37.25 7.71
CA LEU C 456 6.09 36.09 7.80
C LEU C 456 5.29 34.82 7.56
N LEU C 457 4.23 34.94 6.75
CA LEU C 457 3.30 33.83 6.55
C LEU C 457 3.68 32.98 5.34
N GLY C 458 3.65 31.67 5.52
CA GLY C 458 3.95 30.74 4.45
C GLY C 458 2.71 30.07 3.90
N SER C 459 2.90 29.05 3.08
CA SER C 459 1.78 28.33 2.47
C SER C 459 0.97 27.58 3.52
N PHE C 460 1.61 27.19 4.61
CA PHE C 460 0.95 26.48 5.69
C PHE C 460 0.73 27.41 6.88
N GLY C 461 0.99 28.69 6.67
CA GLY C 461 0.79 29.70 7.70
C GLY C 461 1.99 29.90 8.59
N ASP C 462 2.31 28.87 9.38
CA ASP C 462 3.38 28.96 10.37
C ASP C 462 4.67 28.27 9.93
N ASN C 463 4.67 27.72 8.72
CA ASN C 463 5.82 26.98 8.22
C ASN C 463 7.05 27.85 7.97
N GLU C 464 6.86 29.17 7.98
CA GLU C 464 7.98 30.10 7.87
C GLU C 464 8.33 30.66 9.25
N LEU C 465 7.83 29.98 10.28
CA LEU C 465 8.15 30.29 11.67
C LEU C 465 7.75 31.70 12.10
N SER C 466 6.59 32.14 11.62
CA SER C 466 6.00 33.40 12.06
C SER C 466 5.73 33.48 13.57
N PRO C 467 5.19 32.41 14.18
CA PRO C 467 4.98 32.49 15.63
C PRO C 467 6.26 32.74 16.43
N GLU C 468 7.31 31.96 16.17
CA GLU C 468 8.56 32.09 16.90
C GLU C 468 9.17 33.49 16.80
N CYS C 469 8.98 34.14 15.65
CA CYS C 469 9.53 35.46 15.43
C CYS C 469 8.78 36.54 16.18
N LEU C 470 7.45 36.48 16.13
CA LEU C 470 6.60 37.48 16.78
C LEU C 470 6.61 37.33 18.30
N ASP C 471 6.88 36.13 18.78
CA ASP C 471 6.94 35.87 20.23
C ASP C 471 8.17 36.51 20.85
N GLY C 472 9.21 36.70 20.06
CA GLY C 472 10.42 37.35 20.52
C GLY C 472 10.35 38.85 20.37
N ALA C 473 9.45 39.29 19.49
CA ALA C 473 9.25 40.72 19.24
C ALA C 473 8.05 41.23 20.00
N GLN C 474 7.51 40.40 20.89
CA GLN C 474 6.30 40.73 21.62
C GLN C 474 6.59 41.59 22.85
N HIS C 475 7.83 41.52 23.34
CA HIS C 475 8.19 42.19 24.58
C HIS C 475 8.17 43.72 24.47
N PHE C 476 8.52 44.24 23.31
CA PHE C 476 8.49 45.69 23.10
C PHE C 476 7.19 46.18 22.49
N LEU C 477 6.12 45.40 22.68
CA LEU C 477 4.78 45.81 22.25
C LEU C 477 4.03 46.34 23.46
N LYS C 478 3.28 47.42 23.27
CA LYS C 478 2.51 48.02 24.36
C LYS C 478 1.44 47.06 24.88
N ASP C 479 1.00 47.29 26.11
CA ASP C 479 0.03 46.43 26.76
C ASP C 479 -1.30 46.38 26.01
N ASP C 480 -1.63 47.49 25.35
CA ASP C 480 -2.85 47.58 24.57
C ASP C 480 -2.54 47.59 23.07
N GLY C 481 -1.35 47.11 22.73
CA GLY C 481 -0.89 47.10 21.34
C GLY C 481 -1.63 46.10 20.47
N VAL C 482 -1.67 46.40 19.17
CA VAL C 482 -2.33 45.52 18.20
C VAL C 482 -1.31 44.94 17.21
N SER C 483 -1.32 43.63 17.06
CA SER C 483 -0.41 42.95 16.14
C SER C 483 -1.10 42.59 14.83
N ILE C 484 -0.45 42.94 13.72
CA ILE C 484 -0.97 42.59 12.39
C ILE C 484 0.00 41.64 11.69
N PRO C 485 -0.47 40.44 11.34
CA PRO C 485 -1.85 39.96 11.53
C PRO C 485 -2.13 39.52 12.96
N GLY C 486 -3.40 39.50 13.34
CA GLY C 486 -3.79 39.13 14.69
C GLY C 486 -3.72 37.63 14.93
N GLU C 487 -4.10 36.85 13.93
CA GLU C 487 -4.09 35.41 14.04
C GLU C 487 -4.09 34.72 12.67
N TYR C 488 -3.60 33.49 12.63
CA TYR C 488 -3.61 32.68 11.41
C TYR C 488 -3.83 31.21 11.72
N THR C 489 -4.54 30.51 10.84
CA THR C 489 -4.90 29.12 11.06
C THR C 489 -4.57 28.25 9.85
N SER C 490 -3.87 27.15 10.09
CA SER C 490 -3.53 26.21 9.02
C SER C 490 -4.65 25.18 8.81
N TYR C 491 -4.73 24.65 7.60
CA TYR C 491 -5.75 23.67 7.26
C TYR C 491 -5.16 22.44 6.59
N LEU C 492 -5.82 21.30 6.75
CA LEU C 492 -5.37 20.05 6.13
C LEU C 492 -6.51 19.33 5.45
N ALA C 493 -6.25 18.80 4.26
CA ALA C 493 -7.24 18.06 3.51
C ALA C 493 -6.63 16.85 2.82
N PRO C 494 -7.24 15.67 3.00
CA PRO C 494 -6.77 14.44 2.35
C PRO C 494 -6.92 14.52 0.84
N ILE C 495 -5.88 14.14 0.10
CA ILE C 495 -5.90 14.27 -1.35
C ILE C 495 -5.53 12.98 -2.07
N SER C 496 -5.79 12.94 -3.37
CA SER C 496 -5.42 11.81 -4.20
C SER C 496 -4.75 12.29 -5.48
N SER C 497 -3.45 12.05 -5.59
CA SER C 497 -2.71 12.46 -6.77
C SER C 497 -1.60 11.46 -7.10
N SER C 498 -1.88 10.60 -8.08
CA SER C 498 -0.88 9.66 -8.57
C SER C 498 0.23 10.41 -9.29
N LYS C 499 -0.11 11.58 -9.83
CA LYS C 499 0.84 12.42 -10.54
C LYS C 499 1.86 13.03 -9.58
N LEU C 500 1.38 13.71 -8.55
CA LEU C 500 2.26 14.37 -7.59
C LEU C 500 3.04 13.38 -6.75
N TYR C 501 2.46 12.19 -6.53
CA TYR C 501 3.15 11.16 -5.74
C TYR C 501 4.38 10.64 -6.47
N ASN C 502 4.20 10.24 -7.73
CA ASN C 502 5.31 9.76 -8.54
C ASN C 502 6.31 10.86 -8.84
N GLU C 503 5.85 12.11 -8.75
CA GLU C 503 6.71 13.27 -8.95
C GLU C 503 7.61 13.44 -7.73
N VAL C 504 7.03 13.25 -6.54
CA VAL C 504 7.79 13.28 -5.30
C VAL C 504 8.68 12.05 -5.22
N ARG C 505 8.16 10.92 -5.70
CA ARG C 505 8.88 9.65 -5.69
C ARG C 505 10.18 9.73 -6.51
N ALA C 506 10.20 10.62 -7.50
CA ALA C 506 11.36 10.78 -8.35
C ALA C 506 12.35 11.80 -7.78
N CYS C 507 12.03 12.36 -6.62
CA CYS C 507 12.89 13.35 -5.98
C CYS C 507 13.93 12.70 -5.07
N ARG C 508 14.33 11.48 -5.39
CA ARG C 508 15.31 10.77 -4.59
C ARG C 508 16.73 11.28 -4.87
N GLU C 509 17.40 11.77 -3.84
CA GLU C 509 18.76 12.26 -3.97
C GLU C 509 19.75 11.26 -3.39
N LYS C 510 20.96 11.24 -3.95
CA LYS C 510 22.00 10.37 -3.43
C LYS C 510 22.57 10.92 -2.14
N ASP C 511 23.31 10.09 -1.41
CA ASP C 511 23.94 10.47 -0.15
C ASP C 511 22.94 10.91 0.91
N ARG C 512 21.75 10.30 0.90
CA ARG C 512 20.76 10.55 1.93
C ARG C 512 19.74 9.41 1.98
N ASP C 513 18.79 9.51 2.90
CA ASP C 513 17.71 8.55 3.03
C ASP C 513 16.95 8.44 1.71
N PRO C 514 16.86 7.22 1.15
CA PRO C 514 16.17 7.01 -0.13
C PRO C 514 14.66 7.25 -0.05
N GLU C 515 14.14 7.45 1.16
CA GLU C 515 12.73 7.73 1.34
C GLU C 515 12.50 9.10 1.98
N ALA C 516 13.57 9.90 2.04
CA ALA C 516 13.50 11.21 2.69
C ALA C 516 12.58 12.17 1.95
N GLN C 517 12.38 11.94 0.66
CA GLN C 517 11.54 12.82 -0.15
C GLN C 517 10.06 12.72 0.25
N PHE C 518 9.68 11.62 0.88
CA PHE C 518 8.30 11.42 1.29
C PHE C 518 8.02 12.02 2.66
N GLU C 519 9.08 12.39 3.38
CA GLU C 519 8.94 12.94 4.73
C GLU C 519 9.23 14.44 4.76
N PRO C 521 7.49 18.45 3.20
CA PRO C 521 6.42 19.16 2.50
C PRO C 521 6.88 19.75 1.17
N TYR C 522 5.93 19.93 0.25
CA TYR C 522 6.22 20.52 -1.06
C TYR C 522 5.18 21.57 -1.42
N VAL C 523 5.61 22.58 -2.18
CA VAL C 523 4.69 23.60 -2.68
C VAL C 523 4.13 23.17 -4.03
N VAL C 524 2.82 22.93 -4.08
CA VAL C 524 2.19 22.39 -5.27
C VAL C 524 1.11 23.30 -5.86
N ARG C 525 0.30 22.74 -6.76
CA ARG C 525 -0.80 23.46 -7.40
C ARG C 525 -2.11 22.72 -7.19
N LEU C 526 -3.21 23.47 -7.11
CA LEU C 526 -4.51 22.90 -6.80
C LEU C 526 -5.01 21.86 -7.78
N HIS C 527 -4.85 22.12 -9.08
CA HIS C 527 -5.39 21.25 -10.12
C HIS C 527 -4.59 19.97 -10.29
N ASN C 528 -3.44 19.88 -9.64
CA ASN C 528 -2.59 18.70 -9.73
C ASN C 528 -3.05 17.54 -8.87
N PHE C 529 -4.13 17.75 -8.11
CA PHE C 529 -4.67 16.71 -7.25
C PHE C 529 -6.18 16.79 -7.12
N HIS C 530 -6.78 15.70 -6.63
CA HIS C 530 -8.20 15.67 -6.34
C HIS C 530 -8.45 15.62 -4.85
N GLN C 531 -8.96 16.71 -4.30
CA GLN C 531 -9.24 16.81 -2.87
C GLN C 531 -10.34 15.84 -2.46
N LEU C 532 -10.04 14.99 -1.48
CA LEU C 532 -10.95 13.91 -1.09
C LEU C 532 -11.98 14.36 -0.05
N SER C 533 -11.64 15.40 0.71
CA SER C 533 -12.55 15.92 1.72
C SER C 533 -12.24 17.38 2.03
N ASP C 534 -13.25 18.10 2.51
CA ASP C 534 -13.10 19.51 2.85
C ASP C 534 -12.07 19.69 3.96
N PRO C 535 -11.23 20.73 3.84
CA PRO C 535 -10.13 20.95 4.79
C PRO C 535 -10.60 21.26 6.21
N LEU C 536 -9.91 20.71 7.19
CA LEU C 536 -10.20 20.96 8.60
C LEU C 536 -9.11 21.82 9.21
N PRO C 537 -9.48 22.69 10.18
CA PRO C 537 -8.50 23.54 10.86
C PRO C 537 -7.47 22.72 11.63
N CYS C 538 -6.20 22.94 11.34
CA CYS C 538 -5.11 22.19 11.97
C CYS C 538 -4.56 22.93 13.19
N PHE C 539 -3.65 23.87 12.94
CA PHE C 539 -3.03 24.63 14.02
C PHE C 539 -3.43 26.10 13.95
N THR C 540 -3.42 26.77 15.10
CA THR C 540 -3.82 28.16 15.18
C THR C 540 -2.91 28.96 16.10
N PHE C 541 -2.42 30.10 15.62
CA PHE C 541 -1.59 30.98 16.42
C PHE C 541 -2.17 32.39 16.42
N HIS C 542 -2.17 33.04 17.57
CA HIS C 542 -2.68 34.40 17.68
C HIS C 542 -1.67 35.34 18.34
N HIS C 543 -1.58 36.56 17.82
CA HIS C 543 -0.64 37.55 18.33
C HIS C 543 -1.34 38.87 18.67
N PRO C 544 -0.96 39.49 19.81
CA PRO C 544 0.05 39.00 20.75
C PRO C 544 -0.45 37.85 21.61
N ASN C 545 0.43 36.87 21.85
CA ASN C 545 0.07 35.69 22.62
C ASN C 545 0.06 35.95 24.12
N LYS C 546 -1.14 36.07 24.68
CA LYS C 546 -1.30 36.35 26.10
C LYS C 546 -1.46 35.07 26.92
N ASP C 547 -0.91 33.97 26.43
CA ASP C 547 -0.95 32.71 27.16
C ASP C 547 -0.10 32.77 28.42
N ASP C 548 -0.35 31.84 29.33
CA ASP C 548 0.41 31.75 30.57
C ASP C 548 1.89 31.50 30.27
N VAL C 549 2.12 30.62 29.31
CA VAL C 549 3.46 30.38 28.79
C VAL C 549 3.38 30.06 27.30
N ILE C 550 4.36 30.53 26.53
CA ILE C 550 4.32 30.37 25.08
C ILE C 550 4.96 29.05 24.63
N ASP C 551 4.11 28.14 24.15
CA ASP C 551 4.59 26.87 23.61
C ASP C 551 4.03 26.66 22.21
N ASN C 552 4.92 26.67 21.23
CA ASN C 552 4.51 26.53 19.83
C ASN C 552 4.48 25.07 19.36
N ASN C 553 4.58 24.15 20.31
CA ASN C 553 4.44 22.73 20.00
C ASN C 553 2.96 22.32 19.99
N ARG C 554 2.51 21.81 18.84
CA ARG C 554 1.10 21.49 18.67
C ARG C 554 0.85 20.04 18.27
N TYR C 555 -0.40 19.61 18.41
CA TYR C 555 -0.80 18.25 18.06
C TYR C 555 -2.32 18.17 17.89
N CYS C 556 -2.77 17.43 16.88
CA CYS C 556 -4.19 17.29 16.61
C CYS C 556 -4.51 16.04 15.81
N CYS C 557 -5.75 15.57 15.90
CA CYS C 557 -6.21 14.45 15.09
C CYS C 557 -7.40 14.86 14.23
N LEU C 558 -7.18 14.97 12.93
CA LEU C 558 -8.22 15.36 12.01
C LEU C 558 -8.81 14.13 11.30
N GLN C 559 -10.14 14.05 11.26
CA GLN C 559 -10.81 12.92 10.63
C GLN C 559 -11.64 13.35 9.42
N TYR C 560 -11.63 12.51 8.39
CA TYR C 560 -12.36 12.81 7.16
C TYR C 560 -13.13 11.57 6.69
N ARG C 561 -14.28 11.79 6.05
CA ARG C 561 -15.08 10.69 5.54
C ARG C 561 -14.82 10.47 4.06
N VAL C 562 -14.48 9.23 3.71
CA VAL C 562 -14.23 8.87 2.31
C VAL C 562 -15.55 8.58 1.60
N ASP C 563 -15.90 9.42 0.64
CA ASP C 563 -17.17 9.31 -0.06
C ASP C 563 -17.06 8.42 -1.31
N LEU C 564 -15.84 8.30 -1.83
CA LEU C 564 -15.62 7.54 -3.05
C LEU C 564 -14.57 6.45 -2.84
N ASN C 565 -14.26 5.72 -3.90
CA ASN C 565 -13.19 4.73 -3.87
C ASN C 565 -11.94 5.28 -4.54
N THR C 566 -10.92 5.57 -3.74
CA THR C 566 -9.71 6.20 -4.25
C THR C 566 -8.47 5.79 -3.47
N VAL C 567 -7.36 6.46 -3.75
CA VAL C 567 -6.09 6.17 -3.09
C VAL C 567 -5.51 7.41 -2.42
N LEU C 568 -5.27 7.31 -1.12
CA LEU C 568 -4.68 8.41 -0.36
C LEU C 568 -3.19 8.55 -0.70
N HIS C 569 -2.80 9.73 -1.15
CA HIS C 569 -1.41 9.98 -1.54
C HIS C 569 -0.73 11.01 -0.66
N GLY C 570 -1.52 11.75 0.11
CA GLY C 570 -0.98 12.77 1.01
C GLY C 570 -2.03 13.74 1.51
N PHE C 571 -1.58 14.90 1.96
CA PHE C 571 -2.48 15.91 2.50
C PHE C 571 -2.13 17.30 2.00
N ALA C 572 -3.12 18.00 1.45
CA ALA C 572 -2.93 19.38 1.01
C ALA C 572 -3.08 20.33 2.19
N GLY C 573 -2.17 21.29 2.28
CA GLY C 573 -2.18 22.25 3.37
C GLY C 573 -2.50 23.65 2.93
N TYR C 574 -3.49 24.26 3.56
CA TYR C 574 -3.88 25.63 3.26
C TYR C 574 -3.77 26.47 4.52
N PHE C 575 -4.11 27.76 4.41
CA PHE C 575 -4.09 28.64 5.57
C PHE C 575 -4.92 29.90 5.34
N ASN C 576 -5.44 30.47 6.42
CA ASN C 576 -6.07 31.78 6.38
C ASN C 576 -5.57 32.63 7.54
N THR C 577 -5.84 33.94 7.48
CA THR C 577 -5.35 34.84 8.52
C THR C 577 -6.25 36.06 8.68
N VAL C 578 -6.18 36.67 9.86
CA VAL C 578 -6.93 37.88 10.15
C VAL C 578 -5.95 39.02 10.45
N LEU C 579 -5.70 39.84 9.45
CA LEU C 579 -4.81 41.00 9.60
C LEU C 579 -5.39 41.93 10.66
N TYR C 580 -6.60 42.42 10.39
CA TYR C 580 -7.37 43.17 11.37
C TYR C 580 -8.80 42.67 11.20
N LYS C 581 -9.71 43.11 12.07
CA LYS C 581 -11.10 42.69 11.97
C LYS C 581 -11.66 43.01 10.59
N ASP C 582 -12.47 42.10 10.06
CA ASP C 582 -13.07 42.22 8.72
C ASP C 582 -12.08 42.06 7.56
N VAL C 583 -10.83 42.45 7.78
CA VAL C 583 -9.79 42.33 6.75
C VAL C 583 -9.05 41.00 6.86
N THR C 584 -9.25 40.12 5.87
CA THR C 584 -8.68 38.78 5.92
C THR C 584 -7.94 38.38 4.64
N LEU C 585 -7.09 37.37 4.77
CA LEU C 585 -6.42 36.76 3.62
C LEU C 585 -6.50 35.23 3.75
N SER C 586 -6.99 34.57 2.71
CA SER C 586 -7.18 33.13 2.75
C SER C 586 -6.87 32.46 1.42
N ILE C 587 -6.41 31.21 1.49
CA ILE C 587 -6.12 30.44 0.28
C ILE C 587 -6.90 29.13 0.27
N CYS C 588 -7.83 28.98 1.21
CA CYS C 588 -8.68 27.80 1.29
C CYS C 588 -9.52 27.67 0.02
N PRO C 589 -9.67 26.43 -0.49
CA PRO C 589 -10.38 26.12 -1.73
C PRO C 589 -11.77 26.76 -1.81
N GLU C 590 -12.70 26.25 -1.01
CA GLU C 590 -14.06 26.78 -1.01
C GLU C 590 -14.15 28.06 -0.18
N SER C 591 -13.54 29.13 -0.68
CA SER C 591 -13.56 30.41 0.00
C SER C 591 -13.31 31.55 -0.99
N HIS C 592 -14.25 32.48 -1.06
CA HIS C 592 -14.15 33.60 -1.99
C HIS C 592 -13.31 34.72 -1.43
N SER C 593 -12.79 34.51 -0.22
CA SER C 593 -11.96 35.49 0.47
C SER C 593 -10.72 35.84 -0.35
N PRO C 594 -10.34 37.13 -0.38
CA PRO C 594 -9.18 37.61 -1.14
C PRO C 594 -7.88 36.98 -0.68
N GLY C 595 -6.90 36.92 -1.58
CA GLY C 595 -5.62 36.31 -1.28
C GLY C 595 -5.56 34.87 -1.75
N PHE C 597 -4.96 33.81 -4.61
CA PHE C 597 -3.88 33.63 -5.58
C PHE C 597 -2.58 34.23 -5.06
N SER C 598 -2.48 34.36 -3.74
CA SER C 598 -1.30 34.95 -3.12
C SER C 598 -0.35 33.87 -2.58
N TRP C 599 -0.88 32.68 -2.37
CA TRP C 599 -0.09 31.56 -1.90
C TRP C 599 -0.50 30.26 -2.60
N PHE C 600 0.50 29.46 -2.97
CA PHE C 600 0.24 28.12 -3.50
C PHE C 600 0.02 27.16 -2.34
N PRO C 601 -0.81 26.13 -2.56
CA PRO C 601 -1.06 25.14 -1.50
C PRO C 601 0.18 24.29 -1.23
N ILE C 602 0.28 23.76 -0.02
CA ILE C 602 1.41 22.90 0.35
C ILE C 602 0.95 21.43 0.36
N LEU C 603 1.91 20.52 0.25
CA LEU C 603 1.59 19.10 0.20
C LEU C 603 2.44 18.27 1.15
N PHE C 604 1.80 17.52 2.03
CA PHE C 604 2.49 16.58 2.90
C PHE C 604 2.29 15.16 2.39
N PRO C 605 3.31 14.63 1.70
CA PRO C 605 3.24 13.31 1.06
C PRO C 605 3.17 12.17 2.07
N ILE C 606 2.82 10.98 1.60
CA ILE C 606 2.84 9.79 2.42
C ILE C 606 3.69 8.72 1.72
N LYS C 607 4.35 7.87 2.50
CA LYS C 607 5.23 6.86 1.93
C LYS C 607 4.43 5.76 1.23
N GLN C 608 3.53 5.15 1.97
CA GLN C 608 2.70 4.07 1.44
C GLN C 608 1.32 4.59 1.06
N PRO C 609 1.04 4.70 -0.25
CA PRO C 609 -0.28 5.12 -0.73
C PRO C 609 -1.37 4.19 -0.21
N ILE C 610 -2.47 4.76 0.27
CA ILE C 610 -3.53 3.97 0.89
C ILE C 610 -4.78 3.91 0.03
N PRO C 611 -5.03 2.75 -0.60
CA PRO C 611 -6.28 2.53 -1.35
C PRO C 611 -7.44 2.41 -0.37
N ARG C 613 -11.88 2.35 0.39
CA ARG C 613 -13.24 2.16 -0.06
C ARG C 613 -14.11 3.30 0.47
N GLU C 614 -15.27 3.51 -0.15
CA GLU C 614 -16.21 4.50 0.34
C GLU C 614 -16.85 4.02 1.64
N GLY C 615 -17.05 4.94 2.57
CA GLY C 615 -17.60 4.59 3.87
C GLY C 615 -16.51 4.49 4.91
N ASP C 616 -15.26 4.66 4.48
CA ASP C 616 -14.12 4.63 5.38
C ASP C 616 -13.88 5.99 6.02
N THR C 617 -12.96 6.04 6.97
CA THR C 617 -12.61 7.28 7.65
C THR C 617 -11.10 7.46 7.69
N VAL C 618 -10.64 8.70 7.56
CA VAL C 618 -9.21 8.99 7.53
C VAL C 618 -8.80 9.88 8.69
N CYS C 619 -8.24 9.30 9.73
CA CYS C 619 -7.72 10.08 10.85
C CYS C 619 -6.22 10.30 10.70
N VAL C 620 -5.81 11.56 10.64
CA VAL C 620 -4.41 11.90 10.49
C VAL C 620 -3.87 12.60 11.75
N ARG C 621 -2.82 12.01 12.32
CA ARG C 621 -2.14 12.62 13.45
C ARG C 621 -1.10 13.61 12.95
N PHE C 622 -1.18 14.86 13.39
CA PHE C 622 -0.26 15.88 12.93
C PHE C 622 0.41 16.60 14.09
N TRP C 623 1.74 16.65 14.06
CA TRP C 623 2.52 17.29 15.11
C TRP C 623 3.28 18.50 14.61
N ARG C 624 3.45 19.49 15.48
CA ARG C 624 4.38 20.59 15.23
C ARG C 624 5.37 20.62 16.39
N CYS C 625 6.65 20.49 16.07
CA CYS C 625 7.67 20.34 17.11
C CYS C 625 8.67 21.49 17.13
N ASN C 626 9.17 21.81 18.32
CA ASN C 626 10.12 22.89 18.51
C ASN C 626 11.13 22.54 19.59
N ASN C 627 12.34 22.15 19.18
CA ASN C 627 13.37 21.76 20.13
C ASN C 627 14.30 22.92 20.51
N GLY C 628 13.90 24.13 20.14
CA GLY C 628 14.67 25.31 20.48
C GLY C 628 15.70 25.69 19.42
N LYS C 629 16.09 24.71 18.61
CA LYS C 629 17.06 24.94 17.55
C LYS C 629 16.41 24.84 16.17
N LYS C 630 15.50 23.89 16.03
CA LYS C 630 14.81 23.66 14.78
C LYS C 630 13.30 23.47 15.00
N VAL C 631 12.53 23.77 13.96
CA VAL C 631 11.08 23.54 14.00
C VAL C 631 10.69 22.67 12.82
N TRP C 632 9.92 21.62 13.08
CA TRP C 632 9.52 20.70 12.01
C TRP C 632 8.12 20.15 12.23
N TYR C 633 7.63 19.39 11.25
CA TYR C 633 6.33 18.76 11.33
C TYR C 633 6.45 17.24 11.28
N GLU C 634 5.66 16.57 12.11
CA GLU C 634 5.57 15.11 12.06
C GLU C 634 4.12 14.72 11.82
N TRP C 635 3.90 13.75 10.95
CA TRP C 635 2.54 13.33 10.64
C TRP C 635 2.41 11.82 10.41
N ALA C 636 1.25 11.27 10.72
CA ALA C 636 0.99 9.85 10.56
C ALA C 636 -0.50 9.59 10.32
N VAL C 637 -0.77 8.54 9.55
CA VAL C 637 -2.16 8.14 9.27
C VAL C 637 -2.52 6.93 10.13
N THR C 638 -3.67 7.01 10.80
CA THR C 638 -4.10 5.95 11.70
C THR C 638 -5.41 5.29 11.26
N SER C 639 -5.90 5.68 10.09
CA SER C 639 -7.14 5.12 9.55
C SER C 639 -7.21 5.36 8.05
N PRO C 640 -7.68 4.36 7.28
CA PRO C 640 -8.16 3.03 7.70
C PRO C 640 -7.03 2.10 8.14
N VAL C 641 -5.80 2.46 7.81
CA VAL C 641 -4.64 1.67 8.23
C VAL C 641 -3.58 2.57 8.84
N CYS C 642 -2.81 2.02 9.78
CA CYS C 642 -1.77 2.79 10.47
C CYS C 642 -0.46 2.79 9.69
N SER C 643 -0.02 3.98 9.29
CA SER C 643 1.28 4.14 8.65
C SER C 643 2.32 4.44 9.71
N ALA C 644 3.54 4.74 9.27
CA ALA C 644 4.61 5.12 10.19
C ALA C 644 4.63 6.63 10.34
N ILE C 645 5.15 7.09 11.48
CA ILE C 645 5.27 8.52 11.73
C ILE C 645 6.29 9.14 10.77
N HIS C 646 5.81 10.03 9.91
CA HIS C 646 6.66 10.66 8.91
C HIS C 646 7.49 11.79 9.49
N ASN C 647 8.74 11.87 9.03
CA ASN C 647 9.72 12.83 9.54
C ASN C 647 9.83 12.87 11.06
N PRO C 648 10.15 11.73 11.69
CA PRO C 648 10.29 11.75 13.15
C PRO C 648 11.58 12.44 13.58
N THR C 649 11.47 13.30 14.59
CA THR C 649 12.62 14.05 15.11
C THR C 649 13.26 14.95 14.04
N GLY C 650 12.51 15.24 13.00
CA GLY C 650 12.98 16.08 11.91
C GLY C 650 14.19 15.50 11.19
N ARG C 651 14.17 14.19 10.96
CA ARG C 651 15.29 13.51 10.33
C ARG C 651 15.39 13.82 8.84
N SER C 652 14.28 14.22 8.24
CA SER C 652 14.24 14.49 6.81
C SER C 652 14.03 15.96 6.49
N TYR C 653 13.24 16.63 7.33
CA TYR C 653 12.91 18.03 7.09
C TYR C 653 12.90 18.85 8.37
N THR C 654 13.63 19.95 8.38
CA THR C 654 13.63 20.90 9.49
C THR C 654 13.57 22.33 8.98
N ILE C 655 13.17 23.24 9.87
CA ILE C 655 13.15 24.66 9.54
C ILE C 655 14.03 25.42 10.54
N GLY C 656 15.01 26.16 10.03
CA GLY C 656 15.99 26.82 10.86
C GLY C 656 15.44 27.80 11.87
N LEU C 657 15.99 27.75 13.08
CA LEU C 657 15.60 28.64 14.18
C LEU C 657 14.12 28.52 14.54
N CYS D 40 6.90 -6.37 -63.07
CA CYS D 40 6.52 -7.75 -62.84
C CYS D 40 5.57 -7.89 -61.66
N GLU D 42 4.19 -8.79 -58.00
CA GLU D 42 4.74 -8.73 -56.66
C GLU D 42 4.89 -10.13 -56.06
N VAL D 43 5.71 -10.25 -55.02
CA VAL D 43 6.03 -11.54 -54.42
C VAL D 43 4.82 -12.19 -53.75
N GLN D 44 4.24 -11.49 -52.77
CA GLN D 44 3.15 -12.04 -51.97
C GLN D 44 1.82 -12.06 -52.72
N ILE D 45 1.43 -13.24 -53.20
CA ILE D 45 0.14 -13.43 -53.84
C ILE D 45 -0.94 -13.52 -52.77
N GLY D 46 -2.01 -12.74 -52.94
CA GLY D 46 -3.02 -12.61 -51.90
C GLY D 46 -4.25 -13.49 -52.06
N ALA D 47 -4.77 -13.57 -53.28
CA ALA D 47 -6.01 -14.33 -53.52
C ALA D 47 -6.03 -14.98 -54.89
N VAL D 48 -6.95 -15.94 -55.06
CA VAL D 48 -7.11 -16.63 -56.34
C VAL D 48 -8.58 -16.99 -56.58
N ARG D 49 -9.14 -16.49 -57.68
CA ARG D 49 -10.54 -16.74 -58.00
C ARG D 49 -10.69 -17.33 -59.41
N TYR D 50 -11.58 -18.31 -59.54
CA TYR D 50 -11.87 -18.91 -60.83
C TYR D 50 -13.10 -18.30 -61.47
N ARG D 51 -13.05 -18.12 -62.79
CA ARG D 51 -14.20 -17.62 -63.54
C ARG D 51 -14.91 -18.80 -64.20
N ARG D 52 -16.16 -18.60 -64.60
CA ARG D 52 -16.98 -19.68 -65.14
C ARG D 52 -16.61 -20.05 -66.57
N ASP D 53 -15.33 -20.31 -66.81
CA ASP D 53 -14.84 -20.78 -68.10
C ASP D 53 -13.40 -21.29 -67.96
N GLY D 54 -12.82 -21.07 -66.78
CA GLY D 54 -11.47 -21.53 -66.49
C GLY D 54 -10.50 -20.41 -66.20
N ALA D 55 -10.94 -19.17 -66.42
CA ALA D 55 -10.09 -18.01 -66.23
C ALA D 55 -9.66 -17.84 -64.78
N LEU D 56 -8.35 -17.68 -64.56
CA LEU D 56 -7.81 -17.55 -63.22
C LEU D 56 -7.62 -16.09 -62.85
N LEU D 57 -8.08 -15.71 -61.65
CA LEU D 57 -7.95 -14.35 -61.17
C LEU D 57 -7.11 -14.30 -59.90
N LEU D 58 -5.89 -13.82 -60.02
CA LEU D 58 -4.99 -13.75 -58.87
C LEU D 58 -4.66 -12.30 -58.48
N ALA D 59 -4.45 -12.09 -57.19
CA ALA D 59 -4.06 -10.77 -56.68
C ALA D 59 -2.76 -10.88 -55.90
N ALA D 60 -1.85 -9.96 -56.15
CA ALA D 60 -0.55 -9.96 -55.48
C ALA D 60 -0.20 -8.58 -54.93
N SER D 61 0.54 -8.55 -53.84
CA SER D 61 0.94 -7.30 -53.21
C SER D 61 2.36 -7.37 -52.70
N SER D 62 3.04 -6.22 -52.67
CA SER D 62 4.38 -6.13 -52.14
C SER D 62 4.32 -5.78 -50.65
N LEU D 63 4.88 -6.64 -49.81
CA LEU D 63 4.78 -6.46 -48.36
C LEU D 63 6.16 -6.36 -47.69
N SER D 64 7.21 -6.29 -48.49
CA SER D 64 8.57 -6.28 -47.96
C SER D 64 9.48 -5.27 -48.64
N SER D 65 9.21 -4.99 -49.91
CA SER D 65 10.05 -4.08 -50.69
C SER D 65 9.87 -2.62 -50.26
N ARG D 66 10.48 -1.72 -51.01
CA ARG D 66 10.42 -0.30 -50.70
C ARG D 66 9.10 0.32 -51.16
N THR D 67 8.45 -0.32 -52.12
CA THR D 67 7.17 0.15 -52.63
C THR D 67 6.07 -0.86 -52.32
N TRP D 68 5.17 -0.49 -51.41
CA TRP D 68 4.09 -1.38 -50.99
C TRP D 68 2.84 -1.17 -51.84
N GLY D 69 2.88 -1.68 -53.07
CA GLY D 69 1.75 -1.58 -53.98
C GLY D 69 1.06 -2.91 -54.20
N GLY D 70 0.33 -3.01 -55.30
CA GLY D 70 -0.37 -4.24 -55.63
C GLY D 70 -0.66 -4.34 -57.12
N SER D 71 -1.19 -5.49 -57.53
CA SER D 71 -1.50 -5.72 -58.93
C SER D 71 -2.53 -6.82 -59.13
N ILE D 72 -3.40 -6.64 -60.12
CA ILE D 72 -4.43 -7.63 -60.45
C ILE D 72 -4.08 -8.34 -61.76
N TRP D 73 -4.27 -9.65 -61.79
CA TRP D 73 -3.92 -10.45 -62.96
C TRP D 73 -5.05 -11.40 -63.36
N VAL D 74 -5.23 -11.58 -64.66
CA VAL D 74 -6.23 -12.50 -65.19
C VAL D 74 -5.59 -13.53 -66.12
N PHE D 75 -5.70 -14.80 -65.75
CA PHE D 75 -5.12 -15.88 -66.53
C PHE D 75 -6.19 -16.81 -67.10
N LYS D 76 -6.39 -16.76 -68.41
CA LYS D 76 -7.29 -17.68 -69.08
C LYS D 76 -6.64 -19.06 -69.17
N ASP D 77 -5.31 -19.08 -69.01
CA ASP D 77 -4.57 -20.33 -68.96
C ASP D 77 -3.91 -20.44 -67.58
N PRO D 78 -4.59 -21.09 -66.63
CA PRO D 78 -4.18 -21.21 -65.23
C PRO D 78 -2.78 -21.79 -65.05
N GLU D 79 -2.37 -22.69 -65.94
CA GLU D 79 -1.05 -23.30 -65.86
C GLU D 79 0.05 -22.29 -66.17
N GLY D 80 -0.32 -21.19 -66.81
CA GLY D 80 0.63 -20.14 -67.15
C GLY D 80 1.01 -19.30 -65.94
N ALA D 81 0.19 -19.34 -64.91
CA ALA D 81 0.46 -18.60 -63.68
C ALA D 81 1.66 -19.17 -62.95
N PRO D 82 2.45 -18.31 -62.28
CA PRO D 82 2.24 -16.86 -62.16
C PRO D 82 3.08 -16.06 -63.16
N ASN D 83 3.46 -16.67 -64.27
CA ASN D 83 4.25 -15.99 -65.29
C ASN D 83 3.47 -14.86 -65.96
N GLU D 84 3.92 -13.63 -65.77
CA GLU D 84 3.26 -12.46 -66.32
C GLU D 84 3.33 -12.42 -67.85
N SER D 85 4.23 -13.20 -68.42
CA SER D 85 4.40 -13.27 -69.87
C SER D 85 3.31 -14.12 -70.51
N LEU D 86 2.66 -14.95 -69.70
CA LEU D 86 1.64 -15.87 -70.21
C LEU D 86 0.23 -15.47 -69.79
N CYS D 87 0.09 -14.25 -69.26
CA CYS D 87 -1.21 -13.75 -68.85
C CYS D 87 -1.97 -13.18 -70.04
N THR D 88 -3.22 -12.80 -69.83
CA THR D 88 -4.04 -12.19 -70.87
C THR D 88 -4.30 -10.73 -70.55
N ALA D 89 -4.24 -10.39 -69.26
CA ALA D 89 -4.46 -9.02 -68.81
C ALA D 89 -3.88 -8.81 -67.42
N GLY D 90 -3.22 -7.68 -67.23
CA GLY D 90 -2.63 -7.35 -65.94
C GLY D 90 -2.55 -5.84 -65.71
N VAL D 91 -2.76 -5.43 -64.47
CA VAL D 91 -2.72 -4.01 -64.12
C VAL D 91 -2.28 -3.83 -62.67
N GLN D 92 -1.60 -2.72 -62.39
CA GLN D 92 -1.16 -2.42 -61.03
C GLN D 92 -2.12 -1.46 -60.34
N THR D 93 -2.45 -1.75 -59.09
CA THR D 93 -3.31 -0.88 -58.30
C THR D 93 -2.46 0.15 -57.56
N GLU D 94 -3.12 1.16 -57.00
CA GLU D 94 -2.43 2.23 -56.28
C GLU D 94 -1.77 1.71 -55.00
N ALA D 95 -2.37 0.68 -54.41
CA ALA D 95 -1.87 0.11 -53.17
C ALA D 95 -1.98 -1.41 -53.19
N GLY D 96 -1.70 -2.04 -52.05
CA GLY D 96 -1.78 -3.48 -51.93
C GLY D 96 -3.21 -3.97 -52.02
N VAL D 97 -3.38 -5.21 -52.46
CA VAL D 97 -4.71 -5.79 -52.62
C VAL D 97 -4.89 -6.98 -51.68
N THR D 98 -5.91 -6.89 -50.82
CA THR D 98 -6.15 -7.91 -49.82
C THR D 98 -7.06 -9.02 -50.33
N ASP D 99 -8.02 -8.64 -51.17
CA ASP D 99 -9.01 -9.60 -51.66
C ASP D 99 -9.58 -9.17 -53.02
N VAL D 100 -9.88 -10.15 -53.86
CA VAL D 100 -10.51 -9.90 -55.15
C VAL D 100 -11.68 -10.85 -55.36
N ALA D 101 -12.66 -10.42 -56.17
CA ALA D 101 -13.84 -11.22 -56.42
C ALA D 101 -14.39 -10.96 -57.82
N TRP D 102 -14.90 -12.01 -58.45
CA TRP D 102 -15.48 -11.90 -59.78
C TRP D 102 -16.86 -11.25 -59.75
N VAL D 103 -17.05 -10.25 -60.59
CA VAL D 103 -18.36 -9.62 -60.77
C VAL D 103 -18.94 -10.02 -62.12
N SER D 104 -20.01 -10.81 -62.09
CA SER D 104 -20.64 -11.34 -63.30
C SER D 104 -19.65 -12.15 -64.13
N GLU D 105 -19.05 -11.51 -65.13
CA GLU D 105 -18.12 -12.19 -66.02
C GLU D 105 -17.01 -11.26 -66.50
N LYS D 106 -17.29 -9.96 -66.52
CA LYS D 106 -16.35 -8.98 -67.04
C LYS D 106 -15.84 -8.04 -65.94
N GLY D 107 -16.60 -7.94 -64.86
CA GLY D 107 -16.25 -7.07 -63.76
C GLY D 107 -15.40 -7.76 -62.71
N ILE D 108 -14.49 -6.99 -62.08
CA ILE D 108 -13.64 -7.52 -61.02
C ILE D 108 -13.59 -6.56 -59.85
N LEU D 109 -13.96 -7.06 -58.67
CA LEU D 109 -13.89 -6.24 -57.45
C LEU D 109 -12.54 -6.36 -56.75
N VAL D 110 -12.11 -5.26 -56.14
CA VAL D 110 -10.80 -5.21 -55.50
C VAL D 110 -10.87 -4.55 -54.12
N ALA D 111 -10.29 -5.20 -53.12
CA ALA D 111 -10.15 -4.61 -51.79
C ALA D 111 -8.72 -4.11 -51.61
N SER D 112 -8.55 -2.81 -51.44
CA SER D 112 -7.23 -2.19 -51.42
C SER D 112 -6.78 -1.78 -50.02
N ASP D 113 -5.48 -1.52 -49.88
CA ASP D 113 -4.91 -1.05 -48.62
C ASP D 113 -5.32 0.38 -48.34
N SER D 114 -5.70 1.10 -49.39
CA SER D 114 -6.11 2.50 -49.28
C SER D 114 -7.47 2.64 -48.62
N GLY D 115 -8.11 1.51 -48.35
CA GLY D 115 -9.44 1.51 -47.76
C GLY D 115 -10.50 1.74 -48.80
N ALA D 116 -10.19 1.38 -50.04
CA ALA D 116 -11.10 1.60 -51.15
C ALA D 116 -11.54 0.28 -51.79
N VAL D 117 -12.74 0.30 -52.36
CA VAL D 117 -13.23 -0.83 -53.14
C VAL D 117 -13.24 -0.46 -54.61
N GLU D 118 -12.49 -1.23 -55.41
CA GLU D 118 -12.31 -0.91 -56.82
C GLU D 118 -12.98 -1.92 -57.73
N LEU D 119 -13.69 -1.43 -58.74
CA LEU D 119 -14.31 -2.30 -59.73
C LEU D 119 -13.55 -2.18 -61.05
N TRP D 120 -12.94 -3.29 -61.48
CA TRP D 120 -12.20 -3.30 -62.73
C TRP D 120 -12.94 -4.14 -63.77
N GLU D 121 -12.90 -3.69 -65.02
CA GLU D 121 -13.53 -4.42 -66.11
C GLU D 121 -12.48 -4.92 -67.09
N ILE D 122 -12.67 -6.15 -67.58
CA ILE D 122 -11.73 -6.75 -68.51
C ILE D 122 -12.09 -6.44 -69.96
N LEU D 123 -11.36 -5.52 -70.56
CA LEU D 123 -11.46 -5.31 -72.01
C LEU D 123 -10.75 -6.48 -72.67
N GLU D 124 -11.47 -7.59 -72.81
CA GLU D 124 -10.89 -8.86 -73.23
C GLU D 124 -10.26 -8.81 -74.63
N LYS D 125 -9.08 -9.39 -74.74
CA LYS D 125 -8.28 -9.37 -75.98
C LYS D 125 -7.85 -7.98 -76.44
N GLU D 126 -8.02 -6.99 -75.57
CA GLU D 126 -7.33 -5.72 -75.72
C GLU D 126 -6.10 -5.80 -74.85
N SER D 127 -5.99 -6.91 -74.12
CA SER D 127 -4.93 -7.13 -73.14
C SER D 127 -4.87 -5.97 -72.14
N LEU D 128 -6.06 -5.52 -71.72
CA LEU D 128 -6.16 -4.33 -70.91
C LEU D 128 -7.16 -4.48 -69.78
N LEU D 129 -6.87 -3.86 -68.65
CA LEU D 129 -7.78 -3.82 -67.51
C LEU D 129 -8.09 -2.37 -67.16
N VAL D 130 -9.37 -2.00 -67.21
CA VAL D 130 -9.77 -0.62 -66.98
C VAL D 130 -10.61 -0.46 -65.72
N ASN D 131 -10.21 0.47 -64.87
CA ASN D 131 -10.96 0.78 -63.65
C ASN D 131 -12.23 1.56 -63.97
N LYS D 132 -13.31 1.22 -63.28
CA LYS D 132 -14.57 1.94 -63.46
C LYS D 132 -14.83 2.93 -62.32
N PHE D 133 -14.56 2.49 -61.09
CA PHE D 133 -14.64 3.38 -59.94
C PHE D 133 -13.79 2.88 -58.77
N ALA D 134 -13.42 3.80 -57.89
CA ALA D 134 -12.67 3.47 -56.69
C ALA D 134 -13.16 4.37 -55.60
N LYS D 135 -13.95 3.83 -54.69
CA LYS D 135 -14.54 4.64 -53.67
C LYS D 135 -13.90 4.39 -52.34
N TYR D 136 -13.37 5.46 -51.77
CA TYR D 136 -12.64 5.34 -50.51
C TYR D 136 -13.60 5.53 -49.33
N GLU D 137 -14.41 4.51 -49.06
CA GLU D 137 -15.41 4.61 -48.02
C GLU D 137 -14.90 4.16 -46.65
N HIS D 138 -14.02 3.16 -46.66
CA HIS D 138 -13.45 2.65 -45.42
C HIS D 138 -12.36 3.58 -44.90
N ASP D 139 -12.22 3.64 -43.58
CA ASP D 139 -11.21 4.47 -42.94
C ASP D 139 -9.95 3.66 -42.65
N ASP D 140 -9.98 2.40 -43.03
CA ASP D 140 -8.83 1.52 -42.85
C ASP D 140 -8.81 0.44 -43.92
N ILE D 141 -7.80 -0.43 -43.87
CA ILE D 141 -7.60 -1.47 -44.88
C ILE D 141 -8.82 -2.38 -45.03
N VAL D 142 -9.30 -2.51 -46.26
CA VAL D 142 -10.40 -3.44 -46.55
C VAL D 142 -9.86 -4.86 -46.60
N LYS D 143 -10.19 -5.66 -45.59
CA LYS D 143 -9.61 -6.99 -45.43
C LYS D 143 -10.29 -8.04 -46.30
N THR D 144 -11.57 -7.83 -46.61
CA THR D 144 -12.34 -8.83 -47.35
C THR D 144 -13.56 -8.24 -48.05
N LEU D 145 -14.03 -8.93 -49.08
CA LEU D 145 -15.25 -8.54 -49.78
C LEU D 145 -15.86 -9.72 -50.54
N SER D 146 -17.18 -9.80 -50.55
CA SER D 146 -17.89 -10.88 -51.23
C SER D 146 -18.99 -10.33 -52.13
N VAL D 147 -19.21 -11.00 -53.25
CA VAL D 147 -20.21 -10.58 -54.23
C VAL D 147 -21.46 -11.46 -54.19
N PHE D 148 -22.63 -10.83 -54.16
CA PHE D 148 -23.89 -11.56 -54.15
C PHE D 148 -24.14 -12.29 -55.47
N SER D 149 -25.17 -13.13 -55.50
CA SER D 149 -25.44 -13.99 -56.65
C SER D 149 -25.87 -13.20 -57.89
N ASP D 150 -26.64 -12.14 -57.68
CA ASP D 150 -27.14 -11.33 -58.79
C ASP D 150 -26.03 -10.57 -59.51
N GLY D 151 -24.90 -10.40 -58.84
CA GLY D 151 -23.74 -9.76 -59.43
C GLY D 151 -23.87 -8.26 -59.56
N THR D 152 -24.79 -7.68 -58.78
CA THR D 152 -24.98 -6.23 -58.79
C THR D 152 -24.73 -5.63 -57.43
N GLN D 153 -24.63 -6.50 -56.41
CA GLN D 153 -24.36 -6.06 -55.05
C GLN D 153 -23.16 -6.79 -54.45
N ALA D 154 -22.60 -6.21 -53.40
CA ALA D 154 -21.46 -6.81 -52.72
C ALA D 154 -21.35 -6.28 -51.29
N VAL D 155 -20.63 -7.01 -50.44
CA VAL D 155 -20.43 -6.61 -49.06
C VAL D 155 -18.94 -6.48 -48.75
N SER D 156 -18.58 -5.44 -48.00
CA SER D 156 -17.18 -5.19 -47.67
C SER D 156 -16.87 -5.36 -46.20
N GLY D 157 -15.71 -5.95 -45.90
CA GLY D 157 -15.24 -6.08 -44.54
C GLY D 157 -13.99 -5.24 -44.34
N GLY D 158 -14.03 -4.33 -43.37
CA GLY D 158 -12.94 -3.40 -43.17
C GLY D 158 -12.21 -3.53 -41.85
N LYS D 159 -10.99 -3.02 -41.81
CA LYS D 159 -10.18 -3.00 -40.60
C LYS D 159 -10.67 -1.88 -39.68
N ASP D 160 -11.50 -1.00 -40.24
CA ASP D 160 -12.11 0.09 -39.48
C ASP D 160 -13.41 -0.35 -38.84
N PHE D 161 -13.54 -1.66 -38.63
CA PHE D 161 -14.68 -2.29 -37.96
C PHE D 161 -15.95 -2.24 -38.81
N SER D 162 -15.86 -1.64 -39.99
CA SER D 162 -17.05 -1.36 -40.80
C SER D 162 -17.44 -2.50 -41.74
N VAL D 163 -18.75 -2.69 -41.89
CA VAL D 163 -19.30 -3.63 -42.87
C VAL D 163 -20.21 -2.88 -43.82
N LYS D 164 -19.80 -2.79 -45.08
CA LYS D 164 -20.54 -1.99 -46.06
C LYS D 164 -21.10 -2.83 -47.20
N VAL D 165 -22.40 -2.68 -47.47
CA VAL D 165 -23.03 -3.30 -48.62
C VAL D 165 -23.01 -2.34 -49.80
N TRP D 166 -22.58 -2.83 -50.97
CA TRP D 166 -22.33 -1.96 -52.11
C TRP D 166 -23.34 -2.13 -53.24
N ASP D 167 -23.68 -1.02 -53.89
CA ASP D 167 -24.48 -1.03 -55.10
C ASP D 167 -23.55 -0.84 -56.29
N LEU D 168 -23.13 -1.94 -56.90
CA LEU D 168 -22.14 -1.93 -57.97
C LEU D 168 -22.61 -1.17 -59.20
N SER D 169 -23.93 -1.13 -59.40
CA SER D 169 -24.50 -0.47 -60.56
C SER D 169 -24.41 1.05 -60.44
N GLN D 170 -24.66 1.56 -59.24
CA GLN D 170 -24.68 3.01 -59.01
C GLN D 170 -23.34 3.54 -58.53
N LYS D 171 -22.36 2.65 -58.44
CA LYS D 171 -21.00 3.01 -58.01
C LYS D 171 -20.97 3.70 -56.65
N ALA D 172 -21.81 3.23 -55.73
CA ALA D 172 -21.88 3.80 -54.39
C ALA D 172 -22.39 2.77 -53.40
N VAL D 173 -22.16 3.02 -52.12
CA VAL D 173 -22.59 2.10 -51.07
C VAL D 173 -24.07 2.29 -50.75
N LEU D 174 -24.68 1.27 -50.15
CA LEU D 174 -26.06 1.35 -49.70
C LEU D 174 -26.09 1.73 -48.23
N LYS D 175 -25.73 0.78 -47.37
CA LYS D 175 -25.73 1.00 -45.94
C LYS D 175 -24.40 0.57 -45.33
N SER D 176 -23.88 1.36 -44.40
CA SER D 176 -22.66 1.02 -43.69
C SER D 176 -22.98 0.54 -42.29
N TYR D 177 -22.50 -0.64 -41.94
CA TYR D 177 -22.82 -1.24 -40.65
C TYR D 177 -21.62 -1.27 -39.71
N ASN D 178 -21.81 -0.74 -38.50
CA ASN D 178 -20.80 -0.82 -37.46
C ASN D 178 -21.26 -1.70 -36.30
N ALA D 179 -21.30 -3.00 -36.54
CA ALA D 179 -21.74 -3.95 -35.52
C ALA D 179 -20.55 -4.58 -34.82
N HIS D 180 -19.50 -4.87 -35.58
CA HIS D 180 -18.28 -5.45 -35.03
C HIS D 180 -17.50 -4.41 -34.22
N SER D 181 -16.97 -4.85 -33.08
CA SER D 181 -16.18 -3.95 -32.23
C SER D 181 -14.69 -4.11 -32.51
N SER D 182 -14.35 -4.95 -33.48
CA SER D 182 -12.97 -5.13 -33.89
C SER D 182 -12.85 -5.37 -35.39
N GLU D 183 -11.65 -5.69 -35.86
CA GLU D 183 -11.38 -5.86 -37.29
C GLU D 183 -12.24 -6.97 -37.90
N VAL D 184 -12.85 -6.67 -39.04
CA VAL D 184 -13.66 -7.65 -39.75
C VAL D 184 -12.76 -8.58 -40.58
N ASN D 185 -12.77 -9.85 -40.25
CA ASN D 185 -11.90 -10.83 -40.91
C ASN D 185 -12.44 -11.29 -42.27
N CYS D 186 -13.64 -11.87 -42.27
CA CYS D 186 -14.20 -12.41 -43.50
C CYS D 186 -15.69 -12.11 -43.65
N VAL D 187 -16.13 -11.89 -44.88
CA VAL D 187 -17.55 -11.74 -45.20
C VAL D 187 -17.94 -12.67 -46.34
N ALA D 188 -19.13 -13.23 -46.26
CA ALA D 188 -19.60 -14.17 -47.28
C ALA D 188 -21.09 -14.00 -47.58
N ALA D 189 -21.38 -13.58 -48.81
CA ALA D 189 -22.75 -13.43 -49.25
C ALA D 189 -23.43 -14.78 -49.42
N CYS D 190 -24.67 -14.88 -48.95
CA CYS D 190 -25.41 -16.13 -49.06
C CYS D 190 -25.90 -16.35 -50.49
N PRO D 191 -25.48 -17.47 -51.11
CA PRO D 191 -25.85 -17.79 -52.49
C PRO D 191 -27.35 -18.00 -52.66
N GLY D 192 -27.97 -17.18 -53.50
CA GLY D 192 -29.39 -17.28 -53.76
C GLY D 192 -30.20 -16.27 -52.96
N LYS D 193 -29.57 -15.63 -51.99
CA LYS D 193 -30.23 -14.64 -51.15
C LYS D 193 -29.47 -13.32 -51.19
N ASP D 194 -30.08 -12.30 -51.80
CA ASP D 194 -29.41 -11.02 -52.00
C ASP D 194 -29.62 -10.03 -50.86
N THR D 195 -29.95 -10.55 -49.68
CA THR D 195 -30.12 -9.71 -48.49
C THR D 195 -29.49 -10.35 -47.26
N ILE D 196 -28.92 -11.53 -47.43
CA ILE D 196 -28.34 -12.27 -46.32
C ILE D 196 -26.86 -12.56 -46.56
N PHE D 197 -26.03 -12.32 -45.53
CA PHE D 197 -24.62 -12.63 -45.61
C PHE D 197 -24.03 -12.88 -44.22
N LEU D 198 -22.84 -13.47 -44.18
CA LEU D 198 -22.17 -13.74 -42.92
C LEU D 198 -20.95 -12.84 -42.72
N SER D 199 -20.51 -12.71 -41.48
CA SER D 199 -19.33 -11.91 -41.15
C SER D 199 -18.70 -12.40 -39.86
N CYS D 200 -17.37 -12.32 -39.79
CA CYS D 200 -16.64 -12.70 -38.59
C CYS D 200 -15.50 -11.72 -38.34
N GLY D 201 -15.22 -11.45 -37.08
CA GLY D 201 -14.21 -10.47 -36.74
C GLY D 201 -13.34 -10.84 -35.55
N GLU D 202 -12.38 -9.98 -35.23
CA GLU D 202 -11.47 -10.19 -34.13
C GLU D 202 -12.18 -10.04 -32.78
N ASP D 203 -13.41 -9.55 -32.81
CA ASP D 203 -14.22 -9.39 -31.60
C ASP D 203 -14.81 -10.74 -31.19
N GLY D 204 -14.53 -11.78 -31.95
CA GLY D 204 -14.98 -13.12 -31.64
C GLY D 204 -16.42 -13.39 -32.07
N ARG D 205 -17.01 -12.45 -32.80
CA ARG D 205 -18.38 -12.57 -33.23
C ARG D 205 -18.51 -13.16 -34.63
N ILE D 206 -19.49 -14.05 -34.81
CA ILE D 206 -19.89 -14.50 -36.13
C ILE D 206 -21.33 -14.04 -36.35
N LEU D 207 -21.51 -13.01 -37.18
CA LEU D 207 -22.80 -12.39 -37.35
C LEU D 207 -23.54 -12.85 -38.61
N LEU D 208 -24.79 -13.28 -38.43
CA LEU D 208 -25.67 -13.58 -39.54
C LEU D 208 -26.50 -12.33 -39.85
N TRP D 209 -26.52 -11.93 -41.11
CA TRP D 209 -27.13 -10.66 -41.49
C TRP D 209 -28.41 -10.79 -42.29
N ASP D 210 -29.27 -9.78 -42.17
CA ASP D 210 -30.47 -9.65 -42.98
C ASP D 210 -30.81 -8.16 -43.05
N THR D 211 -30.51 -7.55 -44.19
CA THR D 211 -30.61 -6.10 -44.35
C THR D 211 -32.04 -5.57 -44.36
N ARG D 212 -33.00 -6.41 -43.99
CA ARG D 212 -34.39 -6.01 -43.92
C ARG D 212 -34.77 -5.61 -42.50
N LYS D 213 -34.26 -6.37 -41.54
CA LYS D 213 -34.56 -6.14 -40.13
C LYS D 213 -33.88 -4.87 -39.62
N PRO D 214 -34.50 -4.20 -38.63
CA PRO D 214 -33.90 -3.01 -38.01
C PRO D 214 -32.60 -3.38 -37.30
N LYS D 215 -32.53 -4.60 -36.78
CA LYS D 215 -31.30 -5.13 -36.22
C LYS D 215 -30.86 -6.34 -37.05
N PRO D 216 -30.12 -6.08 -38.14
CA PRO D 216 -29.75 -7.10 -39.13
C PRO D 216 -28.84 -8.19 -38.58
N ALA D 217 -27.94 -7.82 -37.67
CA ALA D 217 -26.94 -8.76 -37.17
C ALA D 217 -27.50 -9.74 -36.14
N THR D 218 -27.05 -10.99 -36.22
CA THR D 218 -27.40 -12.02 -35.24
C THR D 218 -26.19 -12.90 -34.97
N ARG D 219 -25.72 -12.88 -33.73
CA ARG D 219 -24.52 -13.62 -33.36
C ARG D 219 -24.77 -15.12 -33.24
N ILE D 220 -23.99 -15.91 -33.97
CA ILE D 220 -24.09 -17.37 -33.93
C ILE D 220 -23.08 -17.94 -32.94
N ASP D 221 -23.54 -18.81 -32.05
CA ASP D 221 -22.67 -19.40 -31.04
C ASP D 221 -22.74 -20.92 -31.05
N PHE D 222 -21.62 -21.56 -30.75
CA PHE D 222 -21.53 -23.01 -30.66
C PHE D 222 -20.40 -23.43 -29.74
N CYS D 223 -20.13 -24.72 -29.67
CA CYS D 223 -19.06 -25.25 -28.82
C CYS D 223 -17.70 -24.72 -29.28
N ALA D 224 -16.95 -24.18 -28.32
CA ALA D 224 -15.63 -23.59 -28.59
C ALA D 224 -15.70 -22.46 -29.62
N SER D 225 -16.66 -21.55 -29.43
CA SER D 225 -16.76 -20.37 -30.28
C SER D 225 -16.10 -19.18 -29.59
N ASP D 226 -15.38 -19.47 -28.51
CA ASP D 226 -14.70 -18.45 -27.74
C ASP D 226 -13.49 -17.92 -28.49
N THR D 227 -13.01 -18.71 -29.45
CA THR D 227 -11.86 -18.34 -30.27
C THR D 227 -12.23 -17.21 -31.24
N ILE D 228 -11.23 -16.74 -31.98
CA ILE D 228 -11.46 -15.68 -32.96
C ILE D 228 -11.62 -16.28 -34.35
N PRO D 229 -12.80 -16.12 -34.95
CA PRO D 229 -13.08 -16.63 -36.29
C PRO D 229 -12.35 -15.82 -37.36
N THR D 230 -11.72 -16.50 -38.31
CA THR D 230 -10.89 -15.84 -39.30
C THR D 230 -11.40 -16.02 -40.73
N SER D 231 -12.33 -16.95 -40.92
CA SER D 231 -12.87 -17.24 -42.24
C SER D 231 -14.23 -17.93 -42.16
N VAL D 232 -15.17 -17.47 -42.99
CA VAL D 232 -16.50 -18.08 -43.06
C VAL D 232 -16.94 -18.29 -44.51
N THR D 233 -17.72 -19.34 -44.74
CA THR D 233 -18.24 -19.63 -46.07
C THR D 233 -19.54 -20.42 -45.99
N TRP D 234 -20.42 -20.21 -46.96
CA TRP D 234 -21.72 -20.88 -46.98
C TRP D 234 -21.63 -22.26 -47.62
N HIS D 235 -22.44 -23.19 -47.11
CA HIS D 235 -22.55 -24.52 -47.71
C HIS D 235 -23.53 -24.49 -48.87
N PRO D 236 -23.08 -24.88 -50.06
CA PRO D 236 -23.86 -24.80 -51.30
C PRO D 236 -25.07 -25.72 -51.33
N GLU D 237 -25.02 -26.84 -50.62
CA GLU D 237 -26.06 -27.85 -50.72
C GLU D 237 -26.87 -28.05 -49.43
N LYS D 238 -26.56 -27.28 -48.39
CA LYS D 238 -27.28 -27.37 -47.14
C LYS D 238 -27.85 -26.02 -46.72
N ASP D 239 -29.10 -26.02 -46.27
CA ASP D 239 -29.76 -24.80 -45.82
C ASP D 239 -29.36 -24.47 -44.38
N ASP D 240 -29.19 -23.18 -44.10
CA ASP D 240 -28.85 -22.71 -42.76
C ASP D 240 -27.56 -23.33 -42.24
N THR D 241 -26.63 -23.62 -43.14
CA THR D 241 -25.38 -24.27 -42.78
C THR D 241 -24.18 -23.54 -43.38
N PHE D 242 -23.15 -23.34 -42.55
CA PHE D 242 -21.93 -22.69 -43.03
C PHE D 242 -20.69 -23.31 -42.40
N ALA D 243 -19.53 -23.05 -43.02
CA ALA D 243 -18.26 -23.54 -42.51
C ALA D 243 -17.40 -22.36 -42.06
N CYS D 244 -16.78 -22.49 -40.88
CA CYS D 244 -15.95 -21.42 -40.34
C CYS D 244 -14.61 -21.92 -39.83
N GLY D 245 -13.64 -21.02 -39.76
CA GLY D 245 -12.32 -21.34 -39.25
C GLY D 245 -11.83 -20.28 -38.28
N ASP D 246 -10.96 -20.68 -37.36
CA ASP D 246 -10.43 -19.75 -36.37
C ASP D 246 -8.93 -19.53 -36.49
N GLU D 247 -8.38 -18.74 -35.59
CA GLU D 247 -6.95 -18.42 -35.59
C GLU D 247 -6.14 -19.53 -34.92
N THR D 248 -6.84 -20.51 -34.37
CA THR D 248 -6.19 -21.62 -33.69
C THR D 248 -5.81 -22.71 -34.67
N GLY D 249 -6.71 -23.01 -35.61
CA GLY D 249 -6.47 -24.03 -36.60
C GLY D 249 -7.68 -24.92 -36.83
N ASN D 250 -8.76 -24.62 -36.13
CA ASN D 250 -9.98 -25.43 -36.22
C ASN D 250 -10.87 -25.03 -37.39
N VAL D 251 -11.41 -26.03 -38.07
CA VAL D 251 -12.42 -25.80 -39.10
C VAL D 251 -13.73 -26.39 -38.63
N SER D 252 -14.77 -25.55 -38.57
CA SER D 252 -16.04 -25.98 -37.99
C SER D 252 -17.18 -25.98 -39.00
N LEU D 253 -18.08 -26.96 -38.86
CA LEU D 253 -19.29 -27.03 -39.66
C LEU D 253 -20.48 -26.71 -38.77
N VAL D 254 -21.13 -25.58 -39.02
CA VAL D 254 -22.19 -25.10 -38.14
C VAL D 254 -23.54 -24.96 -38.82
N ASN D 255 -24.55 -25.62 -38.28
CA ASN D 255 -25.93 -25.43 -38.71
C ASN D 255 -26.57 -24.36 -37.83
N ILE D 256 -26.98 -23.26 -38.45
CA ILE D 256 -27.55 -22.12 -37.72
C ILE D 256 -28.70 -22.54 -36.82
N LYS D 257 -29.58 -23.39 -37.34
CA LYS D 257 -30.60 -24.02 -36.52
C LYS D 257 -30.00 -25.28 -35.91
N ASN D 258 -30.14 -25.42 -34.59
CA ASN D 258 -29.48 -26.49 -33.84
C ASN D 258 -27.96 -26.45 -34.00
N PRO D 259 -27.29 -25.54 -33.27
CA PRO D 259 -25.83 -25.39 -33.33
C PRO D 259 -25.12 -26.36 -32.40
N ASP D 260 -25.88 -27.21 -31.71
CA ASP D 260 -25.32 -28.14 -30.74
C ASP D 260 -24.67 -29.33 -31.44
N SER D 261 -25.01 -29.53 -32.71
CA SER D 261 -24.47 -30.63 -33.49
C SER D 261 -23.34 -30.14 -34.40
N ALA D 262 -22.73 -29.01 -34.03
CA ALA D 262 -21.65 -28.43 -34.81
C ALA D 262 -20.41 -29.32 -34.80
N GLN D 263 -19.90 -29.62 -35.99
CA GLN D 263 -18.70 -30.44 -36.13
C GLN D 263 -17.44 -29.59 -36.24
N THR D 264 -16.55 -29.72 -35.27
CA THR D 264 -15.29 -29.01 -35.29
C THR D 264 -14.13 -29.99 -35.40
N SER D 265 -13.09 -29.62 -36.15
CA SER D 265 -11.95 -30.50 -36.35
C SER D 265 -10.64 -29.71 -36.42
N ALA D 266 -9.66 -30.12 -35.61
CA ALA D 266 -8.35 -29.49 -35.61
C ALA D 266 -7.60 -29.82 -36.90
N VAL D 267 -8.01 -29.19 -37.99
CA VAL D 267 -7.42 -29.46 -39.30
C VAL D 267 -6.00 -28.90 -39.41
N HIS D 268 -5.83 -27.65 -39.00
CA HIS D 268 -4.53 -27.00 -39.07
C HIS D 268 -4.02 -26.61 -37.68
N SER D 269 -2.82 -26.04 -37.64
CA SER D 269 -2.20 -25.65 -36.37
C SER D 269 -2.14 -24.13 -36.23
N GLN D 270 -2.43 -23.41 -37.31
CA GLN D 270 -2.43 -21.95 -37.27
C GLN D 270 -3.69 -21.37 -37.91
N ASN D 271 -3.72 -20.06 -38.07
CA ASN D 271 -4.90 -19.35 -38.56
C ASN D 271 -5.36 -19.81 -39.95
N ILE D 272 -6.63 -20.21 -40.04
CA ILE D 272 -7.21 -20.54 -41.33
C ILE D 272 -7.31 -19.27 -42.17
N THR D 273 -6.74 -19.31 -43.38
CA THR D 273 -6.67 -18.13 -44.22
C THR D 273 -7.66 -18.18 -45.38
N GLY D 274 -8.47 -19.22 -45.43
CA GLY D 274 -9.46 -19.36 -46.48
C GLY D 274 -10.21 -20.68 -46.45
N LEU D 275 -11.46 -20.65 -46.90
CA LEU D 275 -12.29 -21.85 -46.99
C LEU D 275 -13.05 -21.85 -48.31
N ALA D 276 -13.22 -23.03 -48.89
CA ALA D 276 -13.91 -23.15 -50.17
C ALA D 276 -14.51 -24.54 -50.37
N TYR D 277 -15.78 -24.58 -50.78
CA TYR D 277 -16.47 -25.83 -51.09
C TYR D 277 -16.34 -26.16 -52.58
N SER D 278 -16.42 -27.45 -52.91
CA SER D 278 -16.31 -27.88 -54.30
C SER D 278 -17.65 -27.79 -55.02
N TYR D 279 -17.68 -28.21 -56.27
CA TYR D 279 -18.89 -28.14 -57.09
C TYR D 279 -19.65 -29.47 -57.12
N HIS D 280 -19.33 -30.35 -56.19
CA HIS D 280 -19.97 -31.66 -56.13
C HIS D 280 -21.33 -31.58 -55.45
N SER D 281 -22.15 -32.62 -55.65
CA SER D 281 -23.45 -32.70 -55.00
C SER D 281 -23.27 -32.87 -53.50
N SER D 282 -22.22 -33.59 -53.13
CA SER D 282 -21.80 -33.68 -51.73
C SER D 282 -20.40 -33.08 -51.64
N PRO D 283 -20.33 -31.73 -51.57
CA PRO D 283 -19.10 -30.97 -51.73
C PRO D 283 -18.04 -31.25 -50.67
N PHE D 284 -16.78 -31.17 -51.10
CA PHE D 284 -15.65 -31.29 -50.18
C PHE D 284 -15.26 -29.89 -49.69
N LEU D 285 -14.61 -29.83 -48.53
CA LEU D 285 -14.21 -28.55 -47.96
C LEU D 285 -12.69 -28.39 -47.96
N ALA D 286 -12.21 -27.46 -48.78
CA ALA D 286 -10.78 -27.17 -48.85
C ALA D 286 -10.40 -26.09 -47.85
N SER D 287 -9.35 -26.34 -47.08
CA SER D 287 -8.91 -25.40 -46.06
C SER D 287 -7.43 -25.05 -46.20
N ILE D 288 -7.12 -23.76 -46.10
CA ILE D 288 -5.75 -23.28 -46.14
C ILE D 288 -5.44 -22.52 -44.87
N SER D 289 -4.17 -22.52 -44.46
CA SER D 289 -3.79 -21.87 -43.21
C SER D 289 -2.35 -21.34 -43.21
N GLU D 290 -1.96 -20.74 -42.10
CA GLU D 290 -0.63 -20.16 -41.97
C GLU D 290 0.43 -21.20 -41.64
N ASP D 291 0.00 -22.46 -41.52
CA ASP D 291 0.93 -23.56 -41.28
C ASP D 291 1.46 -24.10 -42.60
N CYS D 292 1.20 -23.37 -43.68
CA CYS D 292 1.69 -23.68 -45.02
C CYS D 292 1.17 -25.01 -45.56
N THR D 293 -0.03 -25.39 -45.13
CA THR D 293 -0.64 -26.64 -45.59
C THR D 293 -2.00 -26.41 -46.23
N VAL D 294 -2.39 -27.31 -47.12
CA VAL D 294 -3.71 -27.27 -47.74
C VAL D 294 -4.40 -28.61 -47.55
N ALA D 295 -5.54 -28.59 -46.85
CA ALA D 295 -6.26 -29.82 -46.56
C ALA D 295 -7.67 -29.83 -47.13
N VAL D 296 -8.20 -31.03 -47.34
CA VAL D 296 -9.55 -31.20 -47.89
C VAL D 296 -10.35 -32.22 -47.08
N LEU D 297 -11.49 -31.79 -46.56
CA LEU D 297 -12.38 -32.68 -45.82
C LEU D 297 -13.57 -33.08 -46.70
N ASP D 298 -14.21 -34.19 -46.36
CA ASP D 298 -15.40 -34.62 -47.09
C ASP D 298 -16.68 -34.16 -46.39
N ALA D 299 -17.79 -34.79 -46.74
CA ALA D 299 -19.09 -34.45 -46.14
C ALA D 299 -19.14 -34.88 -44.69
N ASP D 300 -18.40 -35.93 -44.35
CA ASP D 300 -18.38 -36.45 -42.99
C ASP D 300 -17.22 -35.86 -42.19
N PHE D 301 -16.63 -34.80 -42.73
CA PHE D 301 -15.54 -34.07 -42.08
C PHE D 301 -14.32 -34.94 -41.75
N SER D 302 -14.01 -35.87 -42.63
CA SER D 302 -12.80 -36.66 -42.51
C SER D 302 -11.79 -36.23 -43.57
N GLU D 303 -10.51 -36.22 -43.21
CA GLU D 303 -9.47 -35.72 -44.09
C GLU D 303 -9.22 -36.64 -45.28
N VAL D 304 -9.10 -36.05 -46.46
CA VAL D 304 -8.89 -36.81 -47.69
C VAL D 304 -7.60 -36.40 -48.39
N PHE D 305 -7.34 -35.09 -48.44
CA PHE D 305 -6.18 -34.57 -49.14
C PHE D 305 -5.37 -33.64 -48.25
N ARG D 306 -4.05 -33.63 -48.44
CA ARG D 306 -3.16 -32.73 -47.73
C ARG D 306 -1.85 -32.51 -48.47
N ASP D 307 -1.57 -31.27 -48.84
CA ASP D 307 -0.37 -30.94 -49.61
C ASP D 307 0.57 -30.04 -48.80
N LEU D 308 1.85 -30.41 -48.77
CA LEU D 308 2.85 -29.65 -48.03
C LEU D 308 3.84 -29.00 -48.98
N SER D 309 3.41 -28.77 -50.21
CA SER D 309 4.30 -28.26 -51.26
C SER D 309 4.63 -26.78 -51.08
N HIS D 310 3.72 -26.03 -50.47
CA HIS D 310 3.93 -24.60 -50.24
C HIS D 310 5.07 -24.35 -49.24
N ARG D 311 5.83 -23.29 -49.47
CA ARG D 311 6.95 -22.95 -48.61
C ARG D 311 6.72 -21.68 -47.81
N ASP D 312 5.48 -21.20 -47.81
CA ASP D 312 5.12 -20.02 -47.02
C ASP D 312 3.61 -20.01 -46.79
N PHE D 313 3.09 -18.88 -46.32
CA PHE D 313 1.66 -18.75 -46.04
C PHE D 313 0.82 -18.92 -47.30
N VAL D 314 0.10 -20.03 -47.40
CA VAL D 314 -0.87 -20.20 -48.47
C VAL D 314 -2.08 -19.31 -48.21
N THR D 315 -2.36 -18.41 -49.14
CA THR D 315 -3.33 -17.35 -48.89
C THR D 315 -4.55 -17.37 -49.81
N GLY D 316 -4.62 -18.38 -50.68
CA GLY D 316 -5.74 -18.49 -51.59
C GLY D 316 -6.11 -19.92 -51.94
N VAL D 317 -7.38 -20.13 -52.27
CA VAL D 317 -7.86 -21.44 -52.69
C VAL D 317 -9.17 -21.32 -53.47
N ALA D 318 -9.24 -22.01 -54.62
CA ALA D 318 -10.43 -21.96 -55.46
C ALA D 318 -10.56 -23.23 -56.29
N TRP D 319 -11.78 -23.75 -56.39
CA TRP D 319 -12.05 -24.95 -57.16
C TRP D 319 -12.28 -24.63 -58.63
N SER D 320 -11.94 -25.58 -59.50
CA SER D 320 -12.07 -25.39 -60.94
C SER D 320 -13.47 -25.75 -61.44
N PRO D 321 -14.10 -24.83 -62.17
CA PRO D 321 -15.43 -25.06 -62.76
C PRO D 321 -15.40 -26.13 -63.84
N LEU D 322 -14.25 -26.28 -64.49
CA LEU D 322 -14.08 -27.27 -65.54
C LEU D 322 -13.87 -28.67 -64.96
N ASP D 323 -12.78 -28.83 -64.22
CA ASP D 323 -12.47 -30.09 -63.57
C ASP D 323 -12.89 -30.01 -62.09
N HIS D 324 -13.90 -30.78 -61.72
CA HIS D 324 -14.45 -30.74 -60.37
C HIS D 324 -13.56 -31.44 -59.35
N SER D 325 -12.44 -31.97 -59.80
CA SER D 325 -11.46 -32.59 -58.91
C SER D 325 -10.26 -31.66 -58.73
N LYS D 326 -10.20 -30.64 -59.59
CA LYS D 326 -9.07 -29.71 -59.60
C LYS D 326 -9.35 -28.45 -58.78
N PHE D 327 -8.38 -28.07 -57.96
CA PHE D 327 -8.45 -26.81 -57.21
C PHE D 327 -7.07 -26.18 -57.08
N THR D 328 -7.03 -24.85 -57.15
CA THR D 328 -5.77 -24.13 -57.19
C THR D 328 -5.52 -23.30 -55.93
N THR D 329 -4.30 -23.38 -55.39
CA THR D 329 -3.93 -22.62 -54.20
C THR D 329 -2.74 -21.71 -54.49
N VAL D 330 -2.72 -20.54 -53.85
CA VAL D 330 -1.60 -19.61 -53.97
C VAL D 330 -1.05 -19.23 -52.61
N GLY D 331 0.21 -18.79 -52.58
CA GLY D 331 0.85 -18.44 -51.33
C GLY D 331 1.84 -17.28 -51.44
N TRP D 332 2.49 -16.96 -50.33
CA TRP D 332 3.48 -15.88 -50.31
C TRP D 332 4.83 -16.34 -50.83
N ASP D 333 4.91 -17.60 -51.24
CA ASP D 333 6.11 -18.14 -51.87
C ASP D 333 6.04 -17.96 -53.38
N HIS D 334 5.07 -17.16 -53.82
CA HIS D 334 4.82 -16.88 -55.23
C HIS D 334 4.55 -18.16 -56.03
N LYS D 335 3.93 -19.13 -55.37
CA LYS D 335 3.56 -20.39 -56.02
C LYS D 335 2.09 -20.43 -56.36
N VAL D 336 1.78 -20.87 -57.58
CA VAL D 336 0.40 -21.11 -57.99
C VAL D 336 0.25 -22.60 -58.30
N LEU D 337 -0.13 -23.37 -57.29
CA LEU D 337 -0.16 -24.83 -57.40
C LEU D 337 -1.57 -25.36 -57.68
N HIS D 338 -1.64 -26.36 -58.54
CA HIS D 338 -2.91 -27.02 -58.85
C HIS D 338 -2.92 -28.41 -58.21
N HIS D 339 -4.09 -28.81 -57.71
CA HIS D 339 -4.20 -30.09 -57.03
C HIS D 339 -5.35 -30.93 -57.61
N HIS D 340 -5.34 -32.22 -57.31
CA HIS D 340 -6.40 -33.12 -57.77
C HIS D 340 -6.83 -34.09 -56.66
N LEU D 341 -8.11 -34.40 -56.62
CA LEU D 341 -8.65 -35.33 -55.65
C LEU D 341 -8.41 -36.78 -56.09
N PRO D 342 -8.15 -37.66 -55.12
CA PRO D 342 -7.92 -39.09 -55.41
C PRO D 342 -9.19 -39.79 -55.88
#